data_2HQV
# 
_entry.id   2HQV 
# 
_audit_conform.dict_name       mmcif_pdbx.dic 
_audit_conform.dict_version    5.397 
_audit_conform.dict_location   http://mmcif.pdb.org/dictionaries/ascii/mmcif_pdbx.dic 
# 
loop_
_database_2.database_id 
_database_2.database_code 
_database_2.pdbx_database_accession 
_database_2.pdbx_DOI 
PDB   2HQV         pdb_00002hqv 10.2210/pdb2hqv/pdb 
RCSB  RCSB038654   ?            ?                   
WWPDB D_1000038654 ?            ?                   
# 
loop_
_pdbx_audit_revision_history.ordinal 
_pdbx_audit_revision_history.data_content_type 
_pdbx_audit_revision_history.major_revision 
_pdbx_audit_revision_history.minor_revision 
_pdbx_audit_revision_history.revision_date 
1 'Structure model' 1 0 2006-09-19 
2 'Structure model' 1 1 2008-05-01 
3 'Structure model' 1 2 2011-07-13 
4 'Structure model' 1 3 2024-10-30 
# 
_pdbx_audit_revision_details.ordinal             1 
_pdbx_audit_revision_details.revision_ordinal    1 
_pdbx_audit_revision_details.data_content_type   'Structure model' 
_pdbx_audit_revision_details.provider            repository 
_pdbx_audit_revision_details.type                'Initial release' 
_pdbx_audit_revision_details.description         ? 
_pdbx_audit_revision_details.details             ? 
# 
loop_
_pdbx_audit_revision_group.ordinal 
_pdbx_audit_revision_group.revision_ordinal 
_pdbx_audit_revision_group.data_content_type 
_pdbx_audit_revision_group.group 
1 2 'Structure model' 'Version format compliance' 
2 3 'Structure model' 'Version format compliance' 
3 4 'Structure model' 'Data collection'           
4 4 'Structure model' 'Database references'       
5 4 'Structure model' 'Derived calculations'      
6 4 'Structure model' 'Structure summary'         
# 
loop_
_pdbx_audit_revision_category.ordinal 
_pdbx_audit_revision_category.revision_ordinal 
_pdbx_audit_revision_category.data_content_type 
_pdbx_audit_revision_category.category 
1 4 'Structure model' chem_comp_atom            
2 4 'Structure model' chem_comp_bond            
3 4 'Structure model' database_2                
4 4 'Structure model' pdbx_entry_details        
5 4 'Structure model' pdbx_modification_feature 
6 4 'Structure model' struct_conn               
7 4 'Structure model' struct_ref_seq_dif        
# 
loop_
_pdbx_audit_revision_item.ordinal 
_pdbx_audit_revision_item.revision_ordinal 
_pdbx_audit_revision_item.data_content_type 
_pdbx_audit_revision_item.item 
1 4 'Structure model' '_database_2.pdbx_DOI'                
2 4 'Structure model' '_database_2.pdbx_database_accession' 
3 4 'Structure model' '_struct_conn.pdbx_leaving_atom_flag' 
4 4 'Structure model' '_struct_ref_seq_dif.details'         
# 
_pdbx_database_status.status_code                     REL 
_pdbx_database_status.entry_id                        2HQV 
_pdbx_database_status.recvd_initial_deposition_date   2006-07-19 
_pdbx_database_status.deposit_site                    RCSB 
_pdbx_database_status.process_site                    RCSB 
_pdbx_database_status.status_code_sf                  REL 
_pdbx_database_status.status_code_mr                  ? 
_pdbx_database_status.SG_entry                        Y 
_pdbx_database_status.pdb_format_compatible           Y 
_pdbx_database_status.status_code_cs                  ? 
_pdbx_database_status.status_code_nmr_data            ? 
_pdbx_database_status.methods_development_category    ? 
# 
_pdbx_database_related.db_name        TargetDB 
_pdbx_database_related.db_id          AtR92 
_pdbx_database_related.details        . 
_pdbx_database_related.content_type   unspecified 
# 
loop_
_audit_author.name 
_audit_author.pdbx_ordinal 
'Vorobiev, S.M.'                                  1  
'Neely, H.'                                       2  
'Seetharaman, J.'                                 3  
'Zhao, L.'                                        4  
'Cunningham, K.'                                  5  
'Ma, L.C.'                                        6  
'Fang, Y.'                                        7  
'Xiao, R.'                                        8  
'Acton, T.'                                       9  
'Montelione, T.G.'                                10 
'Hunt, J.F.'                                      11 
'Tong, L.'                                        12 
'Northeast Structural Genomics Consortium (NESG)' 13 
# 
_citation.id                        primary 
_citation.title                     'Crystal structure of AGR_C_4470p from Agrobacterium tumefaciens.' 
_citation.journal_abbrev            'Protein Sci.' 
_citation.journal_volume            16 
_citation.page_first                535 
_citation.page_last                 538 
_citation.year                      2007 
_citation.journal_id_ASTM           PRCIEI 
_citation.country                   US 
_citation.journal_id_ISSN           0961-8368 
_citation.journal_id_CSD            0795 
_citation.book_publisher            ? 
_citation.pdbx_database_id_PubMed   17322535 
_citation.pdbx_database_id_DOI      10.1110/ps.062663307 
# 
loop_
_citation_author.citation_id 
_citation_author.name 
_citation_author.ordinal 
_citation_author.identifier_ORCID 
primary 'Vorobiev, S.M.'   1 ? 
primary 'Neely, H.'        2 ? 
primary 'Seetharaman, J.'  3 ? 
primary 'Ma, L.C.'         4 ? 
primary 'Xiao, R.'         5 ? 
primary 'Acton, T.B.'      6 ? 
primary 'Montelione, G.T.' 7 ? 
primary 'Tong, L.'         8 ? 
# 
loop_
_entity.id 
_entity.type 
_entity.src_method 
_entity.pdbx_description 
_entity.formula_weight 
_entity.pdbx_number_of_molecules 
_entity.pdbx_ec 
_entity.pdbx_mutation 
_entity.pdbx_fragment 
_entity.details 
1 polymer man AGR_C_4470p 21620.748 1  ? 'C-tag: LEHHHHHH' ? ? 
2 water   nat water       18.015    67 ? ?                 ? ? 
# 
_entity_poly.entity_id                      1 
_entity_poly.type                           'polypeptide(L)' 
_entity_poly.nstd_linkage                   no 
_entity_poly.nstd_monomer                   yes 
_entity_poly.pdbx_seq_one_letter_code       
;MANAIRLPPEAYP(MSE)SIAAQKNDDDRQARALAALAEKPDGIVEAIAAKAEVAPAEILAILPQGAAVSAPADRFDAIW
NE(MSE)RGWGEIL(MSE)IVQTGDIVLEVPGHLPEGTESHGWFNIHGDSPIGGHIKKDNCAAITFVDRGFHGRRSCSVW
F(MSE)NAAGGA(MSE)FKIFVRRDENKELLAGQLAKFEELRDGFRGLEHHHHHH
;
_entity_poly.pdbx_seq_one_letter_code_can   
;MANAIRLPPEAYPMSIAAQKNDDDRQARALAALAEKPDGIVEAIAAKAEVAPAEILAILPQGAAVSAPADRFDAIWNEMR
GWGEILMIVQTGDIVLEVPGHLPEGTESHGWFNIHGDSPIGGHIKKDNCAAITFVDRGFHGRRSCSVWFMNAAGGAMFKI
FVRRDENKELLAGQLAKFEELRDGFRGLEHHHHHH
;
_entity_poly.pdbx_strand_id                 A 
_entity_poly.pdbx_target_identifier         AtR92 
# 
_pdbx_entity_nonpoly.entity_id   2 
_pdbx_entity_nonpoly.name        water 
_pdbx_entity_nonpoly.comp_id     HOH 
# 
loop_
_entity_poly_seq.entity_id 
_entity_poly_seq.num 
_entity_poly_seq.mon_id 
_entity_poly_seq.hetero 
1 1   MET n 
1 2   ALA n 
1 3   ASN n 
1 4   ALA n 
1 5   ILE n 
1 6   ARG n 
1 7   LEU n 
1 8   PRO n 
1 9   PRO n 
1 10  GLU n 
1 11  ALA n 
1 12  TYR n 
1 13  PRO n 
1 14  MSE n 
1 15  SER n 
1 16  ILE n 
1 17  ALA n 
1 18  ALA n 
1 19  GLN n 
1 20  LYS n 
1 21  ASN n 
1 22  ASP n 
1 23  ASP n 
1 24  ASP n 
1 25  ARG n 
1 26  GLN n 
1 27  ALA n 
1 28  ARG n 
1 29  ALA n 
1 30  LEU n 
1 31  ALA n 
1 32  ALA n 
1 33  LEU n 
1 34  ALA n 
1 35  GLU n 
1 36  LYS n 
1 37  PRO n 
1 38  ASP n 
1 39  GLY n 
1 40  ILE n 
1 41  VAL n 
1 42  GLU n 
1 43  ALA n 
1 44  ILE n 
1 45  ALA n 
1 46  ALA n 
1 47  LYS n 
1 48  ALA n 
1 49  GLU n 
1 50  VAL n 
1 51  ALA n 
1 52  PRO n 
1 53  ALA n 
1 54  GLU n 
1 55  ILE n 
1 56  LEU n 
1 57  ALA n 
1 58  ILE n 
1 59  LEU n 
1 60  PRO n 
1 61  GLN n 
1 62  GLY n 
1 63  ALA n 
1 64  ALA n 
1 65  VAL n 
1 66  SER n 
1 67  ALA n 
1 68  PRO n 
1 69  ALA n 
1 70  ASP n 
1 71  ARG n 
1 72  PHE n 
1 73  ASP n 
1 74  ALA n 
1 75  ILE n 
1 76  TRP n 
1 77  ASN n 
1 78  GLU n 
1 79  MSE n 
1 80  ARG n 
1 81  GLY n 
1 82  TRP n 
1 83  GLY n 
1 84  GLU n 
1 85  ILE n 
1 86  LEU n 
1 87  MSE n 
1 88  ILE n 
1 89  VAL n 
1 90  GLN n 
1 91  THR n 
1 92  GLY n 
1 93  ASP n 
1 94  ILE n 
1 95  VAL n 
1 96  LEU n 
1 97  GLU n 
1 98  VAL n 
1 99  PRO n 
1 100 GLY n 
1 101 HIS n 
1 102 LEU n 
1 103 PRO n 
1 104 GLU n 
1 105 GLY n 
1 106 THR n 
1 107 GLU n 
1 108 SER n 
1 109 HIS n 
1 110 GLY n 
1 111 TRP n 
1 112 PHE n 
1 113 ASN n 
1 114 ILE n 
1 115 HIS n 
1 116 GLY n 
1 117 ASP n 
1 118 SER n 
1 119 PRO n 
1 120 ILE n 
1 121 GLY n 
1 122 GLY n 
1 123 HIS n 
1 124 ILE n 
1 125 LYS n 
1 126 LYS n 
1 127 ASP n 
1 128 ASN n 
1 129 CYS n 
1 130 ALA n 
1 131 ALA n 
1 132 ILE n 
1 133 THR n 
1 134 PHE n 
1 135 VAL n 
1 136 ASP n 
1 137 ARG n 
1 138 GLY n 
1 139 PHE n 
1 140 HIS n 
1 141 GLY n 
1 142 ARG n 
1 143 ARG n 
1 144 SER n 
1 145 CYS n 
1 146 SER n 
1 147 VAL n 
1 148 TRP n 
1 149 PHE n 
1 150 MSE n 
1 151 ASN n 
1 152 ALA n 
1 153 ALA n 
1 154 GLY n 
1 155 GLY n 
1 156 ALA n 
1 157 MSE n 
1 158 PHE n 
1 159 LYS n 
1 160 ILE n 
1 161 PHE n 
1 162 VAL n 
1 163 ARG n 
1 164 ARG n 
1 165 ASP n 
1 166 GLU n 
1 167 ASN n 
1 168 LYS n 
1 169 GLU n 
1 170 LEU n 
1 171 LEU n 
1 172 ALA n 
1 173 GLY n 
1 174 GLN n 
1 175 LEU n 
1 176 ALA n 
1 177 LYS n 
1 178 PHE n 
1 179 GLU n 
1 180 GLU n 
1 181 LEU n 
1 182 ARG n 
1 183 ASP n 
1 184 GLY n 
1 185 PHE n 
1 186 ARG n 
1 187 GLY n 
1 188 LEU n 
1 189 GLU n 
1 190 HIS n 
1 191 HIS n 
1 192 HIS n 
1 193 HIS n 
1 194 HIS n 
1 195 HIS n 
# 
_entity_src_gen.entity_id                          1 
_entity_src_gen.pdbx_src_id                        1 
_entity_src_gen.pdbx_alt_source_flag               sample 
_entity_src_gen.pdbx_seq_type                      ? 
_entity_src_gen.pdbx_beg_seq_num                   ? 
_entity_src_gen.pdbx_end_seq_num                   ? 
_entity_src_gen.gene_src_common_name               ? 
_entity_src_gen.gene_src_genus                     Agrobacterium 
_entity_src_gen.pdbx_gene_src_gene                 AGR_C_4470 
_entity_src_gen.gene_src_species                   'Agrobacterium tumefaciens' 
_entity_src_gen.gene_src_strain                    'C58-ATCC 33970' 
_entity_src_gen.gene_src_tissue                    ? 
_entity_src_gen.gene_src_tissue_fraction           ? 
_entity_src_gen.gene_src_details                   ? 
_entity_src_gen.pdbx_gene_src_fragment             ? 
_entity_src_gen.pdbx_gene_src_scientific_name      'Agrobacterium tumefaciens str. C58' 
_entity_src_gen.pdbx_gene_src_ncbi_taxonomy_id     176299 
_entity_src_gen.pdbx_gene_src_variant              ? 
_entity_src_gen.pdbx_gene_src_cell_line            ? 
_entity_src_gen.pdbx_gene_src_atcc                 ? 
_entity_src_gen.pdbx_gene_src_organ                ? 
_entity_src_gen.pdbx_gene_src_organelle            ? 
_entity_src_gen.pdbx_gene_src_cell                 ? 
_entity_src_gen.pdbx_gene_src_cellular_location    ? 
_entity_src_gen.host_org_common_name               ? 
_entity_src_gen.pdbx_host_org_scientific_name      'Escherichia coli' 
_entity_src_gen.pdbx_host_org_ncbi_taxonomy_id     562 
_entity_src_gen.host_org_genus                     Escherichia 
_entity_src_gen.pdbx_host_org_gene                 ? 
_entity_src_gen.pdbx_host_org_organ                ? 
_entity_src_gen.host_org_species                   ? 
_entity_src_gen.pdbx_host_org_tissue               ? 
_entity_src_gen.pdbx_host_org_tissue_fraction      ? 
_entity_src_gen.pdbx_host_org_strain               'BL21(DE3) + Magic' 
_entity_src_gen.pdbx_host_org_variant              ? 
_entity_src_gen.pdbx_host_org_cell_line            ? 
_entity_src_gen.pdbx_host_org_atcc                 ? 
_entity_src_gen.pdbx_host_org_culture_collection   ? 
_entity_src_gen.pdbx_host_org_cell                 ? 
_entity_src_gen.pdbx_host_org_organelle            ? 
_entity_src_gen.pdbx_host_org_cellular_location    ? 
_entity_src_gen.pdbx_host_org_vector_type          PLASMID 
_entity_src_gen.pdbx_host_org_vector               ? 
_entity_src_gen.host_org_details                   ? 
_entity_src_gen.expression_system_id               ? 
_entity_src_gen.plasmid_name                       pET21 
_entity_src_gen.plasmid_details                    ? 
_entity_src_gen.pdbx_description                   ? 
# 
loop_
_chem_comp.id 
_chem_comp.type 
_chem_comp.mon_nstd_flag 
_chem_comp.name 
_chem_comp.pdbx_synonyms 
_chem_comp.formula 
_chem_comp.formula_weight 
ALA 'L-peptide linking' y ALANINE          ? 'C3 H7 N O2'     89.093  
ARG 'L-peptide linking' y ARGININE         ? 'C6 H15 N4 O2 1' 175.209 
ASN 'L-peptide linking' y ASPARAGINE       ? 'C4 H8 N2 O3'    132.118 
ASP 'L-peptide linking' y 'ASPARTIC ACID'  ? 'C4 H7 N O4'     133.103 
CYS 'L-peptide linking' y CYSTEINE         ? 'C3 H7 N O2 S'   121.158 
GLN 'L-peptide linking' y GLUTAMINE        ? 'C5 H10 N2 O3'   146.144 
GLU 'L-peptide linking' y 'GLUTAMIC ACID'  ? 'C5 H9 N O4'     147.129 
GLY 'peptide linking'   y GLYCINE          ? 'C2 H5 N O2'     75.067  
HIS 'L-peptide linking' y HISTIDINE        ? 'C6 H10 N3 O2 1' 156.162 
HOH non-polymer         . WATER            ? 'H2 O'           18.015  
ILE 'L-peptide linking' y ISOLEUCINE       ? 'C6 H13 N O2'    131.173 
LEU 'L-peptide linking' y LEUCINE          ? 'C6 H13 N O2'    131.173 
LYS 'L-peptide linking' y LYSINE           ? 'C6 H15 N2 O2 1' 147.195 
MET 'L-peptide linking' y METHIONINE       ? 'C5 H11 N O2 S'  149.211 
MSE 'L-peptide linking' n SELENOMETHIONINE ? 'C5 H11 N O2 Se' 196.106 
PHE 'L-peptide linking' y PHENYLALANINE    ? 'C9 H11 N O2'    165.189 
PRO 'L-peptide linking' y PROLINE          ? 'C5 H9 N O2'     115.130 
SER 'L-peptide linking' y SERINE           ? 'C3 H7 N O3'     105.093 
THR 'L-peptide linking' y THREONINE        ? 'C4 H9 N O3'     119.119 
TRP 'L-peptide linking' y TRYPTOPHAN       ? 'C11 H12 N2 O2'  204.225 
TYR 'L-peptide linking' y TYROSINE         ? 'C9 H11 N O3'    181.189 
VAL 'L-peptide linking' y VALINE           ? 'C5 H11 N O2'    117.146 
# 
loop_
_pdbx_poly_seq_scheme.asym_id 
_pdbx_poly_seq_scheme.entity_id 
_pdbx_poly_seq_scheme.seq_id 
_pdbx_poly_seq_scheme.mon_id 
_pdbx_poly_seq_scheme.ndb_seq_num 
_pdbx_poly_seq_scheme.pdb_seq_num 
_pdbx_poly_seq_scheme.auth_seq_num 
_pdbx_poly_seq_scheme.pdb_mon_id 
_pdbx_poly_seq_scheme.auth_mon_id 
_pdbx_poly_seq_scheme.pdb_strand_id 
_pdbx_poly_seq_scheme.pdb_ins_code 
_pdbx_poly_seq_scheme.hetero 
A 1 1   MET 1   1   ?   ?   ?   A . n 
A 1 2   ALA 2   2   ?   ?   ?   A . n 
A 1 3   ASN 3   3   ?   ?   ?   A . n 
A 1 4   ALA 4   4   ?   ?   ?   A . n 
A 1 5   ILE 5   5   ?   ?   ?   A . n 
A 1 6   ARG 6   6   ?   ?   ?   A . n 
A 1 7   LEU 7   7   ?   ?   ?   A . n 
A 1 8   PRO 8   8   ?   ?   ?   A . n 
A 1 9   PRO 9   9   ?   ?   ?   A . n 
A 1 10  GLU 10  10  ?   ?   ?   A . n 
A 1 11  ALA 11  11  11  ALA ALA A . n 
A 1 12  TYR 12  12  12  TYR TYR A . n 
A 1 13  PRO 13  13  13  PRO PRO A . n 
A 1 14  MSE 14  14  14  MSE MSE A . n 
A 1 15  SER 15  15  15  SER SER A . n 
A 1 16  ILE 16  16  16  ILE ILE A . n 
A 1 17  ALA 17  17  17  ALA ALA A . n 
A 1 18  ALA 18  18  18  ALA ALA A . n 
A 1 19  GLN 19  19  19  GLN GLN A . n 
A 1 20  LYS 20  20  20  LYS LYS A . n 
A 1 21  ASN 21  21  21  ASN ASN A . n 
A 1 22  ASP 22  22  22  ASP ASP A . n 
A 1 23  ASP 23  23  23  ASP ASP A . n 
A 1 24  ASP 24  24  24  ASP ASP A . n 
A 1 25  ARG 25  25  25  ARG ALA A . n 
A 1 26  GLN 26  26  26  GLN GLN A . n 
A 1 27  ALA 27  27  27  ALA ALA A . n 
A 1 28  ARG 28  28  28  ARG ARG A . n 
A 1 29  ALA 29  29  29  ALA ALA A . n 
A 1 30  LEU 30  30  30  LEU LEU A . n 
A 1 31  ALA 31  31  31  ALA ALA A . n 
A 1 32  ALA 32  32  32  ALA ALA A . n 
A 1 33  LEU 33  33  33  LEU LEU A . n 
A 1 34  ALA 34  34  34  ALA ALA A . n 
A 1 35  GLU 35  35  35  GLU ALA A . n 
A 1 36  LYS 36  36  36  LYS ALA A . n 
A 1 37  PRO 37  37  37  PRO PRO A . n 
A 1 38  ASP 38  38  ?   ?   ?   A . n 
A 1 39  GLY 39  39  ?   ?   ?   A . n 
A 1 40  ILE 40  40  ?   ?   ?   A . n 
A 1 41  VAL 41  41  ?   ?   ?   A . n 
A 1 42  GLU 42  42  42  GLU ALA A . n 
A 1 43  ALA 43  43  43  ALA ALA A . n 
A 1 44  ILE 44  44  44  ILE ILE A . n 
A 1 45  ALA 45  45  45  ALA ALA A . n 
A 1 46  ALA 46  46  46  ALA ALA A . n 
A 1 47  LYS 47  47  47  LYS ALA A . n 
A 1 48  ALA 48  48  48  ALA ALA A . n 
A 1 49  GLU 49  49  49  GLU ALA A . n 
A 1 50  VAL 50  50  50  VAL ALA A . n 
A 1 51  ALA 51  51  51  ALA ALA A . n 
A 1 52  PRO 52  52  52  PRO PRO A . n 
A 1 53  ALA 53  53  53  ALA ALA A . n 
A 1 54  GLU 54  54  54  GLU GLU A . n 
A 1 55  ILE 55  55  55  ILE ILE A . n 
A 1 56  LEU 56  56  56  LEU LEU A . n 
A 1 57  ALA 57  57  57  ALA ALA A . n 
A 1 58  ILE 58  58  58  ILE ILE A . n 
A 1 59  LEU 59  59  59  LEU LEU A . n 
A 1 60  PRO 60  60  60  PRO PRO A . n 
A 1 61  GLN 61  61  61  GLN GLN A . n 
A 1 62  GLY 62  62  62  GLY GLY A . n 
A 1 63  ALA 63  63  63  ALA ALA A . n 
A 1 64  ALA 64  64  64  ALA ALA A . n 
A 1 65  VAL 65  65  65  VAL VAL A . n 
A 1 66  SER 66  66  66  SER SER A . n 
A 1 67  ALA 67  67  67  ALA ALA A . n 
A 1 68  PRO 68  68  68  PRO PRO A . n 
A 1 69  ALA 69  69  69  ALA ALA A . n 
A 1 70  ASP 70  70  70  ASP ASP A . n 
A 1 71  ARG 71  71  71  ARG ARG A . n 
A 1 72  PHE 72  72  72  PHE PHE A . n 
A 1 73  ASP 73  73  73  ASP ASP A . n 
A 1 74  ALA 74  74  74  ALA ALA A . n 
A 1 75  ILE 75  75  75  ILE ILE A . n 
A 1 76  TRP 76  76  76  TRP TRP A . n 
A 1 77  ASN 77  77  77  ASN ASN A . n 
A 1 78  GLU 78  78  78  GLU GLU A . n 
A 1 79  MSE 79  79  79  MSE MSE A . n 
A 1 80  ARG 80  80  80  ARG ARG A . n 
A 1 81  GLY 81  81  81  GLY GLY A . n 
A 1 82  TRP 82  82  82  TRP TRP A . n 
A 1 83  GLY 83  83  83  GLY GLY A . n 
A 1 84  GLU 84  84  84  GLU GLU A . n 
A 1 85  ILE 85  85  85  ILE ILE A . n 
A 1 86  LEU 86  86  86  LEU LEU A . n 
A 1 87  MSE 87  87  87  MSE MSE A . n 
A 1 88  ILE 88  88  88  ILE ILE A . n 
A 1 89  VAL 89  89  89  VAL VAL A . n 
A 1 90  GLN 90  90  90  GLN GLN A . n 
A 1 91  THR 91  91  91  THR THR A . n 
A 1 92  GLY 92  92  92  GLY GLY A . n 
A 1 93  ASP 93  93  93  ASP ASP A . n 
A 1 94  ILE 94  94  94  ILE ILE A . n 
A 1 95  VAL 95  95  95  VAL VAL A . n 
A 1 96  LEU 96  96  96  LEU LEU A . n 
A 1 97  GLU 97  97  97  GLU GLU A . n 
A 1 98  VAL 98  98  98  VAL VAL A . n 
A 1 99  PRO 99  99  99  PRO PRO A . n 
A 1 100 GLY 100 100 100 GLY GLY A . n 
A 1 101 HIS 101 101 101 HIS HIS A . n 
A 1 102 LEU 102 102 102 LEU LEU A . n 
A 1 103 PRO 103 103 103 PRO PRO A . n 
A 1 104 GLU 104 104 104 GLU GLU A . n 
A 1 105 GLY 105 105 105 GLY GLY A . n 
A 1 106 THR 106 106 106 THR THR A . n 
A 1 107 GLU 107 107 107 GLU GLU A . n 
A 1 108 SER 108 108 108 SER SER A . n 
A 1 109 HIS 109 109 109 HIS HIS A . n 
A 1 110 GLY 110 110 110 GLY GLY A . n 
A 1 111 TRP 111 111 111 TRP TRP A . n 
A 1 112 PHE 112 112 112 PHE PHE A . n 
A 1 113 ASN 113 113 113 ASN ASN A . n 
A 1 114 ILE 114 114 114 ILE ILE A . n 
A 1 115 HIS 115 115 115 HIS HIS A . n 
A 1 116 GLY 116 116 116 GLY GLY A . n 
A 1 117 ASP 117 117 117 ASP ASP A . n 
A 1 118 SER 118 118 118 SER SER A . n 
A 1 119 PRO 119 119 119 PRO PRO A . n 
A 1 120 ILE 120 120 120 ILE ILE A . n 
A 1 121 GLY 121 121 121 GLY GLY A . n 
A 1 122 GLY 122 122 122 GLY GLY A . n 
A 1 123 HIS 123 123 123 HIS HIS A . n 
A 1 124 ILE 124 124 124 ILE ILE A . n 
A 1 125 LYS 125 125 125 LYS LYS A . n 
A 1 126 LYS 126 126 126 LYS LYS A . n 
A 1 127 ASP 127 127 127 ASP ASP A . n 
A 1 128 ASN 128 128 128 ASN ASN A . n 
A 1 129 CYS 129 129 129 CYS CYS A . n 
A 1 130 ALA 130 130 130 ALA ALA A . n 
A 1 131 ALA 131 131 131 ALA ALA A . n 
A 1 132 ILE 132 132 132 ILE ILE A . n 
A 1 133 THR 133 133 133 THR THR A . n 
A 1 134 PHE 134 134 134 PHE PHE A . n 
A 1 135 VAL 135 135 135 VAL VAL A . n 
A 1 136 ASP 136 136 136 ASP ASP A . n 
A 1 137 ARG 137 137 137 ARG ARG A . n 
A 1 138 GLY 138 138 138 GLY GLY A . n 
A 1 139 PHE 139 139 139 PHE ALA A . n 
A 1 140 HIS 140 140 140 HIS HIS A . n 
A 1 141 GLY 141 141 141 GLY GLY A . n 
A 1 142 ARG 142 142 142 ARG ALA A . n 
A 1 143 ARG 143 143 143 ARG ARG A . n 
A 1 144 SER 144 144 144 SER SER A . n 
A 1 145 CYS 145 145 145 CYS CYS A . n 
A 1 146 SER 146 146 146 SER SER A . n 
A 1 147 VAL 147 147 147 VAL VAL A . n 
A 1 148 TRP 148 148 148 TRP TRP A . n 
A 1 149 PHE 149 149 149 PHE PHE A . n 
A 1 150 MSE 150 150 150 MSE MSE A . n 
A 1 151 ASN 151 151 151 ASN ASN A . n 
A 1 152 ALA 152 152 152 ALA ALA A . n 
A 1 153 ALA 153 153 153 ALA ALA A . n 
A 1 154 GLY 154 154 154 GLY GLY A . n 
A 1 155 GLY 155 155 155 GLY GLY A . n 
A 1 156 ALA 156 156 156 ALA ALA A . n 
A 1 157 MSE 157 157 157 MSE MSE A . n 
A 1 158 PHE 158 158 158 PHE PHE A . n 
A 1 159 LYS 159 159 159 LYS LYS A . n 
A 1 160 ILE 160 160 160 ILE ILE A . n 
A 1 161 PHE 161 161 161 PHE PHE A . n 
A 1 162 VAL 162 162 162 VAL VAL A . n 
A 1 163 ARG 163 163 163 ARG ARG A . n 
A 1 164 ARG 164 164 164 ARG ARG A . n 
A 1 165 ASP 165 165 165 ASP ASP A . n 
A 1 166 GLU 166 166 166 GLU ALA A . n 
A 1 167 ASN 167 167 167 ASN ASN A . n 
A 1 168 LYS 168 168 168 LYS ALA A . n 
A 1 169 GLU 169 169 169 GLU GLU A . n 
A 1 170 LEU 170 170 170 LEU LEU A . n 
A 1 171 LEU 171 171 171 LEU LEU A . n 
A 1 172 ALA 172 172 172 ALA ALA A . n 
A 1 173 GLY 173 173 173 GLY GLY A . n 
A 1 174 GLN 174 174 174 GLN GLN A . n 
A 1 175 LEU 175 175 175 LEU LEU A . n 
A 1 176 ALA 176 176 176 ALA ALA A . n 
A 1 177 LYS 177 177 177 LYS LYS A . n 
A 1 178 PHE 178 178 178 PHE PHE A . n 
A 1 179 GLU 179 179 179 GLU GLU A . n 
A 1 180 GLU 180 180 180 GLU GLU A . n 
A 1 181 LEU 181 181 181 LEU LEU A . n 
A 1 182 ARG 182 182 182 ARG ARG A . n 
A 1 183 ASP 183 183 183 ASP ASP A . n 
A 1 184 GLY 184 184 184 GLY GLY A . n 
A 1 185 PHE 185 185 185 PHE PHE A . n 
A 1 186 ARG 186 186 186 ARG ALA A . n 
A 1 187 GLY 187 187 ?   ?   ?   A . n 
A 1 188 LEU 188 188 ?   ?   ?   A . n 
A 1 189 GLU 189 189 ?   ?   ?   A . n 
A 1 190 HIS 190 190 ?   ?   ?   A . n 
A 1 191 HIS 191 191 ?   ?   ?   A . n 
A 1 192 HIS 192 192 ?   ?   ?   A . n 
A 1 193 HIS 193 193 ?   ?   ?   A . n 
A 1 194 HIS 194 194 ?   ?   ?   A . n 
A 1 195 HIS 195 195 ?   ?   ?   A . n 
# 
loop_
_pdbx_nonpoly_scheme.asym_id 
_pdbx_nonpoly_scheme.entity_id 
_pdbx_nonpoly_scheme.mon_id 
_pdbx_nonpoly_scheme.ndb_seq_num 
_pdbx_nonpoly_scheme.pdb_seq_num 
_pdbx_nonpoly_scheme.auth_seq_num 
_pdbx_nonpoly_scheme.pdb_mon_id 
_pdbx_nonpoly_scheme.auth_mon_id 
_pdbx_nonpoly_scheme.pdb_strand_id 
_pdbx_nonpoly_scheme.pdb_ins_code 
B 2 HOH 1  201 201 HOH WAT A . 
B 2 HOH 2  202 202 HOH WAT A . 
B 2 HOH 3  203 203 HOH WAT A . 
B 2 HOH 4  204 204 HOH WAT A . 
B 2 HOH 5  205 205 HOH WAT A . 
B 2 HOH 6  206 206 HOH WAT A . 
B 2 HOH 7  207 207 HOH WAT A . 
B 2 HOH 8  208 208 HOH WAT A . 
B 2 HOH 9  209 209 HOH WAT A . 
B 2 HOH 10 210 210 HOH WAT A . 
B 2 HOH 11 211 211 HOH WAT A . 
B 2 HOH 12 212 212 HOH WAT A . 
B 2 HOH 13 213 213 HOH WAT A . 
B 2 HOH 14 214 214 HOH WAT A . 
B 2 HOH 15 215 215 HOH WAT A . 
B 2 HOH 16 216 216 HOH WAT A . 
B 2 HOH 17 217 217 HOH WAT A . 
B 2 HOH 18 218 218 HOH WAT A . 
B 2 HOH 19 219 219 HOH WAT A . 
B 2 HOH 20 220 220 HOH WAT A . 
B 2 HOH 21 221 221 HOH WAT A . 
B 2 HOH 22 222 222 HOH WAT A . 
B 2 HOH 23 223 223 HOH WAT A . 
B 2 HOH 24 224 224 HOH WAT A . 
B 2 HOH 25 225 225 HOH WAT A . 
B 2 HOH 26 226 226 HOH WAT A . 
B 2 HOH 27 227 227 HOH WAT A . 
B 2 HOH 28 228 228 HOH WAT A . 
B 2 HOH 29 229 229 HOH WAT A . 
B 2 HOH 30 230 230 HOH WAT A . 
B 2 HOH 31 231 231 HOH WAT A . 
B 2 HOH 32 232 232 HOH WAT A . 
B 2 HOH 33 233 233 HOH WAT A . 
B 2 HOH 34 234 234 HOH WAT A . 
B 2 HOH 35 236 236 HOH WAT A . 
B 2 HOH 36 237 237 HOH WAT A . 
B 2 HOH 37 238 238 HOH WAT A . 
B 2 HOH 38 239 239 HOH WAT A . 
B 2 HOH 39 240 240 HOH WAT A . 
B 2 HOH 40 241 241 HOH WAT A . 
B 2 HOH 41 242 242 HOH WAT A . 
B 2 HOH 42 243 243 HOH WAT A . 
B 2 HOH 43 244 244 HOH WAT A . 
B 2 HOH 44 245 245 HOH WAT A . 
B 2 HOH 45 246 246 HOH WAT A . 
B 2 HOH 46 247 247 HOH WAT A . 
B 2 HOH 47 248 248 HOH WAT A . 
B 2 HOH 48 249 249 HOH WAT A . 
B 2 HOH 49 250 250 HOH WAT A . 
B 2 HOH 50 251 251 HOH WAT A . 
B 2 HOH 51 252 252 HOH WAT A . 
B 2 HOH 52 253 253 HOH WAT A . 
B 2 HOH 53 254 254 HOH WAT A . 
B 2 HOH 54 255 255 HOH WAT A . 
B 2 HOH 55 256 256 HOH WAT A . 
B 2 HOH 56 257 257 HOH WAT A . 
B 2 HOH 57 258 258 HOH WAT A . 
B 2 HOH 58 259 259 HOH WAT A . 
B 2 HOH 59 260 260 HOH WAT A . 
B 2 HOH 60 261 261 HOH WAT A . 
B 2 HOH 61 262 262 HOH WAT A . 
B 2 HOH 62 263 263 HOH WAT A . 
B 2 HOH 63 264 264 HOH WAT A . 
B 2 HOH 64 265 265 HOH WAT A . 
B 2 HOH 65 266 266 HOH WAT A . 
B 2 HOH 66 269 269 HOH WAT A . 
B 2 HOH 67 270 270 HOH WAT A . 
# 
loop_
_pdbx_unobs_or_zero_occ_atoms.id 
_pdbx_unobs_or_zero_occ_atoms.PDB_model_num 
_pdbx_unobs_or_zero_occ_atoms.polymer_flag 
_pdbx_unobs_or_zero_occ_atoms.occupancy_flag 
_pdbx_unobs_or_zero_occ_atoms.auth_asym_id 
_pdbx_unobs_or_zero_occ_atoms.auth_comp_id 
_pdbx_unobs_or_zero_occ_atoms.auth_seq_id 
_pdbx_unobs_or_zero_occ_atoms.PDB_ins_code 
_pdbx_unobs_or_zero_occ_atoms.auth_atom_id 
_pdbx_unobs_or_zero_occ_atoms.label_alt_id 
_pdbx_unobs_or_zero_occ_atoms.label_asym_id 
_pdbx_unobs_or_zero_occ_atoms.label_comp_id 
_pdbx_unobs_or_zero_occ_atoms.label_seq_id 
_pdbx_unobs_or_zero_occ_atoms.label_atom_id 
1  1 Y 1 A ARG 25  ? CG  ? A ARG 25  CG  
2  1 Y 1 A ARG 25  ? CD  ? A ARG 25  CD  
3  1 Y 1 A ARG 25  ? NE  ? A ARG 25  NE  
4  1 Y 1 A ARG 25  ? CZ  ? A ARG 25  CZ  
5  1 Y 1 A ARG 25  ? NH1 ? A ARG 25  NH1 
6  1 Y 1 A ARG 25  ? NH2 ? A ARG 25  NH2 
7  1 Y 1 A GLU 35  ? CG  ? A GLU 35  CG  
8  1 Y 1 A GLU 35  ? CD  ? A GLU 35  CD  
9  1 Y 1 A GLU 35  ? OE1 ? A GLU 35  OE1 
10 1 Y 1 A GLU 35  ? OE2 ? A GLU 35  OE2 
11 1 Y 1 A LYS 36  ? CG  ? A LYS 36  CG  
12 1 Y 1 A LYS 36  ? CD  ? A LYS 36  CD  
13 1 Y 1 A LYS 36  ? CE  ? A LYS 36  CE  
14 1 Y 1 A LYS 36  ? NZ  ? A LYS 36  NZ  
15 1 Y 1 A GLU 42  ? CG  ? A GLU 42  CG  
16 1 Y 1 A GLU 42  ? CD  ? A GLU 42  CD  
17 1 Y 1 A GLU 42  ? OE1 ? A GLU 42  OE1 
18 1 Y 1 A GLU 42  ? OE2 ? A GLU 42  OE2 
19 1 Y 1 A LYS 47  ? CG  ? A LYS 47  CG  
20 1 Y 1 A LYS 47  ? CD  ? A LYS 47  CD  
21 1 Y 1 A LYS 47  ? CE  ? A LYS 47  CE  
22 1 Y 1 A LYS 47  ? NZ  ? A LYS 47  NZ  
23 1 Y 1 A GLU 49  ? CG  ? A GLU 49  CG  
24 1 Y 1 A GLU 49  ? CD  ? A GLU 49  CD  
25 1 Y 1 A GLU 49  ? OE1 ? A GLU 49  OE1 
26 1 Y 1 A GLU 49  ? OE2 ? A GLU 49  OE2 
27 1 Y 1 A VAL 50  ? CG1 ? A VAL 50  CG1 
28 1 Y 1 A VAL 50  ? CG2 ? A VAL 50  CG2 
29 1 Y 1 A PHE 139 ? CG  ? A PHE 139 CG  
30 1 Y 1 A PHE 139 ? CD1 ? A PHE 139 CD1 
31 1 Y 1 A PHE 139 ? CD2 ? A PHE 139 CD2 
32 1 Y 1 A PHE 139 ? CE1 ? A PHE 139 CE1 
33 1 Y 1 A PHE 139 ? CE2 ? A PHE 139 CE2 
34 1 Y 1 A PHE 139 ? CZ  ? A PHE 139 CZ  
35 1 Y 1 A ARG 142 ? CG  ? A ARG 142 CG  
36 1 Y 1 A ARG 142 ? CD  ? A ARG 142 CD  
37 1 Y 1 A ARG 142 ? NE  ? A ARG 142 NE  
38 1 Y 1 A ARG 142 ? CZ  ? A ARG 142 CZ  
39 1 Y 1 A ARG 142 ? NH1 ? A ARG 142 NH1 
40 1 Y 1 A ARG 142 ? NH2 ? A ARG 142 NH2 
41 1 Y 1 A GLU 166 ? CG  ? A GLU 166 CG  
42 1 Y 1 A GLU 166 ? CD  ? A GLU 166 CD  
43 1 Y 1 A GLU 166 ? OE1 ? A GLU 166 OE1 
44 1 Y 1 A GLU 166 ? OE2 ? A GLU 166 OE2 
45 1 Y 1 A LYS 168 ? CG  ? A LYS 168 CG  
46 1 Y 1 A LYS 168 ? CD  ? A LYS 168 CD  
47 1 Y 1 A LYS 168 ? CE  ? A LYS 168 CE  
48 1 Y 1 A LYS 168 ? NZ  ? A LYS 168 NZ  
49 1 Y 1 A ARG 186 ? CG  ? A ARG 186 CG  
50 1 Y 1 A ARG 186 ? CD  ? A ARG 186 CD  
51 1 Y 1 A ARG 186 ? NE  ? A ARG 186 NE  
52 1 Y 1 A ARG 186 ? CZ  ? A ARG 186 CZ  
53 1 Y 1 A ARG 186 ? NH1 ? A ARG 186 NH1 
54 1 Y 1 A ARG 186 ? NH2 ? A ARG 186 NH2 
# 
loop_
_software.name 
_software.classification 
_software.version 
_software.citation_id 
_software.pdbx_ordinal 
CNS      refinement       1.1 ? 1 
HKL-2000 'data reduction' .   ? 2 
HKL-2000 'data scaling'   .   ? 3 
SHELXD   phasing          .   ? 4 
SHELXE   'model building' .   ? 5 
# 
_cell.entry_id           2HQV 
_cell.length_a           66.239 
_cell.length_b           72.322 
_cell.length_c           104.726 
_cell.angle_alpha        90.00 
_cell.angle_beta         90.00 
_cell.angle_gamma        90.00 
_cell.Z_PDB              8 
_cell.pdbx_unique_axis   ? 
_cell.length_a_esd       ? 
_cell.length_b_esd       ? 
_cell.length_c_esd       ? 
_cell.angle_alpha_esd    ? 
_cell.angle_beta_esd     ? 
_cell.angle_gamma_esd    ? 
# 
_symmetry.entry_id                         2HQV 
_symmetry.space_group_name_H-M             'I 2 2 2' 
_symmetry.pdbx_full_space_group_name_H-M   ? 
_symmetry.cell_setting                     ? 
_symmetry.Int_Tables_number                23 
_symmetry.space_group_name_Hall            ? 
# 
_exptl.entry_id          2HQV 
_exptl.method            'X-RAY DIFFRACTION' 
_exptl.crystals_number   1 
# 
_exptl_crystal.id                    1 
_exptl_crystal.density_meas          ? 
_exptl_crystal.density_Matthews      2.90 
_exptl_crystal.density_percent_sol   57.57 
_exptl_crystal.description           'THE STRUCTURE FACTOR FILE CONTAINS FRIEDEL PAIRS' 
_exptl_crystal.F_000                 ? 
_exptl_crystal.preparation           ? 
# 
_exptl_crystal_grow.crystal_id      1 
_exptl_crystal_grow.method          'VAPOR DIFFUSION, HANGING DROP' 
_exptl_crystal_grow.temp            291 
_exptl_crystal_grow.temp_details    ? 
_exptl_crystal_grow.pH              6.0 
_exptl_crystal_grow.pdbx_details    
'40% PEG 400, 0.1M Magnesium sulfate, 0.1M MES, pH 6.0, VAPOR DIFFUSION, HANGING DROP, temperature 291K' 
_exptl_crystal_grow.pdbx_pH_range   . 
# 
_diffrn.id                     1 
_diffrn.ambient_temp           100 
_diffrn.ambient_temp_details   ? 
_diffrn.crystal_id             1 
# 
_diffrn_detector.diffrn_id              1 
_diffrn_detector.detector               CCD 
_diffrn_detector.type                   'ADSC QUANTUM 4' 
_diffrn_detector.pdbx_collection_date   2006-07-13 
_diffrn_detector.details                ? 
# 
_diffrn_radiation.diffrn_id                        1 
_diffrn_radiation.wavelength_id                    1 
_diffrn_radiation.pdbx_monochromatic_or_laue_m_l   M 
_diffrn_radiation.monochromator                    ? 
_diffrn_radiation.pdbx_diffrn_protocol             MAD 
_diffrn_radiation.pdbx_scattering_type             x-ray 
# 
loop_
_diffrn_radiation_wavelength.id 
_diffrn_radiation_wavelength.wavelength 
_diffrn_radiation_wavelength.wt 
1 0.97960 1.0 
2 0.97923 1.0 
3 0.97947 1.0 
4 0.96783 1.0 
# 
_diffrn_source.diffrn_id                   1 
_diffrn_source.source                      SYNCHROTRON 
_diffrn_source.type                        'NSLS BEAMLINE X4A' 
_diffrn_source.pdbx_synchrotron_site       NSLS 
_diffrn_source.pdbx_synchrotron_beamline   X4A 
_diffrn_source.pdbx_wavelength             ? 
_diffrn_source.pdbx_wavelength_list        '0.97960, 0.97923, 0.97947, 0.96783' 
# 
_reflns.entry_id                     2HQV 
_reflns.observed_criterion_sigma_I   0.0 
_reflns.observed_criterion_sigma_F   0.0 
_reflns.d_resolution_low             30.0 
_reflns.d_resolution_high            2.0 
_reflns.number_obs                   32911 
_reflns.number_all                   32944 
_reflns.percent_possible_obs         99.9 
_reflns.pdbx_Rmerge_I_obs            0.067 
_reflns.pdbx_Rsym_value              ? 
_reflns.pdbx_netI_over_sigmaI        28.5 
_reflns.B_iso_Wilson_estimate        21.3 
_reflns.pdbx_redundancy              7.5 
_reflns.R_free_details               ? 
_reflns.limit_h_max                  ? 
_reflns.limit_h_min                  ? 
_reflns.limit_k_max                  ? 
_reflns.limit_k_min                  ? 
_reflns.limit_l_max                  ? 
_reflns.limit_l_min                  ? 
_reflns.observed_criterion_F_max     ? 
_reflns.observed_criterion_F_min     ? 
_reflns.pdbx_chi_squared             ? 
_reflns.pdbx_scaling_rejects         ? 
_reflns.pdbx_diffrn_id               1 
_reflns.pdbx_ordinal                 1 
# 
_reflns_shell.d_res_high             2.00 
_reflns_shell.d_res_low              2.07 
_reflns_shell.percent_possible_all   99.9 
_reflns_shell.Rmerge_I_obs           0.544 
_reflns_shell.pdbx_Rsym_value        ? 
_reflns_shell.meanI_over_sigI_obs    3.4 
_reflns_shell.pdbx_redundancy        6.5 
_reflns_shell.percent_possible_obs   ? 
_reflns_shell.number_unique_all      ? 
_reflns_shell.number_measured_all    ? 
_reflns_shell.number_measured_obs    ? 
_reflns_shell.number_unique_obs      ? 
_reflns_shell.pdbx_chi_squared       ? 
_reflns_shell.pdbx_diffrn_id         ? 
_reflns_shell.pdbx_ordinal           1 
# 
_refine.entry_id                                 2HQV 
_refine.ls_number_reflns_obs                     29683 
_refine.ls_number_reflns_all                     31917 
_refine.pdbx_ls_sigma_I                          ? 
_refine.pdbx_ls_sigma_F                          2.0 
_refine.pdbx_data_cutoff_high_absF               109456.86 
_refine.pdbx_data_cutoff_low_absF                0.000000 
_refine.pdbx_data_cutoff_high_rms_absF           ? 
_refine.ls_d_res_low                             29.76 
_refine.ls_d_res_high                            2.00 
_refine.ls_percent_reflns_obs                    90.3 
_refine.ls_R_factor_obs                          0.241 
_refine.ls_R_factor_all                          ? 
_refine.ls_R_factor_R_work                       0.241 
_refine.ls_R_factor_R_free                       0.269 
_refine.ls_R_factor_R_free_error                 0.008 
_refine.ls_R_factor_R_free_error_details         ? 
_refine.ls_percent_reflns_R_free                 4.0 
_refine.ls_number_reflns_R_free                  1201 
_refine.ls_number_parameters                     ? 
_refine.ls_number_restraints                     ? 
_refine.occupancy_min                            ? 
_refine.occupancy_max                            ? 
_refine.correlation_coeff_Fo_to_Fc               ? 
_refine.correlation_coeff_Fo_to_Fc_free          ? 
_refine.B_iso_mean                               42.0 
_refine.aniso_B[1][1]                            -8.28 
_refine.aniso_B[2][2]                            -3.91 
_refine.aniso_B[3][3]                            12.19 
_refine.aniso_B[1][2]                            0.00 
_refine.aniso_B[1][3]                            0.00 
_refine.aniso_B[2][3]                            0.00 
_refine.solvent_model_details                    'FLAT MODEL' 
_refine.solvent_model_param_ksol                 0.368725 
_refine.solvent_model_param_bsol                 55.1963 
_refine.pdbx_solvent_vdw_probe_radii             ? 
_refine.pdbx_solvent_ion_probe_radii             ? 
_refine.pdbx_solvent_shrinkage_radii             ? 
_refine.pdbx_ls_cross_valid_method               THROUGHOUT 
_refine.details                                  'THE FRIEDEL PAIRS WERE USED FOR REFINEMENT' 
_refine.pdbx_starting_model                      ? 
_refine.pdbx_method_to_determine_struct          MAD 
_refine.pdbx_isotropic_thermal_model             RESTRAINED 
_refine.pdbx_stereochemistry_target_values       'Engh & Huber' 
_refine.pdbx_stereochem_target_val_spec_case     ? 
_refine.pdbx_R_Free_selection_details            RANDOM 
_refine.pdbx_overall_ESU_R                       ? 
_refine.pdbx_overall_ESU_R_Free                  ? 
_refine.overall_SU_ML                            ? 
_refine.overall_SU_B                             ? 
_refine.ls_redundancy_reflns_obs                 ? 
_refine.B_iso_min                                ? 
_refine.B_iso_max                                ? 
_refine.overall_SU_R_Cruickshank_DPI             ? 
_refine.overall_SU_R_free                        ? 
_refine.ls_wR_factor_R_free                      ? 
_refine.ls_wR_factor_R_work                      ? 
_refine.overall_FOM_free_R_set                   ? 
_refine.overall_FOM_work_R_set                   ? 
_refine.pdbx_refine_id                           'X-RAY DIFFRACTION' 
_refine.pdbx_diffrn_id                           1 
_refine.pdbx_TLS_residual_ADP_flag               ? 
_refine.pdbx_overall_phase_error                 ? 
_refine.pdbx_overall_SU_R_free_Cruickshank_DPI   ? 
_refine.pdbx_overall_SU_R_Blow_DPI               ? 
_refine.pdbx_overall_SU_R_free_Blow_DPI          ? 
# 
_refine_analyze.entry_id                        2HQV 
_refine_analyze.Luzzati_coordinate_error_obs    0.27 
_refine_analyze.Luzzati_sigma_a_obs             0.08 
_refine_analyze.Luzzati_d_res_low_obs           5.00 
_refine_analyze.Luzzati_coordinate_error_free   0.32 
_refine_analyze.Luzzati_sigma_a_free            ? 
_refine_analyze.Luzzati_d_res_low_free          ? 
_refine_analyze.number_disordered_residues      ? 
_refine_analyze.occupancy_sum_hydrogen          ? 
_refine_analyze.occupancy_sum_non_hydrogen      ? 
_refine_analyze.pdbx_Luzzati_d_res_high_obs     ? 
_refine_analyze.pdbx_refine_id                  'X-RAY DIFFRACTION' 
# 
_refine_hist.pdbx_refine_id                   'X-RAY DIFFRACTION' 
_refine_hist.cycle_id                         LAST 
_refine_hist.pdbx_number_atoms_protein        1266 
_refine_hist.pdbx_number_atoms_nucleic_acid   0 
_refine_hist.pdbx_number_atoms_ligand         0 
_refine_hist.number_atoms_solvent             67 
_refine_hist.number_atoms_total               1333 
_refine_hist.d_res_high                       2.00 
_refine_hist.d_res_low                        29.76 
# 
loop_
_refine_ls_restr.type 
_refine_ls_restr.dev_ideal 
_refine_ls_restr.dev_ideal_target 
_refine_ls_restr.weight 
_refine_ls_restr.number 
_refine_ls_restr.pdbx_refine_id 
_refine_ls_restr.pdbx_restraint_function 
c_bond_d                0.007 ? ? ? 'X-RAY DIFFRACTION' ? 
c_bond_d_na             ?     ? ? ? 'X-RAY DIFFRACTION' ? 
c_bond_d_prot           ?     ? ? ? 'X-RAY DIFFRACTION' ? 
c_angle_d               ?     ? ? ? 'X-RAY DIFFRACTION' ? 
c_angle_d_na            ?     ? ? ? 'X-RAY DIFFRACTION' ? 
c_angle_d_prot          ?     ? ? ? 'X-RAY DIFFRACTION' ? 
c_angle_deg             1.3   ? ? ? 'X-RAY DIFFRACTION' ? 
c_angle_deg_na          ?     ? ? ? 'X-RAY DIFFRACTION' ? 
c_angle_deg_prot        ?     ? ? ? 'X-RAY DIFFRACTION' ? 
c_dihedral_angle_d      23.8  ? ? ? 'X-RAY DIFFRACTION' ? 
c_dihedral_angle_d_na   ?     ? ? ? 'X-RAY DIFFRACTION' ? 
c_dihedral_angle_d_prot ?     ? ? ? 'X-RAY DIFFRACTION' ? 
c_improper_angle_d      0.76  ? ? ? 'X-RAY DIFFRACTION' ? 
c_improper_angle_d_na   ?     ? ? ? 'X-RAY DIFFRACTION' ? 
c_improper_angle_d_prot ?     ? ? ? 'X-RAY DIFFRACTION' ? 
c_mcbond_it             ?     ? ? ? 'X-RAY DIFFRACTION' ? 
c_mcangle_it            ?     ? ? ? 'X-RAY DIFFRACTION' ? 
c_scbond_it             ?     ? ? ? 'X-RAY DIFFRACTION' ? 
c_scangle_it            ?     ? ? ? 'X-RAY DIFFRACTION' ? 
# 
_refine_ls_shell.pdbx_total_number_of_bins_used   6 
_refine_ls_shell.d_res_high                       2.00 
_refine_ls_shell.d_res_low                        2.13 
_refine_ls_shell.number_reflns_R_work             3915 
_refine_ls_shell.R_factor_R_work                  0.241 
_refine_ls_shell.percent_reflns_obs               74.9 
_refine_ls_shell.R_factor_R_free                  0.244 
_refine_ls_shell.R_factor_R_free_error            0.018 
_refine_ls_shell.percent_reflns_R_free            4.3 
_refine_ls_shell.number_reflns_R_free             178 
_refine_ls_shell.number_reflns_all                ? 
_refine_ls_shell.R_factor_all                     ? 
_refine_ls_shell.number_reflns_obs                ? 
_refine_ls_shell.redundancy_reflns_obs            ? 
_refine_ls_shell.pdbx_refine_id                   'X-RAY DIFFRACTION' 
# 
loop_
_pdbx_xplor_file.serial_no 
_pdbx_xplor_file.param_file 
_pdbx_xplor_file.topol_file 
_pdbx_xplor_file.pdbx_refine_id 
1 protein_rep.param protein.top 'X-RAY DIFFRACTION' 
2 water_rep.param   water.top   'X-RAY DIFFRACTION' 
3 ion.param         ion.top     'X-RAY DIFFRACTION' 
# 
_struct.entry_id                  2HQV 
_struct.title                     
;X-ray Crystal Structure of Protein AGR_C_4470 from Agrobacterium tumefaciens. Northeast Structural Genomics Consortium Target AtR92.
;
_struct.pdbx_model_details        ? 
_struct.pdbx_CASP_flag            ? 
_struct.pdbx_model_type_details   ? 
# 
_struct_keywords.entry_id        2HQV 
_struct_keywords.pdbx_keywords   'STRUCTURAL GENOMICS, UNKNOWN FUNCTION' 
_struct_keywords.text            
;NESG, AtR92, AGR_C_4470, Q7CX01_AGRT5, Structural Genomics, PSI-2, Protein Structure Initiative, Northeast Structural Genomics Consortium, UNKNOWN FUNCTION
;
# 
loop_
_struct_asym.id 
_struct_asym.pdbx_blank_PDB_chainid_flag 
_struct_asym.pdbx_modified 
_struct_asym.entity_id 
_struct_asym.details 
A N N 1 ? 
B N N 2 ? 
# 
_struct_ref.id                         1 
_struct_ref.db_name                    UNP 
_struct_ref.db_code                    Q7CX01_AGRT5 
_struct_ref.pdbx_db_accession          Q7CX01 
_struct_ref.entity_id                  1 
_struct_ref.pdbx_seq_one_letter_code   
;MANAIRLPPEAYPMSIAAQKNDDDRQARALAALAEKPDGIVEAIAAKAEVAPAEILAILPQGAAVSAPADRFDAIWNEMR
GWGEILMIVQTGDIVLEVPGHLPEGTESHGWFNIHGDSPIGGHIKKDNCAAITFVDRGFHGRRSCSVWFMNAAGGAMFKI
FVRRDENKELLAGQLAKFEELRDGFRG
;
_struct_ref.pdbx_align_begin           1 
_struct_ref.pdbx_db_isoform            ? 
# 
_struct_ref_seq.align_id                      1 
_struct_ref_seq.ref_id                        1 
_struct_ref_seq.pdbx_PDB_id_code              2HQV 
_struct_ref_seq.pdbx_strand_id                A 
_struct_ref_seq.seq_align_beg                 1 
_struct_ref_seq.pdbx_seq_align_beg_ins_code   ? 
_struct_ref_seq.seq_align_end                 187 
_struct_ref_seq.pdbx_seq_align_end_ins_code   ? 
_struct_ref_seq.pdbx_db_accession             Q7CX01 
_struct_ref_seq.db_align_beg                  1 
_struct_ref_seq.pdbx_db_align_beg_ins_code    ? 
_struct_ref_seq.db_align_end                  187 
_struct_ref_seq.pdbx_db_align_end_ins_code    ? 
_struct_ref_seq.pdbx_auth_seq_align_beg       1 
_struct_ref_seq.pdbx_auth_seq_align_end       187 
# 
loop_
_struct_ref_seq_dif.align_id 
_struct_ref_seq_dif.pdbx_pdb_id_code 
_struct_ref_seq_dif.mon_id 
_struct_ref_seq_dif.pdbx_pdb_strand_id 
_struct_ref_seq_dif.seq_num 
_struct_ref_seq_dif.pdbx_pdb_ins_code 
_struct_ref_seq_dif.pdbx_seq_db_name 
_struct_ref_seq_dif.pdbx_seq_db_accession_code 
_struct_ref_seq_dif.db_mon_id 
_struct_ref_seq_dif.pdbx_seq_db_seq_num 
_struct_ref_seq_dif.details 
_struct_ref_seq_dif.pdbx_auth_seq_num 
_struct_ref_seq_dif.pdbx_ordinal 
1 2HQV MSE A 14  ? UNP Q7CX01 MET 14  'modified residue' 14  1  
1 2HQV MSE A 79  ? UNP Q7CX01 MET 79  'modified residue' 79  2  
1 2HQV MSE A 87  ? UNP Q7CX01 MET 87  'modified residue' 87  3  
1 2HQV MSE A 150 ? UNP Q7CX01 MET 150 'modified residue' 150 4  
1 2HQV MSE A 157 ? UNP Q7CX01 MET 157 'modified residue' 157 5  
1 2HQV LEU A 188 ? UNP Q7CX01 ?   ?   'cloning artifact' 188 6  
1 2HQV GLU A 189 ? UNP Q7CX01 ?   ?   'cloning artifact' 189 7  
1 2HQV HIS A 190 ? UNP Q7CX01 ?   ?   'cloning artifact' 190 8  
1 2HQV HIS A 191 ? UNP Q7CX01 ?   ?   'cloning artifact' 191 9  
1 2HQV HIS A 192 ? UNP Q7CX01 ?   ?   'cloning artifact' 192 10 
1 2HQV HIS A 193 ? UNP Q7CX01 ?   ?   'cloning artifact' 193 11 
1 2HQV HIS A 194 ? UNP Q7CX01 ?   ?   'cloning artifact' 194 12 
1 2HQV HIS A 195 ? UNP Q7CX01 ?   ?   'cloning artifact' 195 13 
# 
_pdbx_struct_assembly.id                   1 
_pdbx_struct_assembly.details              author_defined_assembly 
_pdbx_struct_assembly.method_details       ? 
_pdbx_struct_assembly.oligomeric_details   dimeric 
_pdbx_struct_assembly.oligomeric_count     2 
# 
_pdbx_struct_assembly_gen.assembly_id       1 
_pdbx_struct_assembly_gen.oper_expression   1,2 
_pdbx_struct_assembly_gen.asym_id_list      A,B 
# 
loop_
_pdbx_struct_oper_list.id 
_pdbx_struct_oper_list.type 
_pdbx_struct_oper_list.name 
_pdbx_struct_oper_list.symmetry_operation 
_pdbx_struct_oper_list.matrix[1][1] 
_pdbx_struct_oper_list.matrix[1][2] 
_pdbx_struct_oper_list.matrix[1][3] 
_pdbx_struct_oper_list.vector[1] 
_pdbx_struct_oper_list.matrix[2][1] 
_pdbx_struct_oper_list.matrix[2][2] 
_pdbx_struct_oper_list.matrix[2][3] 
_pdbx_struct_oper_list.vector[2] 
_pdbx_struct_oper_list.matrix[3][1] 
_pdbx_struct_oper_list.matrix[3][2] 
_pdbx_struct_oper_list.matrix[3][3] 
_pdbx_struct_oper_list.vector[3] 
1 'identity operation'         1_555 x,y,z     1.0000000000 0.0000000000 0.0000000000  0.0000000000   0.0000000000 1.0000000000  0.0000000000  0.0000000000  0.0000000000  0.0000000000  1.0000000000  0.0000000000  
2 'crystal symmetry operation' 2_655 -x+1,-y,z 0.5381300419 0.7503402786 -0.3839342709 -12.6847476716 0.7503402786 -0.6339642824 -0.1872932326 24.7584372941 -0.3839342709 -0.1872932326 -0.9041657595 -2.4315066450 
# 
_struct_biol.id                    1 
_struct_biol.details               'Dimer. The second part of the dimer is generated by -X, -Y, Z + (1 0 0) operator.' 
_struct_biol.pdbx_parent_biol_id   ? 
# 
loop_
_struct_conf.conf_type_id 
_struct_conf.id 
_struct_conf.pdbx_PDB_helix_id 
_struct_conf.beg_label_comp_id 
_struct_conf.beg_label_asym_id 
_struct_conf.beg_label_seq_id 
_struct_conf.pdbx_beg_PDB_ins_code 
_struct_conf.end_label_comp_id 
_struct_conf.end_label_asym_id 
_struct_conf.end_label_seq_id 
_struct_conf.pdbx_end_PDB_ins_code 
_struct_conf.beg_auth_comp_id 
_struct_conf.beg_auth_asym_id 
_struct_conf.beg_auth_seq_id 
_struct_conf.end_auth_comp_id 
_struct_conf.end_auth_asym_id 
_struct_conf.end_auth_seq_id 
_struct_conf.pdbx_PDB_helix_class 
_struct_conf.details 
_struct_conf.pdbx_PDB_helix_length 
HELX_P HELX_P1 1 SER A 15  ? LEU A 33  ? SER A 15  LEU A 33  1 ? 19 
HELX_P HELX_P2 2 ALA A 51  ? ALA A 57  ? ALA A 51  ALA A 57  1 ? 7  
HELX_P HELX_P3 3 ARG A 71  ? ARG A 80  ? ARG A 71  ARG A 80  1 ? 10 
HELX_P HELX_P4 4 LYS A 125 ? ASP A 127 ? LYS A 125 ASP A 127 5 ? 3  
HELX_P HELX_P5 5 LEU A 171 ? ARG A 186 ? LEU A 171 ARG A 186 1 ? 16 
# 
_struct_conf_type.id          HELX_P 
_struct_conf_type.criteria    ? 
_struct_conf_type.reference   ? 
# 
loop_
_struct_conn.id 
_struct_conn.conn_type_id 
_struct_conn.pdbx_leaving_atom_flag 
_struct_conn.pdbx_PDB_id 
_struct_conn.ptnr1_label_asym_id 
_struct_conn.ptnr1_label_comp_id 
_struct_conn.ptnr1_label_seq_id 
_struct_conn.ptnr1_label_atom_id 
_struct_conn.pdbx_ptnr1_label_alt_id 
_struct_conn.pdbx_ptnr1_PDB_ins_code 
_struct_conn.pdbx_ptnr1_standard_comp_id 
_struct_conn.ptnr1_symmetry 
_struct_conn.ptnr2_label_asym_id 
_struct_conn.ptnr2_label_comp_id 
_struct_conn.ptnr2_label_seq_id 
_struct_conn.ptnr2_label_atom_id 
_struct_conn.pdbx_ptnr2_label_alt_id 
_struct_conn.pdbx_ptnr2_PDB_ins_code 
_struct_conn.ptnr1_auth_asym_id 
_struct_conn.ptnr1_auth_comp_id 
_struct_conn.ptnr1_auth_seq_id 
_struct_conn.ptnr2_auth_asym_id 
_struct_conn.ptnr2_auth_comp_id 
_struct_conn.ptnr2_auth_seq_id 
_struct_conn.ptnr2_symmetry 
_struct_conn.pdbx_ptnr3_label_atom_id 
_struct_conn.pdbx_ptnr3_label_seq_id 
_struct_conn.pdbx_ptnr3_label_comp_id 
_struct_conn.pdbx_ptnr3_label_asym_id 
_struct_conn.pdbx_ptnr3_label_alt_id 
_struct_conn.pdbx_ptnr3_PDB_ins_code 
_struct_conn.details 
_struct_conn.pdbx_dist_value 
_struct_conn.pdbx_value_order 
_struct_conn.pdbx_role 
covale1  covale both ? A PRO 13  C ? ? ? 1_555 A MSE 14  N ? ? A PRO 13  A MSE 14  1_555 ? ? ? ? ? ? ? 1.328 ? ? 
covale2  covale both ? A MSE 14  C ? ? ? 1_555 A SER 15  N ? ? A MSE 14  A SER 15  1_555 ? ? ? ? ? ? ? 1.329 ? ? 
covale3  covale both ? A GLU 78  C ? ? ? 1_555 A MSE 79  N ? ? A GLU 78  A MSE 79  1_555 ? ? ? ? ? ? ? 1.328 ? ? 
covale4  covale both ? A MSE 79  C ? ? ? 1_555 A ARG 80  N ? ? A MSE 79  A ARG 80  1_555 ? ? ? ? ? ? ? 1.329 ? ? 
covale5  covale both ? A LEU 86  C ? ? ? 1_555 A MSE 87  N ? ? A LEU 86  A MSE 87  1_555 ? ? ? ? ? ? ? 1.325 ? ? 
covale6  covale both ? A MSE 87  C ? ? ? 1_555 A ILE 88  N ? ? A MSE 87  A ILE 88  1_555 ? ? ? ? ? ? ? 1.327 ? ? 
covale7  covale both ? A PHE 149 C ? ? ? 1_555 A MSE 150 N ? ? A PHE 149 A MSE 150 1_555 ? ? ? ? ? ? ? 1.331 ? ? 
covale8  covale both ? A MSE 150 C ? ? ? 1_555 A ASN 151 N ? ? A MSE 150 A ASN 151 1_555 ? ? ? ? ? ? ? 1.331 ? ? 
covale9  covale both ? A ALA 156 C ? ? ? 1_555 A MSE 157 N ? ? A ALA 156 A MSE 157 1_555 ? ? ? ? ? ? ? 1.331 ? ? 
covale10 covale both ? A MSE 157 C ? ? ? 1_555 A PHE 158 N ? ? A MSE 157 A PHE 158 1_555 ? ? ? ? ? ? ? 1.327 ? ? 
# 
_struct_conn_type.id          covale 
_struct_conn_type.criteria    ? 
_struct_conn_type.reference   ? 
# 
loop_
_pdbx_modification_feature.ordinal 
_pdbx_modification_feature.label_comp_id 
_pdbx_modification_feature.label_asym_id 
_pdbx_modification_feature.label_seq_id 
_pdbx_modification_feature.label_alt_id 
_pdbx_modification_feature.modified_residue_label_comp_id 
_pdbx_modification_feature.modified_residue_label_asym_id 
_pdbx_modification_feature.modified_residue_label_seq_id 
_pdbx_modification_feature.modified_residue_label_alt_id 
_pdbx_modification_feature.auth_comp_id 
_pdbx_modification_feature.auth_asym_id 
_pdbx_modification_feature.auth_seq_id 
_pdbx_modification_feature.PDB_ins_code 
_pdbx_modification_feature.symmetry 
_pdbx_modification_feature.modified_residue_auth_comp_id 
_pdbx_modification_feature.modified_residue_auth_asym_id 
_pdbx_modification_feature.modified_residue_auth_seq_id 
_pdbx_modification_feature.modified_residue_PDB_ins_code 
_pdbx_modification_feature.modified_residue_symmetry 
_pdbx_modification_feature.comp_id_linking_atom 
_pdbx_modification_feature.modified_residue_id_linking_atom 
_pdbx_modification_feature.modified_residue_id 
_pdbx_modification_feature.ref_pcm_id 
_pdbx_modification_feature.ref_comp_id 
_pdbx_modification_feature.type 
_pdbx_modification_feature.category 
1 MSE A 14  ? . . . . MSE A 14  ? 1_555 . . . . . . . MET 1 MSE Selenomethionine 'Named protein modification' 
2 MSE A 79  ? . . . . MSE A 79  ? 1_555 . . . . . . . MET 1 MSE Selenomethionine 'Named protein modification' 
3 MSE A 87  ? . . . . MSE A 87  ? 1_555 . . . . . . . MET 1 MSE Selenomethionine 'Named protein modification' 
4 MSE A 150 ? . . . . MSE A 150 ? 1_555 . . . . . . . MET 1 MSE Selenomethionine 'Named protein modification' 
5 MSE A 157 ? . . . . MSE A 157 ? 1_555 . . . . . . . MET 1 MSE Selenomethionine 'Named protein modification' 
# 
loop_
_struct_sheet.id 
_struct_sheet.type 
_struct_sheet.number_strands 
_struct_sheet.details 
A ? 6 ? 
B ? 3 ? 
# 
loop_
_struct_sheet_order.sheet_id 
_struct_sheet_order.range_id_1 
_struct_sheet_order.range_id_2 
_struct_sheet_order.offset 
_struct_sheet_order.sense 
A 1 2 ? anti-parallel 
A 2 3 ? anti-parallel 
A 3 4 ? anti-parallel 
A 4 5 ? anti-parallel 
A 5 6 ? anti-parallel 
B 1 2 ? anti-parallel 
B 2 3 ? anti-parallel 
# 
loop_
_struct_sheet_range.sheet_id 
_struct_sheet_range.id 
_struct_sheet_range.beg_label_comp_id 
_struct_sheet_range.beg_label_asym_id 
_struct_sheet_range.beg_label_seq_id 
_struct_sheet_range.pdbx_beg_PDB_ins_code 
_struct_sheet_range.end_label_comp_id 
_struct_sheet_range.end_label_asym_id 
_struct_sheet_range.end_label_seq_id 
_struct_sheet_range.pdbx_end_PDB_ins_code 
_struct_sheet_range.beg_auth_comp_id 
_struct_sheet_range.beg_auth_asym_id 
_struct_sheet_range.beg_auth_seq_id 
_struct_sheet_range.end_auth_comp_id 
_struct_sheet_range.end_auth_asym_id 
_struct_sheet_range.end_auth_seq_id 
A 1 ALA A 64  ? PRO A 68  ? ALA A 64  PRO A 68  
A 2 CYS A 129 ? PHE A 139 ? CYS A 129 PHE A 139 
A 3 ARG A 142 ? ASN A 151 ? ARG A 142 ASN A 151 
A 4 ALA A 156 ? PHE A 161 ? ALA A 156 PHE A 161 
A 5 ILE A 85  ? GLN A 90  ? ILE A 85  GLN A 90  
A 6 VAL A 95  ? GLY A 100 ? VAL A 95  GLY A 100 
B 1 GLY A 105 ? SER A 108 ? GLY A 105 SER A 108 
B 2 TRP A 111 ? ILE A 114 ? TRP A 111 ILE A 114 
B 3 GLY A 122 ? ILE A 124 ? GLY A 122 ILE A 124 
# 
loop_
_pdbx_struct_sheet_hbond.sheet_id 
_pdbx_struct_sheet_hbond.range_id_1 
_pdbx_struct_sheet_hbond.range_id_2 
_pdbx_struct_sheet_hbond.range_1_label_atom_id 
_pdbx_struct_sheet_hbond.range_1_label_comp_id 
_pdbx_struct_sheet_hbond.range_1_label_asym_id 
_pdbx_struct_sheet_hbond.range_1_label_seq_id 
_pdbx_struct_sheet_hbond.range_1_PDB_ins_code 
_pdbx_struct_sheet_hbond.range_1_auth_atom_id 
_pdbx_struct_sheet_hbond.range_1_auth_comp_id 
_pdbx_struct_sheet_hbond.range_1_auth_asym_id 
_pdbx_struct_sheet_hbond.range_1_auth_seq_id 
_pdbx_struct_sheet_hbond.range_2_label_atom_id 
_pdbx_struct_sheet_hbond.range_2_label_comp_id 
_pdbx_struct_sheet_hbond.range_2_label_asym_id 
_pdbx_struct_sheet_hbond.range_2_label_seq_id 
_pdbx_struct_sheet_hbond.range_2_PDB_ins_code 
_pdbx_struct_sheet_hbond.range_2_auth_atom_id 
_pdbx_struct_sheet_hbond.range_2_auth_comp_id 
_pdbx_struct_sheet_hbond.range_2_auth_asym_id 
_pdbx_struct_sheet_hbond.range_2_auth_seq_id 
A 1 2 N VAL A 65  ? N VAL A 65  O PHE A 134 ? O PHE A 134 
A 2 3 N PHE A 139 ? N PHE A 139 O ARG A 142 ? O ARG A 142 
A 3 4 N PHE A 149 ? N PHE A 149 O MSE A 157 ? O MSE A 157 
A 4 5 O PHE A 161 ? O PHE A 161 N LEU A 86  ? N LEU A 86  
A 5 6 N MSE A 87  ? N MSE A 87  O VAL A 98  ? O VAL A 98  
B 1 2 N THR A 106 ? N THR A 106 O ASN A 113 ? O ASN A 113 
B 2 3 N PHE A 112 ? N PHE A 112 O ILE A 124 ? O ILE A 124 
# 
_pdbx_entry_details.entry_id                   2HQV 
_pdbx_entry_details.compound_details           ? 
_pdbx_entry_details.source_details             ? 
_pdbx_entry_details.nonpolymer_details         ? 
_pdbx_entry_details.sequence_details           ? 
_pdbx_entry_details.has_ligand_of_interest     ? 
_pdbx_entry_details.has_protein_modification   Y 
# 
loop_
_pdbx_validate_torsion.id 
_pdbx_validate_torsion.PDB_model_num 
_pdbx_validate_torsion.auth_comp_id 
_pdbx_validate_torsion.auth_asym_id 
_pdbx_validate_torsion.auth_seq_id 
_pdbx_validate_torsion.PDB_ins_code 
_pdbx_validate_torsion.label_alt_id 
_pdbx_validate_torsion.phi 
_pdbx_validate_torsion.psi 
1 1 ALA A 46 ? ? -68.64  56.96   
2 1 VAL A 50 ? ? -132.80 -156.58 
# 
_pdbx_SG_project.id                    1 
_pdbx_SG_project.project_name          'PSI, Protein Structure Initiative' 
_pdbx_SG_project.full_name_of_center   'Northeast Structural Genomics Consortium' 
_pdbx_SG_project.initial_of_center     NESG 
# 
loop_
_pdbx_struct_mod_residue.id 
_pdbx_struct_mod_residue.label_asym_id 
_pdbx_struct_mod_residue.label_comp_id 
_pdbx_struct_mod_residue.label_seq_id 
_pdbx_struct_mod_residue.auth_asym_id 
_pdbx_struct_mod_residue.auth_comp_id 
_pdbx_struct_mod_residue.auth_seq_id 
_pdbx_struct_mod_residue.PDB_ins_code 
_pdbx_struct_mod_residue.parent_comp_id 
_pdbx_struct_mod_residue.details 
1 A MSE 14  A MSE 14  ? MET SELENOMETHIONINE 
2 A MSE 79  A MSE 79  ? MET SELENOMETHIONINE 
3 A MSE 87  A MSE 87  ? MET SELENOMETHIONINE 
4 A MSE 150 A MSE 150 ? MET SELENOMETHIONINE 
5 A MSE 157 A MSE 157 ? MET SELENOMETHIONINE 
# 
loop_
_pdbx_unobs_or_zero_occ_residues.id 
_pdbx_unobs_or_zero_occ_residues.PDB_model_num 
_pdbx_unobs_or_zero_occ_residues.polymer_flag 
_pdbx_unobs_or_zero_occ_residues.occupancy_flag 
_pdbx_unobs_or_zero_occ_residues.auth_asym_id 
_pdbx_unobs_or_zero_occ_residues.auth_comp_id 
_pdbx_unobs_or_zero_occ_residues.auth_seq_id 
_pdbx_unobs_or_zero_occ_residues.PDB_ins_code 
_pdbx_unobs_or_zero_occ_residues.label_asym_id 
_pdbx_unobs_or_zero_occ_residues.label_comp_id 
_pdbx_unobs_or_zero_occ_residues.label_seq_id 
1  1 Y 1 A MET 1   ? A MET 1   
2  1 Y 1 A ALA 2   ? A ALA 2   
3  1 Y 1 A ASN 3   ? A ASN 3   
4  1 Y 1 A ALA 4   ? A ALA 4   
5  1 Y 1 A ILE 5   ? A ILE 5   
6  1 Y 1 A ARG 6   ? A ARG 6   
7  1 Y 1 A LEU 7   ? A LEU 7   
8  1 Y 1 A PRO 8   ? A PRO 8   
9  1 Y 1 A PRO 9   ? A PRO 9   
10 1 Y 1 A GLU 10  ? A GLU 10  
11 1 Y 1 A ASP 38  ? A ASP 38  
12 1 Y 1 A GLY 39  ? A GLY 39  
13 1 Y 1 A ILE 40  ? A ILE 40  
14 1 Y 1 A VAL 41  ? A VAL 41  
15 1 Y 1 A GLY 187 ? A GLY 187 
16 1 Y 1 A LEU 188 ? A LEU 188 
17 1 Y 1 A GLU 189 ? A GLU 189 
18 1 Y 1 A HIS 190 ? A HIS 190 
19 1 Y 1 A HIS 191 ? A HIS 191 
20 1 Y 1 A HIS 192 ? A HIS 192 
21 1 Y 1 A HIS 193 ? A HIS 193 
22 1 Y 1 A HIS 194 ? A HIS 194 
23 1 Y 1 A HIS 195 ? A HIS 195 
# 
loop_
_chem_comp_atom.comp_id 
_chem_comp_atom.atom_id 
_chem_comp_atom.type_symbol 
_chem_comp_atom.pdbx_aromatic_flag 
_chem_comp_atom.pdbx_stereo_config 
_chem_comp_atom.pdbx_ordinal 
ALA N    N  N N 1   
ALA CA   C  N S 2   
ALA C    C  N N 3   
ALA O    O  N N 4   
ALA CB   C  N N 5   
ALA OXT  O  N N 6   
ALA H    H  N N 7   
ALA H2   H  N N 8   
ALA HA   H  N N 9   
ALA HB1  H  N N 10  
ALA HB2  H  N N 11  
ALA HB3  H  N N 12  
ALA HXT  H  N N 13  
ARG N    N  N N 14  
ARG CA   C  N S 15  
ARG C    C  N N 16  
ARG O    O  N N 17  
ARG CB   C  N N 18  
ARG CG   C  N N 19  
ARG CD   C  N N 20  
ARG NE   N  N N 21  
ARG CZ   C  N N 22  
ARG NH1  N  N N 23  
ARG NH2  N  N N 24  
ARG OXT  O  N N 25  
ARG H    H  N N 26  
ARG H2   H  N N 27  
ARG HA   H  N N 28  
ARG HB2  H  N N 29  
ARG HB3  H  N N 30  
ARG HG2  H  N N 31  
ARG HG3  H  N N 32  
ARG HD2  H  N N 33  
ARG HD3  H  N N 34  
ARG HE   H  N N 35  
ARG HH11 H  N N 36  
ARG HH12 H  N N 37  
ARG HH21 H  N N 38  
ARG HH22 H  N N 39  
ARG HXT  H  N N 40  
ASN N    N  N N 41  
ASN CA   C  N S 42  
ASN C    C  N N 43  
ASN O    O  N N 44  
ASN CB   C  N N 45  
ASN CG   C  N N 46  
ASN OD1  O  N N 47  
ASN ND2  N  N N 48  
ASN OXT  O  N N 49  
ASN H    H  N N 50  
ASN H2   H  N N 51  
ASN HA   H  N N 52  
ASN HB2  H  N N 53  
ASN HB3  H  N N 54  
ASN HD21 H  N N 55  
ASN HD22 H  N N 56  
ASN HXT  H  N N 57  
ASP N    N  N N 58  
ASP CA   C  N S 59  
ASP C    C  N N 60  
ASP O    O  N N 61  
ASP CB   C  N N 62  
ASP CG   C  N N 63  
ASP OD1  O  N N 64  
ASP OD2  O  N N 65  
ASP OXT  O  N N 66  
ASP H    H  N N 67  
ASP H2   H  N N 68  
ASP HA   H  N N 69  
ASP HB2  H  N N 70  
ASP HB3  H  N N 71  
ASP HD2  H  N N 72  
ASP HXT  H  N N 73  
CYS N    N  N N 74  
CYS CA   C  N R 75  
CYS C    C  N N 76  
CYS O    O  N N 77  
CYS CB   C  N N 78  
CYS SG   S  N N 79  
CYS OXT  O  N N 80  
CYS H    H  N N 81  
CYS H2   H  N N 82  
CYS HA   H  N N 83  
CYS HB2  H  N N 84  
CYS HB3  H  N N 85  
CYS HG   H  N N 86  
CYS HXT  H  N N 87  
GLN N    N  N N 88  
GLN CA   C  N S 89  
GLN C    C  N N 90  
GLN O    O  N N 91  
GLN CB   C  N N 92  
GLN CG   C  N N 93  
GLN CD   C  N N 94  
GLN OE1  O  N N 95  
GLN NE2  N  N N 96  
GLN OXT  O  N N 97  
GLN H    H  N N 98  
GLN H2   H  N N 99  
GLN HA   H  N N 100 
GLN HB2  H  N N 101 
GLN HB3  H  N N 102 
GLN HG2  H  N N 103 
GLN HG3  H  N N 104 
GLN HE21 H  N N 105 
GLN HE22 H  N N 106 
GLN HXT  H  N N 107 
GLU N    N  N N 108 
GLU CA   C  N S 109 
GLU C    C  N N 110 
GLU O    O  N N 111 
GLU CB   C  N N 112 
GLU CG   C  N N 113 
GLU CD   C  N N 114 
GLU OE1  O  N N 115 
GLU OE2  O  N N 116 
GLU OXT  O  N N 117 
GLU H    H  N N 118 
GLU H2   H  N N 119 
GLU HA   H  N N 120 
GLU HB2  H  N N 121 
GLU HB3  H  N N 122 
GLU HG2  H  N N 123 
GLU HG3  H  N N 124 
GLU HE2  H  N N 125 
GLU HXT  H  N N 126 
GLY N    N  N N 127 
GLY CA   C  N N 128 
GLY C    C  N N 129 
GLY O    O  N N 130 
GLY OXT  O  N N 131 
GLY H    H  N N 132 
GLY H2   H  N N 133 
GLY HA2  H  N N 134 
GLY HA3  H  N N 135 
GLY HXT  H  N N 136 
HIS N    N  N N 137 
HIS CA   C  N S 138 
HIS C    C  N N 139 
HIS O    O  N N 140 
HIS CB   C  N N 141 
HIS CG   C  Y N 142 
HIS ND1  N  Y N 143 
HIS CD2  C  Y N 144 
HIS CE1  C  Y N 145 
HIS NE2  N  Y N 146 
HIS OXT  O  N N 147 
HIS H    H  N N 148 
HIS H2   H  N N 149 
HIS HA   H  N N 150 
HIS HB2  H  N N 151 
HIS HB3  H  N N 152 
HIS HD1  H  N N 153 
HIS HD2  H  N N 154 
HIS HE1  H  N N 155 
HIS HE2  H  N N 156 
HIS HXT  H  N N 157 
HOH O    O  N N 158 
HOH H1   H  N N 159 
HOH H2   H  N N 160 
ILE N    N  N N 161 
ILE CA   C  N S 162 
ILE C    C  N N 163 
ILE O    O  N N 164 
ILE CB   C  N S 165 
ILE CG1  C  N N 166 
ILE CG2  C  N N 167 
ILE CD1  C  N N 168 
ILE OXT  O  N N 169 
ILE H    H  N N 170 
ILE H2   H  N N 171 
ILE HA   H  N N 172 
ILE HB   H  N N 173 
ILE HG12 H  N N 174 
ILE HG13 H  N N 175 
ILE HG21 H  N N 176 
ILE HG22 H  N N 177 
ILE HG23 H  N N 178 
ILE HD11 H  N N 179 
ILE HD12 H  N N 180 
ILE HD13 H  N N 181 
ILE HXT  H  N N 182 
LEU N    N  N N 183 
LEU CA   C  N S 184 
LEU C    C  N N 185 
LEU O    O  N N 186 
LEU CB   C  N N 187 
LEU CG   C  N N 188 
LEU CD1  C  N N 189 
LEU CD2  C  N N 190 
LEU OXT  O  N N 191 
LEU H    H  N N 192 
LEU H2   H  N N 193 
LEU HA   H  N N 194 
LEU HB2  H  N N 195 
LEU HB3  H  N N 196 
LEU HG   H  N N 197 
LEU HD11 H  N N 198 
LEU HD12 H  N N 199 
LEU HD13 H  N N 200 
LEU HD21 H  N N 201 
LEU HD22 H  N N 202 
LEU HD23 H  N N 203 
LEU HXT  H  N N 204 
LYS N    N  N N 205 
LYS CA   C  N S 206 
LYS C    C  N N 207 
LYS O    O  N N 208 
LYS CB   C  N N 209 
LYS CG   C  N N 210 
LYS CD   C  N N 211 
LYS CE   C  N N 212 
LYS NZ   N  N N 213 
LYS OXT  O  N N 214 
LYS H    H  N N 215 
LYS H2   H  N N 216 
LYS HA   H  N N 217 
LYS HB2  H  N N 218 
LYS HB3  H  N N 219 
LYS HG2  H  N N 220 
LYS HG3  H  N N 221 
LYS HD2  H  N N 222 
LYS HD3  H  N N 223 
LYS HE2  H  N N 224 
LYS HE3  H  N N 225 
LYS HZ1  H  N N 226 
LYS HZ2  H  N N 227 
LYS HZ3  H  N N 228 
LYS HXT  H  N N 229 
MET N    N  N N 230 
MET CA   C  N S 231 
MET C    C  N N 232 
MET O    O  N N 233 
MET CB   C  N N 234 
MET CG   C  N N 235 
MET SD   S  N N 236 
MET CE   C  N N 237 
MET OXT  O  N N 238 
MET H    H  N N 239 
MET H2   H  N N 240 
MET HA   H  N N 241 
MET HB2  H  N N 242 
MET HB3  H  N N 243 
MET HG2  H  N N 244 
MET HG3  H  N N 245 
MET HE1  H  N N 246 
MET HE2  H  N N 247 
MET HE3  H  N N 248 
MET HXT  H  N N 249 
MSE N    N  N N 250 
MSE CA   C  N S 251 
MSE C    C  N N 252 
MSE O    O  N N 253 
MSE OXT  O  N N 254 
MSE CB   C  N N 255 
MSE CG   C  N N 256 
MSE SE   SE N N 257 
MSE CE   C  N N 258 
MSE H    H  N N 259 
MSE H2   H  N N 260 
MSE HA   H  N N 261 
MSE HXT  H  N N 262 
MSE HB2  H  N N 263 
MSE HB3  H  N N 264 
MSE HG2  H  N N 265 
MSE HG3  H  N N 266 
MSE HE1  H  N N 267 
MSE HE2  H  N N 268 
MSE HE3  H  N N 269 
PHE N    N  N N 270 
PHE CA   C  N S 271 
PHE C    C  N N 272 
PHE O    O  N N 273 
PHE CB   C  N N 274 
PHE CG   C  Y N 275 
PHE CD1  C  Y N 276 
PHE CD2  C  Y N 277 
PHE CE1  C  Y N 278 
PHE CE2  C  Y N 279 
PHE CZ   C  Y N 280 
PHE OXT  O  N N 281 
PHE H    H  N N 282 
PHE H2   H  N N 283 
PHE HA   H  N N 284 
PHE HB2  H  N N 285 
PHE HB3  H  N N 286 
PHE HD1  H  N N 287 
PHE HD2  H  N N 288 
PHE HE1  H  N N 289 
PHE HE2  H  N N 290 
PHE HZ   H  N N 291 
PHE HXT  H  N N 292 
PRO N    N  N N 293 
PRO CA   C  N S 294 
PRO C    C  N N 295 
PRO O    O  N N 296 
PRO CB   C  N N 297 
PRO CG   C  N N 298 
PRO CD   C  N N 299 
PRO OXT  O  N N 300 
PRO H    H  N N 301 
PRO HA   H  N N 302 
PRO HB2  H  N N 303 
PRO HB3  H  N N 304 
PRO HG2  H  N N 305 
PRO HG3  H  N N 306 
PRO HD2  H  N N 307 
PRO HD3  H  N N 308 
PRO HXT  H  N N 309 
SER N    N  N N 310 
SER CA   C  N S 311 
SER C    C  N N 312 
SER O    O  N N 313 
SER CB   C  N N 314 
SER OG   O  N N 315 
SER OXT  O  N N 316 
SER H    H  N N 317 
SER H2   H  N N 318 
SER HA   H  N N 319 
SER HB2  H  N N 320 
SER HB3  H  N N 321 
SER HG   H  N N 322 
SER HXT  H  N N 323 
THR N    N  N N 324 
THR CA   C  N S 325 
THR C    C  N N 326 
THR O    O  N N 327 
THR CB   C  N R 328 
THR OG1  O  N N 329 
THR CG2  C  N N 330 
THR OXT  O  N N 331 
THR H    H  N N 332 
THR H2   H  N N 333 
THR HA   H  N N 334 
THR HB   H  N N 335 
THR HG1  H  N N 336 
THR HG21 H  N N 337 
THR HG22 H  N N 338 
THR HG23 H  N N 339 
THR HXT  H  N N 340 
TRP N    N  N N 341 
TRP CA   C  N S 342 
TRP C    C  N N 343 
TRP O    O  N N 344 
TRP CB   C  N N 345 
TRP CG   C  Y N 346 
TRP CD1  C  Y N 347 
TRP CD2  C  Y N 348 
TRP NE1  N  Y N 349 
TRP CE2  C  Y N 350 
TRP CE3  C  Y N 351 
TRP CZ2  C  Y N 352 
TRP CZ3  C  Y N 353 
TRP CH2  C  Y N 354 
TRP OXT  O  N N 355 
TRP H    H  N N 356 
TRP H2   H  N N 357 
TRP HA   H  N N 358 
TRP HB2  H  N N 359 
TRP HB3  H  N N 360 
TRP HD1  H  N N 361 
TRP HE1  H  N N 362 
TRP HE3  H  N N 363 
TRP HZ2  H  N N 364 
TRP HZ3  H  N N 365 
TRP HH2  H  N N 366 
TRP HXT  H  N N 367 
TYR N    N  N N 368 
TYR CA   C  N S 369 
TYR C    C  N N 370 
TYR O    O  N N 371 
TYR CB   C  N N 372 
TYR CG   C  Y N 373 
TYR CD1  C  Y N 374 
TYR CD2  C  Y N 375 
TYR CE1  C  Y N 376 
TYR CE2  C  Y N 377 
TYR CZ   C  Y N 378 
TYR OH   O  N N 379 
TYR OXT  O  N N 380 
TYR H    H  N N 381 
TYR H2   H  N N 382 
TYR HA   H  N N 383 
TYR HB2  H  N N 384 
TYR HB3  H  N N 385 
TYR HD1  H  N N 386 
TYR HD2  H  N N 387 
TYR HE1  H  N N 388 
TYR HE2  H  N N 389 
TYR HH   H  N N 390 
TYR HXT  H  N N 391 
VAL N    N  N N 392 
VAL CA   C  N S 393 
VAL C    C  N N 394 
VAL O    O  N N 395 
VAL CB   C  N N 396 
VAL CG1  C  N N 397 
VAL CG2  C  N N 398 
VAL OXT  O  N N 399 
VAL H    H  N N 400 
VAL H2   H  N N 401 
VAL HA   H  N N 402 
VAL HB   H  N N 403 
VAL HG11 H  N N 404 
VAL HG12 H  N N 405 
VAL HG13 H  N N 406 
VAL HG21 H  N N 407 
VAL HG22 H  N N 408 
VAL HG23 H  N N 409 
VAL HXT  H  N N 410 
# 
loop_
_chem_comp_bond.comp_id 
_chem_comp_bond.atom_id_1 
_chem_comp_bond.atom_id_2 
_chem_comp_bond.value_order 
_chem_comp_bond.pdbx_aromatic_flag 
_chem_comp_bond.pdbx_stereo_config 
_chem_comp_bond.pdbx_ordinal 
ALA N   CA   sing N N 1   
ALA N   H    sing N N 2   
ALA N   H2   sing N N 3   
ALA CA  C    sing N N 4   
ALA CA  CB   sing N N 5   
ALA CA  HA   sing N N 6   
ALA C   O    doub N N 7   
ALA C   OXT  sing N N 8   
ALA CB  HB1  sing N N 9   
ALA CB  HB2  sing N N 10  
ALA CB  HB3  sing N N 11  
ALA OXT HXT  sing N N 12  
ARG N   CA   sing N N 13  
ARG N   H    sing N N 14  
ARG N   H2   sing N N 15  
ARG CA  C    sing N N 16  
ARG CA  CB   sing N N 17  
ARG CA  HA   sing N N 18  
ARG C   O    doub N N 19  
ARG C   OXT  sing N N 20  
ARG CB  CG   sing N N 21  
ARG CB  HB2  sing N N 22  
ARG CB  HB3  sing N N 23  
ARG CG  CD   sing N N 24  
ARG CG  HG2  sing N N 25  
ARG CG  HG3  sing N N 26  
ARG CD  NE   sing N N 27  
ARG CD  HD2  sing N N 28  
ARG CD  HD3  sing N N 29  
ARG NE  CZ   sing N N 30  
ARG NE  HE   sing N N 31  
ARG CZ  NH1  sing N N 32  
ARG CZ  NH2  doub N N 33  
ARG NH1 HH11 sing N N 34  
ARG NH1 HH12 sing N N 35  
ARG NH2 HH21 sing N N 36  
ARG NH2 HH22 sing N N 37  
ARG OXT HXT  sing N N 38  
ASN N   CA   sing N N 39  
ASN N   H    sing N N 40  
ASN N   H2   sing N N 41  
ASN CA  C    sing N N 42  
ASN CA  CB   sing N N 43  
ASN CA  HA   sing N N 44  
ASN C   O    doub N N 45  
ASN C   OXT  sing N N 46  
ASN CB  CG   sing N N 47  
ASN CB  HB2  sing N N 48  
ASN CB  HB3  sing N N 49  
ASN CG  OD1  doub N N 50  
ASN CG  ND2  sing N N 51  
ASN ND2 HD21 sing N N 52  
ASN ND2 HD22 sing N N 53  
ASN OXT HXT  sing N N 54  
ASP N   CA   sing N N 55  
ASP N   H    sing N N 56  
ASP N   H2   sing N N 57  
ASP CA  C    sing N N 58  
ASP CA  CB   sing N N 59  
ASP CA  HA   sing N N 60  
ASP C   O    doub N N 61  
ASP C   OXT  sing N N 62  
ASP CB  CG   sing N N 63  
ASP CB  HB2  sing N N 64  
ASP CB  HB3  sing N N 65  
ASP CG  OD1  doub N N 66  
ASP CG  OD2  sing N N 67  
ASP OD2 HD2  sing N N 68  
ASP OXT HXT  sing N N 69  
CYS N   CA   sing N N 70  
CYS N   H    sing N N 71  
CYS N   H2   sing N N 72  
CYS CA  C    sing N N 73  
CYS CA  CB   sing N N 74  
CYS CA  HA   sing N N 75  
CYS C   O    doub N N 76  
CYS C   OXT  sing N N 77  
CYS CB  SG   sing N N 78  
CYS CB  HB2  sing N N 79  
CYS CB  HB3  sing N N 80  
CYS SG  HG   sing N N 81  
CYS OXT HXT  sing N N 82  
GLN N   CA   sing N N 83  
GLN N   H    sing N N 84  
GLN N   H2   sing N N 85  
GLN CA  C    sing N N 86  
GLN CA  CB   sing N N 87  
GLN CA  HA   sing N N 88  
GLN C   O    doub N N 89  
GLN C   OXT  sing N N 90  
GLN CB  CG   sing N N 91  
GLN CB  HB2  sing N N 92  
GLN CB  HB3  sing N N 93  
GLN CG  CD   sing N N 94  
GLN CG  HG2  sing N N 95  
GLN CG  HG3  sing N N 96  
GLN CD  OE1  doub N N 97  
GLN CD  NE2  sing N N 98  
GLN NE2 HE21 sing N N 99  
GLN NE2 HE22 sing N N 100 
GLN OXT HXT  sing N N 101 
GLU N   CA   sing N N 102 
GLU N   H    sing N N 103 
GLU N   H2   sing N N 104 
GLU CA  C    sing N N 105 
GLU CA  CB   sing N N 106 
GLU CA  HA   sing N N 107 
GLU C   O    doub N N 108 
GLU C   OXT  sing N N 109 
GLU CB  CG   sing N N 110 
GLU CB  HB2  sing N N 111 
GLU CB  HB3  sing N N 112 
GLU CG  CD   sing N N 113 
GLU CG  HG2  sing N N 114 
GLU CG  HG3  sing N N 115 
GLU CD  OE1  doub N N 116 
GLU CD  OE2  sing N N 117 
GLU OE2 HE2  sing N N 118 
GLU OXT HXT  sing N N 119 
GLY N   CA   sing N N 120 
GLY N   H    sing N N 121 
GLY N   H2   sing N N 122 
GLY CA  C    sing N N 123 
GLY CA  HA2  sing N N 124 
GLY CA  HA3  sing N N 125 
GLY C   O    doub N N 126 
GLY C   OXT  sing N N 127 
GLY OXT HXT  sing N N 128 
HIS N   CA   sing N N 129 
HIS N   H    sing N N 130 
HIS N   H2   sing N N 131 
HIS CA  C    sing N N 132 
HIS CA  CB   sing N N 133 
HIS CA  HA   sing N N 134 
HIS C   O    doub N N 135 
HIS C   OXT  sing N N 136 
HIS CB  CG   sing N N 137 
HIS CB  HB2  sing N N 138 
HIS CB  HB3  sing N N 139 
HIS CG  ND1  sing Y N 140 
HIS CG  CD2  doub Y N 141 
HIS ND1 CE1  doub Y N 142 
HIS ND1 HD1  sing N N 143 
HIS CD2 NE2  sing Y N 144 
HIS CD2 HD2  sing N N 145 
HIS CE1 NE2  sing Y N 146 
HIS CE1 HE1  sing N N 147 
HIS NE2 HE2  sing N N 148 
HIS OXT HXT  sing N N 149 
HOH O   H1   sing N N 150 
HOH O   H2   sing N N 151 
ILE N   CA   sing N N 152 
ILE N   H    sing N N 153 
ILE N   H2   sing N N 154 
ILE CA  C    sing N N 155 
ILE CA  CB   sing N N 156 
ILE CA  HA   sing N N 157 
ILE C   O    doub N N 158 
ILE C   OXT  sing N N 159 
ILE CB  CG1  sing N N 160 
ILE CB  CG2  sing N N 161 
ILE CB  HB   sing N N 162 
ILE CG1 CD1  sing N N 163 
ILE CG1 HG12 sing N N 164 
ILE CG1 HG13 sing N N 165 
ILE CG2 HG21 sing N N 166 
ILE CG2 HG22 sing N N 167 
ILE CG2 HG23 sing N N 168 
ILE CD1 HD11 sing N N 169 
ILE CD1 HD12 sing N N 170 
ILE CD1 HD13 sing N N 171 
ILE OXT HXT  sing N N 172 
LEU N   CA   sing N N 173 
LEU N   H    sing N N 174 
LEU N   H2   sing N N 175 
LEU CA  C    sing N N 176 
LEU CA  CB   sing N N 177 
LEU CA  HA   sing N N 178 
LEU C   O    doub N N 179 
LEU C   OXT  sing N N 180 
LEU CB  CG   sing N N 181 
LEU CB  HB2  sing N N 182 
LEU CB  HB3  sing N N 183 
LEU CG  CD1  sing N N 184 
LEU CG  CD2  sing N N 185 
LEU CG  HG   sing N N 186 
LEU CD1 HD11 sing N N 187 
LEU CD1 HD12 sing N N 188 
LEU CD1 HD13 sing N N 189 
LEU CD2 HD21 sing N N 190 
LEU CD2 HD22 sing N N 191 
LEU CD2 HD23 sing N N 192 
LEU OXT HXT  sing N N 193 
LYS N   CA   sing N N 194 
LYS N   H    sing N N 195 
LYS N   H2   sing N N 196 
LYS CA  C    sing N N 197 
LYS CA  CB   sing N N 198 
LYS CA  HA   sing N N 199 
LYS C   O    doub N N 200 
LYS C   OXT  sing N N 201 
LYS CB  CG   sing N N 202 
LYS CB  HB2  sing N N 203 
LYS CB  HB3  sing N N 204 
LYS CG  CD   sing N N 205 
LYS CG  HG2  sing N N 206 
LYS CG  HG3  sing N N 207 
LYS CD  CE   sing N N 208 
LYS CD  HD2  sing N N 209 
LYS CD  HD3  sing N N 210 
LYS CE  NZ   sing N N 211 
LYS CE  HE2  sing N N 212 
LYS CE  HE3  sing N N 213 
LYS NZ  HZ1  sing N N 214 
LYS NZ  HZ2  sing N N 215 
LYS NZ  HZ3  sing N N 216 
LYS OXT HXT  sing N N 217 
MET N   CA   sing N N 218 
MET N   H    sing N N 219 
MET N   H2   sing N N 220 
MET CA  C    sing N N 221 
MET CA  CB   sing N N 222 
MET CA  HA   sing N N 223 
MET C   O    doub N N 224 
MET C   OXT  sing N N 225 
MET CB  CG   sing N N 226 
MET CB  HB2  sing N N 227 
MET CB  HB3  sing N N 228 
MET CG  SD   sing N N 229 
MET CG  HG2  sing N N 230 
MET CG  HG3  sing N N 231 
MET SD  CE   sing N N 232 
MET CE  HE1  sing N N 233 
MET CE  HE2  sing N N 234 
MET CE  HE3  sing N N 235 
MET OXT HXT  sing N N 236 
MSE N   CA   sing N N 237 
MSE N   H    sing N N 238 
MSE N   H2   sing N N 239 
MSE CA  C    sing N N 240 
MSE CA  CB   sing N N 241 
MSE CA  HA   sing N N 242 
MSE C   O    doub N N 243 
MSE C   OXT  sing N N 244 
MSE OXT HXT  sing N N 245 
MSE CB  CG   sing N N 246 
MSE CB  HB2  sing N N 247 
MSE CB  HB3  sing N N 248 
MSE CG  SE   sing N N 249 
MSE CG  HG2  sing N N 250 
MSE CG  HG3  sing N N 251 
MSE SE  CE   sing N N 252 
MSE CE  HE1  sing N N 253 
MSE CE  HE2  sing N N 254 
MSE CE  HE3  sing N N 255 
PHE N   CA   sing N N 256 
PHE N   H    sing N N 257 
PHE N   H2   sing N N 258 
PHE CA  C    sing N N 259 
PHE CA  CB   sing N N 260 
PHE CA  HA   sing N N 261 
PHE C   O    doub N N 262 
PHE C   OXT  sing N N 263 
PHE CB  CG   sing N N 264 
PHE CB  HB2  sing N N 265 
PHE CB  HB3  sing N N 266 
PHE CG  CD1  doub Y N 267 
PHE CG  CD2  sing Y N 268 
PHE CD1 CE1  sing Y N 269 
PHE CD1 HD1  sing N N 270 
PHE CD2 CE2  doub Y N 271 
PHE CD2 HD2  sing N N 272 
PHE CE1 CZ   doub Y N 273 
PHE CE1 HE1  sing N N 274 
PHE CE2 CZ   sing Y N 275 
PHE CE2 HE2  sing N N 276 
PHE CZ  HZ   sing N N 277 
PHE OXT HXT  sing N N 278 
PRO N   CA   sing N N 279 
PRO N   CD   sing N N 280 
PRO N   H    sing N N 281 
PRO CA  C    sing N N 282 
PRO CA  CB   sing N N 283 
PRO CA  HA   sing N N 284 
PRO C   O    doub N N 285 
PRO C   OXT  sing N N 286 
PRO CB  CG   sing N N 287 
PRO CB  HB2  sing N N 288 
PRO CB  HB3  sing N N 289 
PRO CG  CD   sing N N 290 
PRO CG  HG2  sing N N 291 
PRO CG  HG3  sing N N 292 
PRO CD  HD2  sing N N 293 
PRO CD  HD3  sing N N 294 
PRO OXT HXT  sing N N 295 
SER N   CA   sing N N 296 
SER N   H    sing N N 297 
SER N   H2   sing N N 298 
SER CA  C    sing N N 299 
SER CA  CB   sing N N 300 
SER CA  HA   sing N N 301 
SER C   O    doub N N 302 
SER C   OXT  sing N N 303 
SER CB  OG   sing N N 304 
SER CB  HB2  sing N N 305 
SER CB  HB3  sing N N 306 
SER OG  HG   sing N N 307 
SER OXT HXT  sing N N 308 
THR N   CA   sing N N 309 
THR N   H    sing N N 310 
THR N   H2   sing N N 311 
THR CA  C    sing N N 312 
THR CA  CB   sing N N 313 
THR CA  HA   sing N N 314 
THR C   O    doub N N 315 
THR C   OXT  sing N N 316 
THR CB  OG1  sing N N 317 
THR CB  CG2  sing N N 318 
THR CB  HB   sing N N 319 
THR OG1 HG1  sing N N 320 
THR CG2 HG21 sing N N 321 
THR CG2 HG22 sing N N 322 
THR CG2 HG23 sing N N 323 
THR OXT HXT  sing N N 324 
TRP N   CA   sing N N 325 
TRP N   H    sing N N 326 
TRP N   H2   sing N N 327 
TRP CA  C    sing N N 328 
TRP CA  CB   sing N N 329 
TRP CA  HA   sing N N 330 
TRP C   O    doub N N 331 
TRP C   OXT  sing N N 332 
TRP CB  CG   sing N N 333 
TRP CB  HB2  sing N N 334 
TRP CB  HB3  sing N N 335 
TRP CG  CD1  doub Y N 336 
TRP CG  CD2  sing Y N 337 
TRP CD1 NE1  sing Y N 338 
TRP CD1 HD1  sing N N 339 
TRP CD2 CE2  doub Y N 340 
TRP CD2 CE3  sing Y N 341 
TRP NE1 CE2  sing Y N 342 
TRP NE1 HE1  sing N N 343 
TRP CE2 CZ2  sing Y N 344 
TRP CE3 CZ3  doub Y N 345 
TRP CE3 HE3  sing N N 346 
TRP CZ2 CH2  doub Y N 347 
TRP CZ2 HZ2  sing N N 348 
TRP CZ3 CH2  sing Y N 349 
TRP CZ3 HZ3  sing N N 350 
TRP CH2 HH2  sing N N 351 
TRP OXT HXT  sing N N 352 
TYR N   CA   sing N N 353 
TYR N   H    sing N N 354 
TYR N   H2   sing N N 355 
TYR CA  C    sing N N 356 
TYR CA  CB   sing N N 357 
TYR CA  HA   sing N N 358 
TYR C   O    doub N N 359 
TYR C   OXT  sing N N 360 
TYR CB  CG   sing N N 361 
TYR CB  HB2  sing N N 362 
TYR CB  HB3  sing N N 363 
TYR CG  CD1  doub Y N 364 
TYR CG  CD2  sing Y N 365 
TYR CD1 CE1  sing Y N 366 
TYR CD1 HD1  sing N N 367 
TYR CD2 CE2  doub Y N 368 
TYR CD2 HD2  sing N N 369 
TYR CE1 CZ   doub Y N 370 
TYR CE1 HE1  sing N N 371 
TYR CE2 CZ   sing Y N 372 
TYR CE2 HE2  sing N N 373 
TYR CZ  OH   sing N N 374 
TYR OH  HH   sing N N 375 
TYR OXT HXT  sing N N 376 
VAL N   CA   sing N N 377 
VAL N   H    sing N N 378 
VAL N   H2   sing N N 379 
VAL CA  C    sing N N 380 
VAL CA  CB   sing N N 381 
VAL CA  HA   sing N N 382 
VAL C   O    doub N N 383 
VAL C   OXT  sing N N 384 
VAL CB  CG1  sing N N 385 
VAL CB  CG2  sing N N 386 
VAL CB  HB   sing N N 387 
VAL CG1 HG11 sing N N 388 
VAL CG1 HG12 sing N N 389 
VAL CG1 HG13 sing N N 390 
VAL CG2 HG21 sing N N 391 
VAL CG2 HG22 sing N N 392 
VAL CG2 HG23 sing N N 393 
VAL OXT HXT  sing N N 394 
# 
_atom_sites.entry_id                    2HQV 
_atom_sites.fract_transf_matrix[1][1]   0.00498318 
_atom_sites.fract_transf_matrix[1][2]   -0.00309751 
_atom_sites.fract_transf_matrix[1][3]   0.01391017 
_atom_sites.fract_transf_matrix[2][1]   0.00482925 
_atom_sites.fract_transf_matrix[2][2]   -0.01217158 
_atom_sites.fract_transf_matrix[2][3]   -0.00444039 
_atom_sites.fract_transf_matrix[3][1]   0.00837412 
_atom_sites.fract_transf_matrix[3][2]   0.00408512 
_atom_sites.fract_transf_matrix[3][3]   -0.00209027 
_atom_sites.fract_transf_vector[1]      0.586866 
_atom_sites.fract_transf_vector[2]      0.175905 
_atom_sites.fract_transf_vector[3]      0.304898 
# 
loop_
_atom_type.symbol 
C  
N  
O  
S  
SE 
# 
loop_
_atom_site.group_PDB 
_atom_site.id 
_atom_site.type_symbol 
_atom_site.label_atom_id 
_atom_site.label_alt_id 
_atom_site.label_comp_id 
_atom_site.label_asym_id 
_atom_site.label_entity_id 
_atom_site.label_seq_id 
_atom_site.pdbx_PDB_ins_code 
_atom_site.Cartn_x 
_atom_site.Cartn_y 
_atom_site.Cartn_z 
_atom_site.occupancy 
_atom_site.B_iso_or_equiv 
_atom_site.pdbx_formal_charge 
_atom_site.auth_seq_id 
_atom_site.auth_comp_id 
_atom_site.auth_asym_id 
_atom_site.auth_atom_id 
_atom_site.pdbx_PDB_model_num 
ATOM   1    N  N   . ALA A 1 11  ? 21.711  4.582   -14.104 1.00 73.95 ? 11  ALA A N   1 
ATOM   2    C  CA  . ALA A 1 11  ? 22.187  4.784   -15.503 1.00 73.81 ? 11  ALA A CA  1 
ATOM   3    C  C   . ALA A 1 11  ? 23.419  5.683   -15.528 1.00 73.53 ? 11  ALA A C   1 
ATOM   4    O  O   . ALA A 1 11  ? 24.509  5.247   -15.900 1.00 73.42 ? 11  ALA A O   1 
ATOM   5    C  CB  . ALA A 1 11  ? 21.074  5.398   -16.348 1.00 73.72 ? 11  ALA A CB  1 
ATOM   6    N  N   . TYR A 1 12  ? 23.238  6.939   -15.128 1.00 73.08 ? 12  TYR A N   1 
ATOM   7    C  CA  . TYR A 1 12  ? 24.334  7.902   -15.105 1.00 72.37 ? 12  TYR A CA  1 
ATOM   8    C  C   . TYR A 1 12  ? 25.334  7.515   -14.020 1.00 71.21 ? 12  TYR A C   1 
ATOM   9    O  O   . TYR A 1 12  ? 24.957  6.964   -12.987 1.00 71.43 ? 12  TYR A O   1 
ATOM   10   C  CB  . TYR A 1 12  ? 23.791  9.310   -14.840 1.00 73.01 ? 12  TYR A CB  1 
ATOM   11   C  CG  . TYR A 1 12  ? 24.773  10.416  -15.159 1.00 74.06 ? 12  TYR A CG  1 
ATOM   12   C  CD1 . TYR A 1 12  ? 25.442  11.107  -14.146 1.00 73.74 ? 12  TYR A CD1 1 
ATOM   13   C  CD2 . TYR A 1 12  ? 25.041  10.766  -16.484 1.00 74.44 ? 12  TYR A CD2 1 
ATOM   14   C  CE1 . TYR A 1 12  ? 26.360  12.122  -14.451 1.00 73.11 ? 12  TYR A CE1 1 
ATOM   15   C  CE2 . TYR A 1 12  ? 25.953  11.773  -16.797 1.00 73.76 ? 12  TYR A CE2 1 
ATOM   16   C  CZ  . TYR A 1 12  ? 26.606  12.447  -15.780 1.00 73.15 ? 12  TYR A CZ  1 
ATOM   17   O  OH  . TYR A 1 12  ? 27.499  13.439  -16.105 1.00 71.84 ? 12  TYR A OH  1 
ATOM   18   N  N   . PRO A 1 13  ? 26.629  7.789   -14.244 1.00 69.98 ? 13  PRO A N   1 
ATOM   19   C  CA  . PRO A 1 13  ? 27.639  7.444   -13.242 1.00 68.92 ? 13  PRO A CA  1 
ATOM   20   C  C   . PRO A 1 13  ? 27.392  8.121   -11.896 1.00 67.11 ? 13  PRO A C   1 
ATOM   21   O  O   . PRO A 1 13  ? 26.875  9.238   -11.835 1.00 65.55 ? 13  PRO A O   1 
ATOM   22   C  CB  . PRO A 1 13  ? 28.941  7.909   -13.890 1.00 69.25 ? 13  PRO A CB  1 
ATOM   23   C  CG  . PRO A 1 13  ? 28.671  7.717   -15.346 1.00 70.38 ? 13  PRO A CG  1 
ATOM   24   C  CD  . PRO A 1 13  ? 27.269  8.268   -15.482 1.00 70.34 ? 13  PRO A CD  1 
HETATM 25   N  N   . MSE A 1 14  ? 27.764  7.431   -10.825 1.00 65.63 ? 14  MSE A N   1 
HETATM 26   C  CA  . MSE A 1 14  ? 27.610  7.953   -9.473  1.00 64.02 ? 14  MSE A CA  1 
HETATM 27   C  C   . MSE A 1 14  ? 28.896  8.652   -9.044  1.00 62.45 ? 14  MSE A C   1 
HETATM 28   O  O   . MSE A 1 14  ? 29.975  8.357   -9.561  1.00 62.56 ? 14  MSE A O   1 
HETATM 29   C  CB  . MSE A 1 14  ? 27.312  6.814   -8.496  1.00 64.64 ? 14  MSE A CB  1 
HETATM 30   C  CG  . MSE A 1 14  ? 25.904  6.250   -8.582  1.00 66.21 ? 14  MSE A CG  1 
HETATM 31   SE SE  . MSE A 1 14  ? 24.581  7.465   -7.848  1.00 75.44 ? 14  MSE A SE  1 
HETATM 32   C  CE  . MSE A 1 14  ? 24.772  7.022   -5.976  1.00 65.20 ? 14  MSE A CE  1 
ATOM   33   N  N   . SER A 1 15  ? 28.773  9.588   -8.109  1.00 60.01 ? 15  SER A N   1 
ATOM   34   C  CA  . SER A 1 15  ? 29.933  10.294  -7.579  1.00 58.18 ? 15  SER A CA  1 
ATOM   35   C  C   . SER A 1 15  ? 30.099  9.794   -6.148  1.00 58.00 ? 15  SER A C   1 
ATOM   36   O  O   . SER A 1 15  ? 29.143  9.300   -5.547  1.00 56.98 ? 15  SER A O   1 
ATOM   37   C  CB  . SER A 1 15  ? 29.709  11.810  -7.582  1.00 56.87 ? 15  SER A CB  1 
ATOM   38   O  OG  . SER A 1 15  ? 28.666  12.184  -6.701  1.00 56.01 ? 15  SER A OG  1 
ATOM   39   N  N   . ILE A 1 16  ? 31.309  9.910   -5.610  1.00 57.69 ? 16  ILE A N   1 
ATOM   40   C  CA  . ILE A 1 16  ? 31.587  9.460   -4.251  1.00 56.72 ? 16  ILE A CA  1 
ATOM   41   C  C   . ILE A 1 16  ? 30.622  10.080  -3.245  1.00 55.95 ? 16  ILE A C   1 
ATOM   42   O  O   . ILE A 1 16  ? 30.101  9.394   -2.365  1.00 54.12 ? 16  ILE A O   1 
ATOM   43   C  CB  . ILE A 1 16  ? 33.038  9.803   -3.847  1.00 56.65 ? 16  ILE A CB  1 
ATOM   44   C  CG1 . ILE A 1 16  ? 34.010  8.989   -4.707  1.00 57.99 ? 16  ILE A CG1 1 
ATOM   45   C  CG2 . ILE A 1 16  ? 33.258  9.521   -2.370  1.00 56.95 ? 16  ILE A CG2 1 
ATOM   46   C  CD1 . ILE A 1 16  ? 35.468  9.358   -4.516  1.00 60.24 ? 16  ILE A CD1 1 
ATOM   47   N  N   . ALA A 1 17  ? 30.382  11.378  -3.384  1.00 55.47 ? 17  ALA A N   1 
ATOM   48   C  CA  . ALA A 1 17  ? 29.485  12.088  -2.481  1.00 55.56 ? 17  ALA A CA  1 
ATOM   49   C  C   . ALA A 1 17  ? 28.042  11.621  -2.637  1.00 55.03 ? 17  ALA A C   1 
ATOM   50   O  O   . ALA A 1 17  ? 27.317  11.498  -1.649  1.00 53.59 ? 17  ALA A O   1 
ATOM   51   C  CB  . ALA A 1 17  ? 29.575  13.590  -2.732  1.00 55.35 ? 17  ALA A CB  1 
ATOM   52   N  N   . ALA A 1 18  ? 27.630  11.368  -3.875  1.00 54.17 ? 18  ALA A N   1 
ATOM   53   C  CA  . ALA A 1 18  ? 26.265  10.923  -4.153  1.00 56.10 ? 18  ALA A CA  1 
ATOM   54   C  C   . ALA A 1 18  ? 25.995  9.551   -3.540  1.00 56.27 ? 18  ALA A C   1 
ATOM   55   O  O   . ALA A 1 18  ? 24.931  9.320   -2.965  1.00 56.26 ? 18  ALA A O   1 
ATOM   56   C  CB  . ALA A 1 18  ? 26.019  10.882  -5.658  1.00 55.30 ? 18  ALA A CB  1 
ATOM   57   N  N   . GLN A 1 19  ? 26.961  8.646   -3.672  1.00 56.48 ? 19  GLN A N   1 
ATOM   58   C  CA  . GLN A 1 19  ? 26.827  7.302   -3.119  1.00 57.10 ? 19  GLN A CA  1 
ATOM   59   C  C   . GLN A 1 19  ? 26.803  7.417   -1.598  1.00 57.99 ? 19  GLN A C   1 
ATOM   60   O  O   . GLN A 1 19  ? 25.987  6.787   -0.922  1.00 56.09 ? 19  GLN A O   1 
ATOM   61   C  CB  . GLN A 1 19  ? 28.008  6.430   -3.557  1.00 57.55 ? 19  GLN A CB  1 
ATOM   62   C  CG  . GLN A 1 19  ? 27.866  4.975   -3.162  1.00 57.95 ? 19  GLN A CG  1 
ATOM   63   C  CD  . GLN A 1 19  ? 26.691  4.307   -3.847  1.00 58.52 ? 19  GLN A CD  1 
ATOM   64   O  OE1 . GLN A 1 19  ? 26.762  3.953   -5.025  1.00 58.12 ? 19  GLN A OE1 1 
ATOM   65   N  NE2 . GLN A 1 19  ? 25.596  4.145   -3.114  1.00 59.21 ? 19  GLN A NE2 1 
ATOM   66   N  N   . LYS A 1 20  ? 27.712  8.234   -1.072  1.00 58.39 ? 20  LYS A N   1 
ATOM   67   C  CA  . LYS A 1 20  ? 27.806  8.473   0.359   1.00 60.01 ? 20  LYS A CA  1 
ATOM   68   C  C   . LYS A 1 20  ? 26.466  9.010   0.856   1.00 60.26 ? 20  LYS A C   1 
ATOM   69   O  O   . LYS A 1 20  ? 25.968  8.594   1.902   1.00 59.13 ? 20  LYS A O   1 
ATOM   70   C  CB  . LYS A 1 20  ? 28.919  9.485   0.637   1.00 61.63 ? 20  LYS A CB  1 
ATOM   71   C  CG  . LYS A 1 20  ? 29.008  9.978   2.070   1.00 62.87 ? 20  LYS A CG  1 
ATOM   72   C  CD  . LYS A 1 20  ? 29.450  8.887   3.025   1.00 63.83 ? 20  LYS A CD  1 
ATOM   73   C  CE  . LYS A 1 20  ? 29.831  9.483   4.370   1.00 64.07 ? 20  LYS A CE  1 
ATOM   74   N  NZ  . LYS A 1 20  ? 28.728  10.298  4.945   1.00 65.31 ? 20  LYS A NZ  1 
ATOM   75   N  N   . ASN A 1 21  ? 25.889  9.938   0.097   1.00 60.84 ? 21  ASN A N   1 
ATOM   76   C  CA  . ASN A 1 21  ? 24.599  10.519  0.451   1.00 62.67 ? 21  ASN A CA  1 
ATOM   77   C  C   . ASN A 1 21  ? 23.551  9.410   0.494   1.00 63.23 ? 21  ASN A C   1 
ATOM   78   O  O   . ASN A 1 21  ? 22.671  9.408   1.356   1.00 62.11 ? 21  ASN A O   1 
ATOM   79   C  CB  . ASN A 1 21  ? 24.197  11.586  -0.572  1.00 64.00 ? 21  ASN A CB  1 
ATOM   80   C  CG  . ASN A 1 21  ? 24.997  12.873  -0.425  1.00 65.54 ? 21  ASN A CG  1 
ATOM   81   O  OD1 . ASN A 1 21  ? 24.923  13.762  -1.275  1.00 66.54 ? 21  ASN A OD1 1 
ATOM   82   N  ND2 . ASN A 1 21  ? 25.758  12.983  0.659   1.00 65.42 ? 21  ASN A ND2 1 
ATOM   83   N  N   . ASP A 1 22  ? 23.657  8.469   -0.443  1.00 63.65 ? 22  ASP A N   1 
ATOM   84   C  CA  . ASP A 1 22  ? 22.740  7.338   -0.507  1.00 64.78 ? 22  ASP A CA  1 
ATOM   85   C  C   . ASP A 1 22  ? 22.925  6.443   0.712   1.00 64.21 ? 22  ASP A C   1 
ATOM   86   O  O   . ASP A 1 22  ? 21.965  6.118   1.405   1.00 62.87 ? 22  ASP A O   1 
ATOM   87   C  CB  . ASP A 1 22  ? 22.987  6.509   -1.766  1.00 66.99 ? 22  ASP A CB  1 
ATOM   88   C  CG  . ASP A 1 22  ? 22.441  5.097   -1.643  1.00 69.43 ? 22  ASP A CG  1 
ATOM   89   O  OD1 . ASP A 1 22  ? 21.215  4.948   -1.452  1.00 70.39 ? 22  ASP A OD1 1 
ATOM   90   O  OD2 . ASP A 1 22  ? 23.239  4.137   -1.723  1.00 71.03 ? 22  ASP A OD2 1 
ATOM   91   N  N   . ASP A 1 23  ? 24.169  6.041   0.955   1.00 64.13 ? 23  ASP A N   1 
ATOM   92   C  CA  . ASP A 1 23  ? 24.488  5.185   2.088   1.00 65.30 ? 23  ASP A CA  1 
ATOM   93   C  C   . ASP A 1 23  ? 23.946  5.785   3.377   1.00 65.18 ? 23  ASP A C   1 
ATOM   94   O  O   . ASP A 1 23  ? 23.319  5.090   4.174   1.00 64.90 ? 23  ASP A O   1 
ATOM   95   C  CB  . ASP A 1 23  ? 26.003  4.988   2.196   1.00 66.39 ? 23  ASP A CB  1 
ATOM   96   C  CG  . ASP A 1 23  ? 26.577  4.220   1.019   1.00 67.28 ? 23  ASP A CG  1 
ATOM   97   O  OD1 . ASP A 1 23  ? 27.804  3.984   0.998   1.00 67.56 ? 23  ASP A OD1 1 
ATOM   98   O  OD2 . ASP A 1 23  ? 25.798  3.852   0.113   1.00 67.89 ? 23  ASP A OD2 1 
ATOM   99   N  N   . ASP A 1 24  ? 24.188  7.078   3.575   1.00 65.19 ? 24  ASP A N   1 
ATOM   100  C  CA  . ASP A 1 24  ? 23.712  7.773   4.766   1.00 65.73 ? 24  ASP A CA  1 
ATOM   101  C  C   . ASP A 1 24  ? 22.184  7.782   4.797   1.00 65.58 ? 24  ASP A C   1 
ATOM   102  O  O   . ASP A 1 24  ? 21.577  7.696   5.865   1.00 64.73 ? 24  ASP A O   1 
ATOM   103  C  CB  . ASP A 1 24  ? 24.253  9.207   4.794   1.00 66.24 ? 24  ASP A CB  1 
ATOM   104  C  CG  . ASP A 1 24  ? 25.719  9.271   5.195   1.00 67.19 ? 24  ASP A CG  1 
ATOM   105  O  OD1 . ASP A 1 24  ? 26.492  8.385   4.777   1.00 66.26 ? 24  ASP A OD1 1 
ATOM   106  O  OD2 . ASP A 1 24  ? 26.102  10.215  5.922   1.00 68.91 ? 24  ASP A OD2 1 
ATOM   107  N  N   . ARG A 1 25  ? 21.569  7.882   3.623   1.00 65.15 ? 25  ARG A N   1 
ATOM   108  C  CA  . ARG A 1 25  ? 20.116  7.889   3.530   1.00 65.65 ? 25  ARG A CA  1 
ATOM   109  C  C   . ARG A 1 25  ? 19.578  6.566   4.065   1.00 65.66 ? 25  ARG A C   1 
ATOM   110  O  O   . ARG A 1 25  ? 18.721  6.547   4.948   1.00 65.46 ? 25  ARG A O   1 
ATOM   111  C  CB  . ARG A 1 25  ? 19.681  8.094   2.082   1.00 65.40 ? 25  ARG A CB  1 
ATOM   112  N  N   . GLN A 1 26  ? 20.089  5.460   3.530   1.00 66.14 ? 26  GLN A N   1 
ATOM   113  C  CA  . GLN A 1 26  ? 19.657  4.137   3.965   1.00 66.62 ? 26  GLN A CA  1 
ATOM   114  C  C   . GLN A 1 26  ? 19.904  3.977   5.458   1.00 66.29 ? 26  GLN A C   1 
ATOM   115  O  O   . GLN A 1 26  ? 19.111  3.354   6.164   1.00 65.14 ? 26  GLN A O   1 
ATOM   116  C  CB  . GLN A 1 26  ? 20.410  3.042   3.205   1.00 67.89 ? 26  GLN A CB  1 
ATOM   117  C  CG  . GLN A 1 26  ? 20.233  3.091   1.694   1.00 70.18 ? 26  GLN A CG  1 
ATOM   118  C  CD  . GLN A 1 26  ? 20.634  1.790   1.020   1.00 71.70 ? 26  GLN A CD  1 
ATOM   119  O  OE1 . GLN A 1 26  ? 20.661  1.694   -0.209  1.00 71.76 ? 26  GLN A OE1 1 
ATOM   120  N  NE2 . GLN A 1 26  ? 20.940  0.777   1.824   1.00 73.12 ? 26  GLN A NE2 1 
ATOM   121  N  N   . ALA A 1 27  ? 21.010  4.543   5.934   1.00 64.90 ? 27  ALA A N   1 
ATOM   122  C  CA  . ALA A 1 27  ? 21.359  4.471   7.347   1.00 64.63 ? 27  ALA A CA  1 
ATOM   123  C  C   . ALA A 1 27  ? 20.251  5.094   8.194   1.00 63.96 ? 27  ALA A C   1 
ATOM   124  O  O   . ALA A 1 27  ? 19.807  4.504   9.183   1.00 63.83 ? 27  ALA A O   1 
ATOM   125  C  CB  . ALA A 1 27  ? 22.685  5.189   7.599   1.00 65.43 ? 27  ALA A CB  1 
ATOM   126  N  N   . ARG A 1 28  ? 19.811  6.288   7.802   1.00 62.56 ? 28  ARG A N   1 
ATOM   127  C  CA  . ARG A 1 28  ? 18.748  6.991   8.516   1.00 61.35 ? 28  ARG A CA  1 
ATOM   128  C  C   . ARG A 1 28  ? 17.461  6.177   8.436   1.00 59.52 ? 28  ARG A C   1 
ATOM   129  O  O   . ARG A 1 28  ? 16.695  6.107   9.398   1.00 57.43 ? 28  ARG A O   1 
ATOM   130  C  CB  . ARG A 1 28  ? 18.511  8.374   7.904   1.00 62.97 ? 28  ARG A CB  1 
ATOM   131  C  CG  . ARG A 1 28  ? 19.629  9.381   8.135   1.00 65.40 ? 28  ARG A CG  1 
ATOM   132  C  CD  . ARG A 1 28  ? 19.351  10.655  7.353   1.00 66.87 ? 28  ARG A CD  1 
ATOM   133  N  NE  . ARG A 1 28  ? 19.303  10.384  5.919   1.00 69.57 ? 28  ARG A NE  1 
ATOM   134  C  CZ  . ARG A 1 28  ? 18.931  11.268  4.999   1.00 70.97 ? 28  ARG A CZ  1 
ATOM   135  N  NH1 . ARG A 1 28  ? 18.568  12.490  5.361   1.00 72.75 ? 28  ARG A NH1 1 
ATOM   136  N  NH2 . ARG A 1 28  ? 18.921  10.925  3.716   1.00 71.82 ? 28  ARG A NH2 1 
ATOM   137  N  N   . ALA A 1 29  ? 17.229  5.570   7.276   1.00 57.31 ? 29  ALA A N   1 
ATOM   138  C  CA  . ALA A 1 29  ? 16.047  4.745   7.066   1.00 57.73 ? 29  ALA A CA  1 
ATOM   139  C  C   . ALA A 1 29  ? 16.027  3.660   8.139   1.00 57.09 ? 29  ALA A C   1 
ATOM   140  O  O   . ALA A 1 29  ? 15.122  3.608   8.971   1.00 58.05 ? 29  ALA A O   1 
ATOM   141  C  CB  . ALA A 1 29  ? 16.091  4.116   5.682   1.00 56.41 ? 29  ALA A CB  1 
ATOM   142  N  N   . LEU A 1 30  ? 17.040  2.802   8.117   1.00 56.97 ? 30  LEU A N   1 
ATOM   143  C  CA  . LEU A 1 30  ? 17.151  1.722   9.090   1.00 56.63 ? 30  LEU A CA  1 
ATOM   144  C  C   . LEU A 1 30  ? 17.039  2.239   10.522  1.00 56.79 ? 30  LEU A C   1 
ATOM   145  O  O   . LEU A 1 30  ? 16.275  1.704   11.329  1.00 55.31 ? 30  LEU A O   1 
ATOM   146  C  CB  . LEU A 1 30  ? 18.486  0.992   8.911   1.00 56.67 ? 30  LEU A CB  1 
ATOM   147  C  CG  . LEU A 1 30  ? 18.613  -0.027  7.775   1.00 57.48 ? 30  LEU A CG  1 
ATOM   148  C  CD1 . LEU A 1 30  ? 17.647  -1.182  8.026   1.00 57.74 ? 30  LEU A CD1 1 
ATOM   149  C  CD2 . LEU A 1 30  ? 18.330  0.628   6.441   1.00 57.63 ? 30  LEU A CD2 1 
ATOM   150  N  N   . ALA A 1 31  ? 17.803  3.282   10.831  1.00 57.00 ? 31  ALA A N   1 
ATOM   151  C  CA  . ALA A 1 31  ? 17.805  3.863   12.168  1.00 58.01 ? 31  ALA A CA  1 
ATOM   152  C  C   . ALA A 1 31  ? 16.431  4.375   12.580  1.00 58.73 ? 31  ALA A C   1 
ATOM   153  O  O   . ALA A 1 31  ? 15.999  4.164   13.717  1.00 57.82 ? 31  ALA A O   1 
ATOM   154  C  CB  . ALA A 1 31  ? 18.827  4.993   12.245  1.00 58.88 ? 31  ALA A CB  1 
ATOM   155  N  N   . ALA A 1 32  ? 15.747  5.046   11.656  1.00 58.74 ? 32  ALA A N   1 
ATOM   156  C  CA  . ALA A 1 32  ? 14.423  5.587   11.929  1.00 59.29 ? 32  ALA A CA  1 
ATOM   157  C  C   . ALA A 1 32  ? 13.423  4.472   12.202  1.00 60.07 ? 32  ALA A C   1 
ATOM   158  O  O   . ALA A 1 32  ? 12.473  4.651   12.970  1.00 59.98 ? 32  ALA A O   1 
ATOM   159  C  CB  . ALA A 1 32  ? 13.951  6.435   10.756  1.00 59.18 ? 32  ALA A CB  1 
ATOM   160  N  N   . LEU A 1 33  ? 13.639  3.317   11.579  1.00 60.49 ? 33  LEU A N   1 
ATOM   161  C  CA  . LEU A 1 33  ? 12.750  2.177   11.768  1.00 61.41 ? 33  LEU A CA  1 
ATOM   162  C  C   . LEU A 1 33  ? 12.775  1.726   13.231  1.00 63.26 ? 33  LEU A C   1 
ATOM   163  O  O   . LEU A 1 33  ? 12.031  0.826   13.626  1.00 62.65 ? 33  LEU A O   1 
ATOM   164  C  CB  . LEU A 1 33  ? 13.170  1.016   10.863  1.00 59.59 ? 33  LEU A CB  1 
ATOM   165  C  CG  . LEU A 1 33  ? 12.093  0.365   9.985   1.00 58.48 ? 33  LEU A CG  1 
ATOM   166  C  CD1 . LEU A 1 33  ? 12.596  -0.985  9.517   1.00 56.39 ? 33  LEU A CD1 1 
ATOM   167  C  CD2 . LEU A 1 33  ? 10.796  0.189   10.759  1.00 56.77 ? 33  LEU A CD2 1 
ATOM   168  N  N   . ALA A 1 34  ? 13.640  2.357   14.024  1.00 65.56 ? 34  ALA A N   1 
ATOM   169  C  CA  . ALA A 1 34  ? 13.769  2.046   15.446  1.00 67.37 ? 34  ALA A CA  1 
ATOM   170  C  C   . ALA A 1 34  ? 12.380  1.857   16.045  1.00 69.01 ? 34  ALA A C   1 
ATOM   171  O  O   . ALA A 1 34  ? 12.135  0.896   16.776  1.00 70.53 ? 34  ALA A O   1 
ATOM   172  C  CB  . ALA A 1 34  ? 14.495  3.170   16.158  1.00 66.71 ? 34  ALA A CB  1 
ATOM   173  N  N   . GLU A 1 35  ? 11.477  2.785   15.738  1.00 69.25 ? 35  GLU A N   1 
ATOM   174  C  CA  . GLU A 1 35  ? 10.102  2.692   16.216  1.00 69.48 ? 35  GLU A CA  1 
ATOM   175  C  C   . GLU A 1 35  ? 9.435   1.652   15.315  1.00 69.43 ? 35  GLU A C   1 
ATOM   176  O  O   . GLU A 1 35  ? 8.587   1.979   14.483  1.00 69.18 ? 35  GLU A O   1 
ATOM   177  C  CB  . GLU A 1 35  ? 9.404   4.040   16.083  1.00 68.96 ? 35  GLU A CB  1 
ATOM   178  N  N   . LYS A 1 36  ? 9.849   0.400   15.489  1.00 68.92 ? 36  LYS A N   1 
ATOM   179  C  CA  . LYS A 1 36  ? 9.362   -0.732  14.707  1.00 68.02 ? 36  LYS A CA  1 
ATOM   180  C  C   . LYS A 1 36  ? 7.916   -0.666  14.220  1.00 67.45 ? 36  LYS A C   1 
ATOM   181  O  O   . LYS A 1 36  ? 7.663   -0.793  13.026  1.00 67.78 ? 36  LYS A O   1 
ATOM   182  C  CB  . LYS A 1 36  ? 9.592   -2.026  15.482  1.00 68.74 ? 36  LYS A CB  1 
ATOM   183  N  N   . PRO A 1 37  ? 6.944   -0.478  15.132  1.00 67.24 ? 37  PRO A N   1 
ATOM   184  C  CA  . PRO A 1 37  ? 5.543   -0.412  14.702  1.00 67.10 ? 37  PRO A CA  1 
ATOM   185  C  C   . PRO A 1 37  ? 5.107   0.981   14.245  1.00 66.46 ? 37  PRO A C   1 
ATOM   186  O  O   . PRO A 1 37  ? 5.927   1.802   13.836  1.00 65.55 ? 37  PRO A O   1 
ATOM   187  C  CB  . PRO A 1 37  ? 4.794   -0.871  15.943  1.00 67.44 ? 37  PRO A CB  1 
ATOM   188  C  CG  . PRO A 1 37  ? 5.587   -0.214  17.032  1.00 67.33 ? 37  PRO A CG  1 
ATOM   189  C  CD  . PRO A 1 37  ? 7.035   -0.466  16.606  1.00 67.99 ? 37  PRO A CD  1 
ATOM   190  N  N   . GLU A 1 42  ? 4.201   4.571   11.903  1.00 54.54 ? 42  GLU A N   1 
ATOM   191  C  CA  . GLU A 1 42  ? 3.702   4.904   10.573  1.00 54.70 ? 42  GLU A CA  1 
ATOM   192  C  C   . GLU A 1 42  ? 4.845   4.933   9.559   1.00 54.86 ? 42  GLU A C   1 
ATOM   193  O  O   . GLU A 1 42  ? 5.860   5.594   9.780   1.00 56.09 ? 42  GLU A O   1 
ATOM   194  C  CB  . GLU A 1 42  ? 2.993   6.253   10.610  1.00 54.57 ? 42  GLU A CB  1 
ATOM   195  N  N   . ALA A 1 43  ? 4.673   4.215   8.451   1.00 54.14 ? 43  ALA A N   1 
ATOM   196  C  CA  . ALA A 1 43  ? 5.684   4.137   7.396   1.00 54.12 ? 43  ALA A CA  1 
ATOM   197  C  C   . ALA A 1 43  ? 6.000   5.504   6.798   1.00 55.04 ? 43  ALA A C   1 
ATOM   198  O  O   . ALA A 1 43  ? 7.152   5.802   6.475   1.00 53.94 ? 43  ALA A O   1 
ATOM   199  C  CB  . ALA A 1 43  ? 5.216   3.183   6.292   1.00 54.13 ? 43  ALA A CB  1 
ATOM   200  N  N   . ILE A 1 44  ? 4.968   6.326   6.634   1.00 55.35 ? 44  ILE A N   1 
ATOM   201  C  CA  . ILE A 1 44  ? 5.144   7.663   6.078   1.00 57.03 ? 44  ILE A CA  1 
ATOM   202  C  C   . ILE A 1 44  ? 5.929   8.501   7.087   1.00 57.95 ? 44  ILE A C   1 
ATOM   203  O  O   . ILE A 1 44  ? 6.886   9.194   6.727   1.00 57.43 ? 44  ILE A O   1 
ATOM   204  C  CB  . ILE A 1 44  ? 3.777   8.336   5.783   1.00 55.97 ? 44  ILE A CB  1 
ATOM   205  C  CG1 . ILE A 1 44  ? 3.152   7.719   4.523   1.00 55.95 ? 44  ILE A CG1 1 
ATOM   206  C  CG2 . ILE A 1 44  ? 3.959   9.839   5.596   1.00 57.85 ? 44  ILE A CG2 1 
ATOM   207  C  CD1 . ILE A 1 44  ? 2.757   6.263   4.659   1.00 54.72 ? 44  ILE A CD1 1 
ATOM   208  N  N   . ALA A 1 45  ? 5.513   8.431   8.349   1.00 58.54 ? 45  ALA A N   1 
ATOM   209  C  CA  . ALA A 1 45  ? 6.184   9.159   9.416   1.00 59.80 ? 45  ALA A CA  1 
ATOM   210  C  C   . ALA A 1 45  ? 7.677   8.909   9.316   1.00 60.63 ? 45  ALA A C   1 
ATOM   211  O  O   . ALA A 1 45  ? 8.475   9.829   9.470   1.00 61.04 ? 45  ALA A O   1 
ATOM   212  C  CB  . ALA A 1 45  ? 5.670   8.702   10.783  1.00 60.21 ? 45  ALA A CB  1 
ATOM   213  N  N   . ALA A 1 46  ? 8.051   7.657   9.067   1.00 61.91 ? 46  ALA A N   1 
ATOM   214  C  CA  . ALA A 1 46  ? 9.451   7.307   8.943   1.00 61.80 ? 46  ALA A CA  1 
ATOM   215  C  C   . ALA A 1 46  ? 9.938   7.959   7.661   1.00 63.15 ? 46  ALA A C   1 
ATOM   216  O  O   . ALA A 1 46  ? 10.449  7.284   6.780   1.00 62.99 ? 46  ALA A O   1 
ATOM   217  C  CB  . ALA A 1 46  ? 9.618   5.770   8.874   1.00 62.05 ? 46  ALA A CB  1 
ATOM   218  N  N   . LYS A 1 47  ? 9.786   9.274   7.572   1.00 64.68 ? 47  LYS A N   1 
ATOM   219  C  CA  . LYS A 1 47  ? 10.192  10.034  6.405   1.00 64.57 ? 47  LYS A CA  1 
ATOM   220  C  C   . LYS A 1 47  ? 11.381  10.907  6.742   1.00 65.46 ? 47  LYS A C   1 
ATOM   221  O  O   . LYS A 1 47  ? 11.539  12.007  6.204   1.00 66.17 ? 47  LYS A O   1 
ATOM   222  C  CB  . LYS A 1 47  ? 9.021   10.916  5.939   1.00 64.67 ? 47  LYS A CB  1 
ATOM   223  N  N   . ALA A 1 48  ? 12.221  10.409  7.635   1.00 64.99 ? 48  ALA A N   1 
ATOM   224  C  CA  . ALA A 1 48  ? 13.396  11.125  8.081   1.00 64.63 ? 48  ALA A CA  1 
ATOM   225  C  C   . ALA A 1 48  ? 14.289  11.296  6.892   1.00 64.59 ? 48  ALA A C   1 
ATOM   226  O  O   . ALA A 1 48  ? 14.974  12.320  6.728   1.00 66.06 ? 48  ALA A O   1 
ATOM   227  C  CB  . ALA A 1 48  ? 14.105  10.338  9.147   1.00 63.98 ? 48  ALA A CB  1 
ATOM   228  N  N   . GLU A 1 49  ? 14.254  10.305  6.014   1.00 63.54 ? 49  GLU A N   1 
ATOM   229  C  CA  . GLU A 1 49  ? 15.120  10.301  4.848   1.00 61.77 ? 49  GLU A CA  1 
ATOM   230  C  C   . GLU A 1 49  ? 14.608  10.282  3.422   1.00 61.70 ? 49  GLU A C   1 
ATOM   231  O  O   . GLU A 1 49  ? 14.930  11.155  2.624   1.00 60.64 ? 49  GLU A O   1 
ATOM   232  C  CB  . GLU A 1 49  ? 16.048  9.168   4.987   1.00 62.95 ? 49  GLU A CB  1 
ATOM   233  N  N   . VAL A 1 50  ? 13.875  9.224   3.084   1.00 59.52 ? 50  VAL A N   1 
ATOM   234  C  CA  . VAL A 1 50  ? 13.408  9.034   1.714   1.00 57.14 ? 50  VAL A CA  1 
ATOM   235  C  C   . VAL A 1 50  ? 11.948  8.666   1.498   1.00 54.83 ? 50  VAL A C   1 
ATOM   236  O  O   . VAL A 1 50  ? 11.084  8.937   2.342   1.00 54.35 ? 50  VAL A O   1 
ATOM   237  C  CB  . VAL A 1 50  ? 14.291  8.010   1.039   1.00 57.71 ? 50  VAL A CB  1 
ATOM   238  N  N   . ALA A 1 51  ? 11.688  8.046   0.353   1.00 52.63 ? 51  ALA A N   1 
ATOM   239  C  CA  . ALA A 1 51  ? 10.346  7.620   -0.017  1.00 51.99 ? 51  ALA A CA  1 
ATOM   240  C  C   . ALA A 1 51  ? 9.778   6.391   0.712   1.00 50.38 ? 51  ALA A C   1 
ATOM   241  O  O   . ALA A 1 51  ? 10.500  5.445   1.031   1.00 49.40 ? 51  ALA A O   1 
ATOM   242  C  CB  . ALA A 1 51  ? 10.297  7.371   -1.523  1.00 51.79 ? 51  ALA A CB  1 
ATOM   243  N  N   . PRO A 1 52  ? 8.456   6.390   0.942   1.00 49.03 ? 52  PRO A N   1 
ATOM   244  C  CA  . PRO A 1 52  ? 7.758   5.295   1.615   1.00 48.52 ? 52  PRO A CA  1 
ATOM   245  C  C   . PRO A 1 52  ? 8.165   3.913   1.103   1.00 47.42 ? 52  PRO A C   1 
ATOM   246  O  O   . PRO A 1 52  ? 8.391   2.999   1.890   1.00 46.06 ? 52  PRO A O   1 
ATOM   247  C  CB  . PRO A 1 52  ? 6.293   5.618   1.349   1.00 47.81 ? 52  PRO A CB  1 
ATOM   248  C  CG  . PRO A 1 52  ? 6.289   7.117   1.421   1.00 47.66 ? 52  PRO A CG  1 
ATOM   249  C  CD  . PRO A 1 52  ? 7.518   7.474   0.598   1.00 48.43 ? 52  PRO A CD  1 
ATOM   250  N  N   . ALA A 1 53  ? 8.267   3.764   -0.213  1.00 47.36 ? 53  ALA A N   1 
ATOM   251  C  CA  . ALA A 1 53  ? 8.650   2.481   -0.803  1.00 48.29 ? 53  ALA A CA  1 
ATOM   252  C  C   . ALA A 1 53  ? 10.031  2.023   -0.333  1.00 49.97 ? 53  ALA A C   1 
ATOM   253  O  O   . ALA A 1 53  ? 10.363  0.833   -0.395  1.00 48.21 ? 53  ALA A O   1 
ATOM   254  C  CB  . ALA A 1 53  ? 8.630   2.568   -2.331  1.00 48.13 ? 53  ALA A CB  1 
ATOM   255  N  N   . GLU A 1 54  ? 10.839  2.965   0.136   1.00 50.17 ? 54  GLU A N   1 
ATOM   256  C  CA  . GLU A 1 54  ? 12.178  2.628   0.605   1.00 52.21 ? 54  GLU A CA  1 
ATOM   257  C  C   . GLU A 1 54  ? 12.138  2.083   2.031   1.00 51.03 ? 54  GLU A C   1 
ATOM   258  O  O   . GLU A 1 54  ? 12.978  1.272   2.415   1.00 51.29 ? 54  GLU A O   1 
ATOM   259  C  CB  . GLU A 1 54  ? 13.089  3.857   0.512   1.00 54.38 ? 54  GLU A CB  1 
ATOM   260  C  CG  . GLU A 1 54  ? 13.267  4.347   -0.923  1.00 58.26 ? 54  GLU A CG  1 
ATOM   261  C  CD  . GLU A 1 54  ? 14.141  5.583   -1.031  1.00 61.20 ? 54  GLU A CD  1 
ATOM   262  O  OE1 . GLU A 1 54  ? 15.306  5.528   -0.587  1.00 62.91 ? 54  GLU A OE1 1 
ATOM   263  O  OE2 . GLU A 1 54  ? 13.663  6.607   -1.564  1.00 61.07 ? 54  GLU A OE2 1 
ATOM   264  N  N   . ILE A 1 55  ? 11.150  2.521   2.804   1.00 49.24 ? 55  ILE A N   1 
ATOM   265  C  CA  . ILE A 1 55  ? 10.989  2.058   4.176   1.00 48.49 ? 55  ILE A CA  1 
ATOM   266  C  C   . ILE A 1 55  ? 10.305  0.683   4.107   1.00 47.07 ? 55  ILE A C   1 
ATOM   267  O  O   . ILE A 1 55  ? 10.556  -0.200  4.931   1.00 43.11 ? 55  ILE A O   1 
ATOM   268  C  CB  . ILE A 1 55  ? 10.136  3.066   4.994   1.00 50.52 ? 55  ILE A CB  1 
ATOM   269  C  CG1 . ILE A 1 55  ? 10.412  2.909   6.489   1.00 53.40 ? 55  ILE A CG1 1 
ATOM   270  C  CG2 . ILE A 1 55  ? 8.654   2.868   4.705   1.00 53.63 ? 55  ILE A CG2 1 
ATOM   271  C  CD1 . ILE A 1 55  ? 9.848   1.660   7.102   1.00 54.64 ? 55  ILE A CD1 1 
ATOM   272  N  N   . LEU A 1 56  ? 9.453   0.512   3.101   1.00 45.63 ? 56  LEU A N   1 
ATOM   273  C  CA  . LEU A 1 56  ? 8.750   -0.743  2.878   1.00 44.50 ? 56  LEU A CA  1 
ATOM   274  C  C   . LEU A 1 56  ? 9.761   -1.838  2.523   1.00 43.81 ? 56  LEU A C   1 
ATOM   275  O  O   . LEU A 1 56  ? 9.693   -2.951  3.041   1.00 39.68 ? 56  LEU A O   1 
ATOM   276  C  CB  . LEU A 1 56  ? 7.736   -0.572  1.738   1.00 44.55 ? 56  LEU A CB  1 
ATOM   277  C  CG  . LEU A 1 56  ? 6.235   -0.576  2.064   1.00 45.77 ? 56  LEU A CG  1 
ATOM   278  C  CD1 . LEU A 1 56  ? 5.926   0.350   3.222   1.00 44.19 ? 56  LEU A CD1 1 
ATOM   279  C  CD2 . LEU A 1 56  ? 5.453   -0.169  0.816   1.00 44.37 ? 56  LEU A CD2 1 
ATOM   280  N  N   . ALA A 1 57  ? 10.705  -1.514  1.646   1.00 44.16 ? 57  ALA A N   1 
ATOM   281  C  CA  . ALA A 1 57  ? 11.721  -2.483  1.234   1.00 46.45 ? 57  ALA A CA  1 
ATOM   282  C  C   . ALA A 1 57  ? 12.679  -2.828  2.379   1.00 46.16 ? 57  ALA A C   1 
ATOM   283  O  O   . ALA A 1 57  ? 13.513  -3.722  2.255   1.00 45.34 ? 57  ALA A O   1 
ATOM   284  C  CB  . ALA A 1 57  ? 12.510  -1.938  0.043   1.00 47.14 ? 57  ALA A CB  1 
ATOM   285  N  N   . ILE A 1 58  ? 12.539  -2.124  3.496   1.00 46.43 ? 58  ILE A N   1 
ATOM   286  C  CA  . ILE A 1 58  ? 13.400  -2.338  4.653   1.00 47.51 ? 58  ILE A CA  1 
ATOM   287  C  C   . ILE A 1 58  ? 12.729  -3.117  5.798   1.00 46.50 ? 58  ILE A C   1 
ATOM   288  O  O   . ILE A 1 58  ? 13.386  -3.509  6.768   1.00 45.59 ? 58  ILE A O   1 
ATOM   289  C  CB  . ILE A 1 58  ? 13.957  -0.959  5.134   1.00 47.05 ? 58  ILE A CB  1 
ATOM   290  C  CG1 . ILE A 1 58  ? 15.323  -0.717  4.493   1.00 48.19 ? 58  ILE A CG1 1 
ATOM   291  C  CG2 . ILE A 1 58  ? 14.057  -0.890  6.638   1.00 49.15 ? 58  ILE A CG2 1 
ATOM   292  C  CD1 . ILE A 1 58  ? 15.320  -0.775  2.984   1.00 48.80 ? 58  ILE A CD1 1 
ATOM   293  N  N   . LEU A 1 59  ? 11.427  -3.357  5.669   1.00 44.63 ? 59  LEU A N   1 
ATOM   294  C  CA  . LEU A 1 59  ? 10.668  -4.102  6.675   1.00 44.06 ? 59  LEU A CA  1 
ATOM   295  C  C   . LEU A 1 59  ? 11.058  -5.579  6.662   1.00 42.34 ? 59  LEU A C   1 
ATOM   296  O  O   . LEU A 1 59  ? 11.641  -6.064  5.692   1.00 39.53 ? 59  LEU A O   1 
ATOM   297  C  CB  . LEU A 1 59  ? 9.167   -3.984  6.390   1.00 45.80 ? 59  LEU A CB  1 
ATOM   298  C  CG  . LEU A 1 59  ? 8.312   -2.892  7.043   1.00 48.07 ? 59  LEU A CG  1 
ATOM   299  C  CD1 . LEU A 1 59  ? 9.076   -1.594  7.160   1.00 47.78 ? 59  LEU A CD1 1 
ATOM   300  C  CD2 . LEU A 1 59  ? 7.042   -2.713  6.217   1.00 46.85 ? 59  LEU A CD2 1 
ATOM   301  N  N   . PRO A 1 60  ? 10.728  -6.319  7.736   1.00 41.86 ? 60  PRO A N   1 
ATOM   302  C  CA  . PRO A 1 60  ? 11.070  -7.746  7.784   1.00 43.37 ? 60  PRO A CA  1 
ATOM   303  C  C   . PRO A 1 60  ? 10.578  -8.486  6.533   1.00 43.15 ? 60  PRO A C   1 
ATOM   304  O  O   . PRO A 1 60  ? 9.516   -8.171  5.995   1.00 41.39 ? 60  PRO A O   1 
ATOM   305  C  CB  . PRO A 1 60  ? 10.368  -8.224  9.053   1.00 43.13 ? 60  PRO A CB  1 
ATOM   306  C  CG  . PRO A 1 60  ? 10.402  -7.013  9.931   1.00 43.86 ? 60  PRO A CG  1 
ATOM   307  C  CD  . PRO A 1 60  ? 10.028  -5.908  8.965   1.00 43.06 ? 60  PRO A CD  1 
ATOM   308  N  N   . GLN A 1 61  ? 11.351  -9.465  6.073   1.00 42.98 ? 61  GLN A N   1 
ATOM   309  C  CA  . GLN A 1 61  ? 10.969  -10.231 4.889   1.00 44.03 ? 61  GLN A CA  1 
ATOM   310  C  C   . GLN A 1 61  ? 9.548   -10.763 5.058   1.00 41.98 ? 61  GLN A C   1 
ATOM   311  O  O   . GLN A 1 61  ? 9.202   -11.296 6.108   1.00 38.39 ? 61  GLN A O   1 
ATOM   312  C  CB  . GLN A 1 61  ? 11.937  -11.397 4.673   1.00 47.28 ? 61  GLN A CB  1 
ATOM   313  C  CG  . GLN A 1 61  ? 11.805  -12.082 3.317   1.00 51.80 ? 61  GLN A CG  1 
ATOM   314  C  CD  . GLN A 1 61  ? 12.919  -13.088 3.057   1.00 55.80 ? 61  GLN A CD  1 
ATOM   315  O  OE1 . GLN A 1 61  ? 12.975  -13.711 1.992   1.00 57.04 ? 61  GLN A OE1 1 
ATOM   316  N  NE2 . GLN A 1 61  ? 13.814  -13.248 4.030   1.00 57.59 ? 61  GLN A NE2 1 
ATOM   317  N  N   . GLY A 1 62  ? 8.728   -10.594 4.025   1.00 39.91 ? 62  GLY A N   1 
ATOM   318  C  CA  . GLY A 1 62  ? 7.357   -11.066 4.080   1.00 38.44 ? 62  GLY A CA  1 
ATOM   319  C  C   . GLY A 1 62  ? 6.344   -10.017 4.500   1.00 37.19 ? 62  GLY A C   1 
ATOM   320  O  O   . GLY A 1 62  ? 5.151   -10.165 4.237   1.00 33.92 ? 62  GLY A O   1 
ATOM   321  N  N   . ALA A 1 63  ? 6.815   -8.957  5.152   1.00 36.30 ? 63  ALA A N   1 
ATOM   322  C  CA  . ALA A 1 63  ? 5.931   -7.889  5.616   1.00 37.23 ? 63  ALA A CA  1 
ATOM   323  C  C   . ALA A 1 63  ? 5.481   -6.976  4.473   1.00 35.77 ? 63  ALA A C   1 
ATOM   324  O  O   . ALA A 1 63  ? 4.438   -6.332  4.558   1.00 35.37 ? 63  ALA A O   1 
ATOM   325  C  CB  . ALA A 1 63  ? 6.628   -7.074  6.701   1.00 34.55 ? 63  ALA A CB  1 
ATOM   326  N  N   . ALA A 1 64  ? 6.278   -6.927  3.412   1.00 37.06 ? 64  ALA A N   1 
ATOM   327  C  CA  . ALA A 1 64  ? 5.972   -6.105  2.245   1.00 36.71 ? 64  ALA A CA  1 
ATOM   328  C  C   . ALA A 1 64  ? 6.228   -6.919  0.981   1.00 36.81 ? 64  ALA A C   1 
ATOM   329  O  O   . ALA A 1 64  ? 7.361   -7.029  0.518   1.00 37.04 ? 64  ALA A O   1 
ATOM   330  C  CB  . ALA A 1 64  ? 6.833   -4.848  2.251   1.00 36.17 ? 64  ALA A CB  1 
ATOM   331  N  N   . VAL A 1 65  ? 5.166   -7.502  0.435   1.00 36.52 ? 65  VAL A N   1 
ATOM   332  C  CA  . VAL A 1 65  ? 5.266   -8.319  -0.766  1.00 35.92 ? 65  VAL A CA  1 
ATOM   333  C  C   . VAL A 1 65  ? 4.622   -7.553  -1.909  1.00 36.23 ? 65  VAL A C   1 
ATOM   334  O  O   . VAL A 1 65  ? 3.445   -7.202  -1.833  1.00 32.75 ? 65  VAL A O   1 
ATOM   335  C  CB  . VAL A 1 65  ? 4.530   -9.667  -0.586  1.00 37.42 ? 65  VAL A CB  1 
ATOM   336  C  CG1 . VAL A 1 65  ? 4.681   -10.521 -1.840  1.00 36.29 ? 65  VAL A CG1 1 
ATOM   337  C  CG2 . VAL A 1 65  ? 5.079   -10.400 0.630   1.00 35.40 ? 65  VAL A CG2 1 
ATOM   338  N  N   . SER A 1 66  ? 5.396   -7.298  -2.960  1.00 34.85 ? 66  SER A N   1 
ATOM   339  C  CA  . SER A 1 66  ? 4.904   -6.555  -4.118  1.00 37.13 ? 66  SER A CA  1 
ATOM   340  C  C   . SER A 1 66  ? 4.559   -7.412  -5.332  1.00 37.12 ? 66  SER A C   1 
ATOM   341  O  O   . SER A 1 66  ? 5.199   -8.430  -5.599  1.00 35.05 ? 66  SER A O   1 
ATOM   342  C  CB  . SER A 1 66  ? 5.938   -5.508  -4.550  1.00 36.66 ? 66  SER A CB  1 
ATOM   343  O  OG  . SER A 1 66  ? 6.166   -4.549  -3.538  1.00 34.94 ? 66  SER A OG  1 
ATOM   344  N  N   . ALA A 1 67  ? 3.538   -6.977  -6.062  1.00 36.50 ? 67  ALA A N   1 
ATOM   345  C  CA  . ALA A 1 67  ? 3.100   -7.638  -7.278  1.00 36.19 ? 67  ALA A CA  1 
ATOM   346  C  C   . ALA A 1 67  ? 3.368   -6.612  -8.373  1.00 37.33 ? 67  ALA A C   1 
ATOM   347  O  O   . ALA A 1 67  ? 3.423   -5.415  -8.094  1.00 35.82 ? 67  ALA A O   1 
ATOM   348  C  CB  . ALA A 1 67  ? 1.603   -7.952  -7.207  1.00 36.32 ? 67  ALA A CB  1 
ATOM   349  N  N   . PRO A 1 68  ? 3.555   -7.061  -9.625  1.00 37.53 ? 68  PRO A N   1 
ATOM   350  C  CA  . PRO A 1 68  ? 3.814   -6.116  -10.717 1.00 37.63 ? 68  PRO A CA  1 
ATOM   351  C  C   . PRO A 1 68  ? 2.566   -5.292  -11.065 1.00 37.60 ? 68  PRO A C   1 
ATOM   352  O  O   . PRO A 1 68  ? 1.435   -5.774  -10.947 1.00 36.61 ? 68  PRO A O   1 
ATOM   353  C  CB  . PRO A 1 68  ? 4.267   -7.026  -11.856 1.00 39.43 ? 68  PRO A CB  1 
ATOM   354  C  CG  . PRO A 1 68  ? 3.501   -8.298  -11.594 1.00 41.71 ? 68  PRO A CG  1 
ATOM   355  C  CD  . PRO A 1 68  ? 3.626   -8.456  -10.096 1.00 38.67 ? 68  PRO A CD  1 
ATOM   356  N  N   . ALA A 1 69  ? 2.780   -4.051  -11.485 1.00 36.34 ? 69  ALA A N   1 
ATOM   357  C  CA  . ALA A 1 69  ? 1.689   -3.146  -11.833 1.00 38.10 ? 69  ALA A CA  1 
ATOM   358  C  C   . ALA A 1 69  ? 0.654   -3.744  -12.792 1.00 38.41 ? 69  ALA A C   1 
ATOM   359  O  O   . ALA A 1 69  ? -0.522  -3.384  -12.742 1.00 36.94 ? 69  ALA A O   1 
ATOM   360  C  CB  . ALA A 1 69  ? 2.258   -1.856  -12.417 1.00 38.39 ? 69  ALA A CB  1 
ATOM   361  N  N   . ASP A 1 70  ? 1.083   -4.658  -13.657 1.00 38.35 ? 70  ASP A N   1 
ATOM   362  C  CA  . ASP A 1 70  ? 0.165   -5.269  -14.611 1.00 39.87 ? 70  ASP A CA  1 
ATOM   363  C  C   . ASP A 1 70  ? -0.910  -6.135  -13.950 1.00 38.58 ? 70  ASP A C   1 
ATOM   364  O  O   . ASP A 1 70  ? -1.847  -6.570  -14.609 1.00 38.92 ? 70  ASP A O   1 
ATOM   365  C  CB  . ASP A 1 70  ? 0.938   -6.094  -15.649 1.00 44.02 ? 70  ASP A CB  1 
ATOM   366  C  CG  . ASP A 1 70  ? 1.703   -7.244  -15.032 1.00 46.04 ? 70  ASP A CG  1 
ATOM   367  O  OD1 . ASP A 1 70  ? 1.065   -8.117  -14.412 1.00 46.03 ? 70  ASP A OD1 1 
ATOM   368  O  OD2 . ASP A 1 70  ? 2.943   -7.276  -15.175 1.00 49.92 ? 70  ASP A OD2 1 
ATOM   369  N  N   . ARG A 1 71  ? -0.776  -6.383  -12.651 1.00 37.13 ? 71  ARG A N   1 
ATOM   370  C  CA  . ARG A 1 71  ? -1.762  -7.173  -11.919 1.00 36.06 ? 71  ARG A CA  1 
ATOM   371  C  C   . ARG A 1 71  ? -2.883  -6.279  -11.352 1.00 35.32 ? 71  ARG A C   1 
ATOM   372  O  O   . ARG A 1 71  ? -3.775  -6.760  -10.646 1.00 33.43 ? 71  ARG A O   1 
ATOM   373  C  CB  . ARG A 1 71  ? -1.085  -7.941  -10.774 1.00 38.86 ? 71  ARG A CB  1 
ATOM   374  C  CG  . ARG A 1 71  ? -0.189  -9.108  -11.215 1.00 41.69 ? 71  ARG A CG  1 
ATOM   375  C  CD  . ARG A 1 71  ? -0.964  -10.125 -12.057 1.00 44.46 ? 71  ARG A CD  1 
ATOM   376  N  NE  . ARG A 1 71  ? -1.033  -9.732  -13.462 1.00 46.08 ? 71  ARG A NE  1 
ATOM   377  C  CZ  . ARG A 1 71  ? -1.971  -10.136 -14.319 1.00 48.16 ? 71  ARG A CZ  1 
ATOM   378  N  NH1 . ARG A 1 71  ? -2.942  -10.947 -13.923 1.00 47.74 ? 71  ARG A NH1 1 
ATOM   379  N  NH2 . ARG A 1 71  ? -1.925  -9.733  -15.584 1.00 49.44 ? 71  ARG A NH2 1 
ATOM   380  N  N   . PHE A 1 72  ? -2.842  -4.989  -11.682 1.00 32.90 ? 72  PHE A N   1 
ATOM   381  C  CA  . PHE A 1 72  ? -3.829  -4.019  -11.195 1.00 33.34 ? 72  PHE A CA  1 
ATOM   382  C  C   . PHE A 1 72  ? -5.276  -4.518  -11.282 1.00 33.45 ? 72  PHE A C   1 
ATOM   383  O  O   . PHE A 1 72  ? -5.960  -4.628  -10.265 1.00 30.84 ? 72  PHE A O   1 
ATOM   384  C  CB  . PHE A 1 72  ? -3.672  -2.697  -11.958 1.00 32.45 ? 72  PHE A CB  1 
ATOM   385  C  CG  . PHE A 1 72  ? -4.525  -1.562  -11.428 1.00 35.13 ? 72  PHE A CG  1 
ATOM   386  C  CD1 . PHE A 1 72  ? -5.879  -1.481  -11.738 1.00 34.88 ? 72  PHE A CD1 1 
ATOM   387  C  CD2 . PHE A 1 72  ? -3.958  -0.561  -10.646 1.00 34.55 ? 72  PHE A CD2 1 
ATOM   388  C  CE1 . PHE A 1 72  ? -6.657  -0.414  -11.280 1.00 35.44 ? 72  PHE A CE1 1 
ATOM   389  C  CE2 . PHE A 1 72  ? -4.722  0.509   -10.180 1.00 35.93 ? 72  PHE A CE2 1 
ATOM   390  C  CZ  . PHE A 1 72  ? -6.073  0.583   -10.497 1.00 36.68 ? 72  PHE A CZ  1 
ATOM   391  N  N   . ASP A 1 73  ? -5.734  -4.819  -12.495 1.00 33.37 ? 73  ASP A N   1 
ATOM   392  C  CA  . ASP A 1 73  ? -7.098  -5.304  -12.713 1.00 34.06 ? 73  ASP A CA  1 
ATOM   393  C  C   . ASP A 1 73  ? -7.431  -6.600  -11.971 1.00 32.85 ? 73  ASP A C   1 
ATOM   394  O  O   . ASP A 1 73  ? -8.513  -6.731  -11.399 1.00 33.89 ? 73  ASP A O   1 
ATOM   395  C  CB  . ASP A 1 73  ? -7.338  -5.504  -14.212 1.00 38.32 ? 73  ASP A CB  1 
ATOM   396  C  CG  . ASP A 1 73  ? -7.675  -4.212  -14.925 1.00 41.98 ? 73  ASP A CG  1 
ATOM   397  O  OD1 . ASP A 1 73  ? -7.011  -3.189  -14.667 1.00 41.76 ? 73  ASP A OD1 1 
ATOM   398  O  OD2 . ASP A 1 73  ? -8.609  -4.224  -15.750 1.00 47.37 ? 73  ASP A OD2 1 
ATOM   399  N  N   . ALA A 1 74  ? -6.514  -7.562  -11.988 1.00 29.80 ? 74  ALA A N   1 
ATOM   400  C  CA  . ALA A 1 74  ? -6.755  -8.836  -11.314 1.00 31.06 ? 74  ALA A CA  1 
ATOM   401  C  C   . ALA A 1 74  ? -6.908  -8.638  -9.810  1.00 30.74 ? 74  ALA A C   1 
ATOM   402  O  O   . ALA A 1 74  ? -7.787  -9.230  -9.172  1.00 28.54 ? 74  ALA A O   1 
ATOM   403  C  CB  . ALA A 1 74  ? -5.610  -9.808  -11.592 1.00 32.89 ? 74  ALA A CB  1 
ATOM   404  N  N   . ILE A 1 75  ? -6.048  -7.799  -9.245  1.00 30.13 ? 75  ILE A N   1 
ATOM   405  C  CA  . ILE A 1 75  ? -6.086  -7.539  -7.815  1.00 31.25 ? 75  ILE A CA  1 
ATOM   406  C  C   . ILE A 1 75  ? -7.343  -6.771  -7.421  1.00 31.18 ? 75  ILE A C   1 
ATOM   407  O  O   . ILE A 1 75  ? -7.982  -7.093  -6.415  1.00 29.66 ? 75  ILE A O   1 
ATOM   408  C  CB  . ILE A 1 75  ? -4.802  -6.800  -7.368  1.00 29.93 ? 75  ILE A CB  1 
ATOM   409  C  CG1 . ILE A 1 75  ? -3.609  -7.760  -7.510  1.00 32.07 ? 75  ILE A CG1 1 
ATOM   410  C  CG2 . ILE A 1 75  ? -4.937  -6.305  -5.925  1.00 28.93 ? 75  ILE A CG2 1 
ATOM   411  C  CD1 . ILE A 1 75  ? -2.235  -7.130  -7.271  1.00 34.06 ? 75  ILE A CD1 1 
ATOM   412  N  N   . TRP A 1 76  ? -7.710  -5.770  -8.214  1.00 31.00 ? 76  TRP A N   1 
ATOM   413  C  CA  . TRP A 1 76  ? -8.916  -5.002  -7.927  1.00 33.02 ? 76  TRP A CA  1 
ATOM   414  C  C   . TRP A 1 76  ? -10.137 -5.927  -7.977  1.00 33.30 ? 76  TRP A C   1 
ATOM   415  O  O   . TRP A 1 76  ? -10.984 -5.895  -7.091  1.00 31.86 ? 76  TRP A O   1 
ATOM   416  C  CB  . TRP A 1 76  ? -9.078  -3.868  -8.941  1.00 32.77 ? 76  TRP A CB  1 
ATOM   417  C  CG  . TRP A 1 76  ? -10.220 -2.968  -8.642  1.00 34.05 ? 76  TRP A CG  1 
ATOM   418  C  CD1 . TRP A 1 76  ? -11.502 -3.086  -9.100  1.00 34.64 ? 76  TRP A CD1 1 
ATOM   419  C  CD2 . TRP A 1 76  ? -10.204 -1.813  -7.790  1.00 35.17 ? 76  TRP A CD2 1 
ATOM   420  N  NE1 . TRP A 1 76  ? -12.282 -2.080  -8.587  1.00 35.30 ? 76  TRP A NE1 1 
ATOM   421  C  CE2 . TRP A 1 76  ? -11.515 -1.287  -7.775  1.00 35.44 ? 76  TRP A CE2 1 
ATOM   422  C  CE3 . TRP A 1 76  ? -9.210  -1.180  -7.030  1.00 34.98 ? 76  TRP A CE3 1 
ATOM   423  C  CZ2 . TRP A 1 76  ? -11.860 -0.143  -7.039  1.00 33.47 ? 76  TRP A CZ2 1 
ATOM   424  C  CZ3 . TRP A 1 76  ? -9.551  -0.041  -6.294  1.00 33.14 ? 76  TRP A CZ3 1 
ATOM   425  C  CH2 . TRP A 1 76  ? -10.869 0.460   -6.302  1.00 35.29 ? 76  TRP A CH2 1 
ATOM   426  N  N   . ASN A 1 77  ? -10.224 -6.749  -9.019  1.00 33.81 ? 77  ASN A N   1 
ATOM   427  C  CA  . ASN A 1 77  ? -11.350 -7.675  -9.158  1.00 37.26 ? 77  ASN A CA  1 
ATOM   428  C  C   . ASN A 1 77  ? -11.388 -8.620  -7.958  1.00 35.47 ? 77  ASN A C   1 
ATOM   429  O  O   . ASN A 1 77  ? -12.452 -8.915  -7.409  1.00 33.21 ? 77  ASN A O   1 
ATOM   430  C  CB  . ASN A 1 77  ? -11.221 -8.493  -10.448 1.00 40.59 ? 77  ASN A CB  1 
ATOM   431  C  CG  . ASN A 1 77  ? -12.296 -9.560  -10.567 1.00 47.51 ? 77  ASN A CG  1 
ATOM   432  O  OD1 . ASN A 1 77  ? -13.486 -9.250  -10.648 1.00 50.93 ? 77  ASN A OD1 1 
ATOM   433  N  ND2 . ASN A 1 77  ? -11.883 -10.827 -10.567 1.00 49.91 ? 77  ASN A ND2 1 
ATOM   434  N  N   . GLU A 1 78  ? -10.214 -9.085  -7.560  1.00 33.52 ? 78  GLU A N   1 
ATOM   435  C  CA  . GLU A 1 78  ? -10.079 -9.984  -6.426  1.00 35.23 ? 78  GLU A CA  1 
ATOM   436  C  C   . GLU A 1 78  ? -10.638 -9.323  -5.161  1.00 33.45 ? 78  GLU A C   1 
ATOM   437  O  O   . GLU A 1 78  ? -11.483 -9.893  -4.460  1.00 31.50 ? 78  GLU A O   1 
ATOM   438  C  CB  . GLU A 1 78  ? -8.599  -10.327 -6.223  1.00 39.47 ? 78  GLU A CB  1 
ATOM   439  C  CG  . GLU A 1 78  ? -8.339  -11.517 -5.338  1.00 48.03 ? 78  GLU A CG  1 
ATOM   440  C  CD  . GLU A 1 78  ? -8.722  -12.823 -6.009  1.00 49.59 ? 78  GLU A CD  1 
ATOM   441  O  OE1 . GLU A 1 78  ? -8.012  -13.243 -6.950  1.00 53.09 ? 78  GLU A OE1 1 
ATOM   442  O  OE2 . GLU A 1 78  ? -9.737  -13.418 -5.602  1.00 49.05 ? 78  GLU A OE2 1 
HETATM 443  N  N   . MSE A 1 79  ? -10.176 -8.110  -4.880  1.00 29.40 ? 79  MSE A N   1 
HETATM 444  C  CA  . MSE A 1 79  ? -10.623 -7.402  -3.683  1.00 31.01 ? 79  MSE A CA  1 
HETATM 445  C  C   . MSE A 1 79  ? -12.114 -7.066  -3.686  1.00 30.35 ? 79  MSE A C   1 
HETATM 446  O  O   . MSE A 1 79  ? -12.725 -6.944  -2.628  1.00 26.83 ? 79  MSE A O   1 
HETATM 447  C  CB  . MSE A 1 79  ? -9.797  -6.130  -3.485  1.00 28.72 ? 79  MSE A CB  1 
HETATM 448  C  CG  . MSE A 1 79  ? -8.311  -6.406  -3.281  1.00 30.76 ? 79  MSE A CG  1 
HETATM 449  SE SE  . MSE A 1 79  ? -7.322  -4.799  -2.815  1.00 38.02 ? 79  MSE A SE  1 
HETATM 450  C  CE  . MSE A 1 79  ? -7.593  -3.782  -4.452  1.00 31.05 ? 79  MSE A CE  1 
ATOM   451  N  N   . ARG A 1 80  ? -12.701 -6.919  -4.869  1.00 30.48 ? 80  ARG A N   1 
ATOM   452  C  CA  . ARG A 1 80  ? -14.125 -6.617  -4.951  1.00 31.79 ? 80  ARG A CA  1 
ATOM   453  C  C   . ARG A 1 80  ? -14.948 -7.739  -4.314  1.00 33.12 ? 80  ARG A C   1 
ATOM   454  O  O   . ARG A 1 80  ? -16.108 -7.545  -3.965  1.00 31.98 ? 80  ARG A O   1 
ATOM   455  C  CB  . ARG A 1 80  ? -14.555 -6.424  -6.408  1.00 33.63 ? 80  ARG A CB  1 
ATOM   456  C  CG  . ARG A 1 80  ? -14.004 -5.159  -7.056  1.00 37.48 ? 80  ARG A CG  1 
ATOM   457  C  CD  . ARG A 1 80  ? -14.644 -4.921  -8.408  1.00 42.15 ? 80  ARG A CD  1 
ATOM   458  N  NE  . ARG A 1 80  ? -16.095 -4.911  -8.284  1.00 45.87 ? 80  ARG A NE  1 
ATOM   459  C  CZ  . ARG A 1 80  ? -16.890 -5.868  -8.750  1.00 50.78 ? 80  ARG A CZ  1 
ATOM   460  N  NH1 . ARG A 1 80  ? -16.376 -6.916  -9.387  1.00 50.87 ? 80  ARG A NH1 1 
ATOM   461  N  NH2 . ARG A 1 80  ? -18.199 -5.789  -8.556  1.00 51.69 ? 80  ARG A NH2 1 
ATOM   462  N  N   . GLY A 1 81  ? -14.342 -8.912  -4.161  1.00 34.67 ? 81  GLY A N   1 
ATOM   463  C  CA  . GLY A 1 81  ? -15.056 -10.025 -3.559  1.00 36.01 ? 81  GLY A CA  1 
ATOM   464  C  C   . GLY A 1 81  ? -14.774 -10.144 -2.074  1.00 37.19 ? 81  GLY A C   1 
ATOM   465  O  O   . GLY A 1 81  ? -15.285 -11.046 -1.414  1.00 37.29 ? 81  GLY A O   1 
ATOM   466  N  N   . TRP A 1 82  ? -13.975 -9.221  -1.542  1.00 34.65 ? 82  TRP A N   1 
ATOM   467  C  CA  . TRP A 1 82  ? -13.608 -9.243  -0.126  1.00 35.17 ? 82  TRP A CA  1 
ATOM   468  C  C   . TRP A 1 82  ? -14.660 -8.667  0.813   1.00 35.15 ? 82  TRP A C   1 
ATOM   469  O  O   . TRP A 1 82  ? -14.522 -8.765  2.029   1.00 34.26 ? 82  TRP A O   1 
ATOM   470  C  CB  . TRP A 1 82  ? -12.297 -8.484  0.097   1.00 31.97 ? 82  TRP A CB  1 
ATOM   471  C  CG  . TRP A 1 82  ? -11.062 -9.120  -0.485  1.00 31.59 ? 82  TRP A CG  1 
ATOM   472  C  CD1 . TRP A 1 82  ? -10.996 -10.205 -1.319  1.00 30.58 ? 82  TRP A CD1 1 
ATOM   473  C  CD2 . TRP A 1 82  ? -9.711  -8.680  -0.294  1.00 29.98 ? 82  TRP A CD2 1 
ATOM   474  N  NE1 . TRP A 1 82  ? -9.687  -10.463 -1.655  1.00 29.31 ? 82  TRP A NE1 1 
ATOM   475  C  CE2 . TRP A 1 82  ? -8.877  -9.544  -1.041  1.00 31.71 ? 82  TRP A CE2 1 
ATOM   476  C  CE3 . TRP A 1 82  ? -9.124  -7.636  0.437   1.00 31.19 ? 82  TRP A CE3 1 
ATOM   477  C  CZ2 . TRP A 1 82  ? -7.481  -9.396  -1.080  1.00 32.27 ? 82  TRP A CZ2 1 
ATOM   478  C  CZ3 . TRP A 1 82  ? -7.730  -7.486  0.399   1.00 29.65 ? 82  TRP A CZ3 1 
ATOM   479  C  CH2 . TRP A 1 82  ? -6.927  -8.367  -0.356  1.00 30.76 ? 82  TRP A CH2 1 
ATOM   480  N  N   . GLY A 1 83  ? -15.706 -8.068  0.263   1.00 36.77 ? 83  GLY A N   1 
ATOM   481  C  CA  . GLY A 1 83  ? -16.731 -7.486  1.105   1.00 36.86 ? 83  GLY A CA  1 
ATOM   482  C  C   . GLY A 1 83  ? -16.393 -6.042  1.423   1.00 37.67 ? 83  GLY A C   1 
ATOM   483  O  O   . GLY A 1 83  ? -15.710 -5.378  0.646   1.00 38.53 ? 83  GLY A O   1 
ATOM   484  N  N   . GLU A 1 84  ? -16.854 -5.549  2.566   1.00 38.47 ? 84  GLU A N   1 
ATOM   485  C  CA  . GLU A 1 84  ? -16.582 -4.165  2.942   1.00 38.84 ? 84  GLU A CA  1 
ATOM   486  C  C   . GLU A 1 84  ? -15.166 -3.977  3.479   1.00 35.61 ? 84  GLU A C   1 
ATOM   487  O  O   . GLU A 1 84  ? -14.812 -4.506  4.528   1.00 36.61 ? 84  GLU A O   1 
ATOM   488  C  CB  . GLU A 1 84  ? -17.593 -3.686  3.991   1.00 40.43 ? 84  GLU A CB  1 
ATOM   489  C  CG  . GLU A 1 84  ? -17.463 -2.204  4.333   1.00 45.28 ? 84  GLU A CG  1 
ATOM   490  C  CD  . GLU A 1 84  ? -18.373 -1.778  5.476   1.00 49.26 ? 84  GLU A CD  1 
ATOM   491  O  OE1 . GLU A 1 84  ? -18.351 -0.586  5.847   1.00 51.85 ? 84  GLU A OE1 1 
ATOM   492  O  OE2 . GLU A 1 84  ? -19.110 -2.635  6.004   1.00 52.03 ? 84  GLU A OE2 1 
ATOM   493  N  N   . ILE A 1 85  ? -14.357 -3.224  2.747   1.00 32.20 ? 85  ILE A N   1 
ATOM   494  C  CA  . ILE A 1 85  ? -12.986 -2.953  3.159   1.00 31.87 ? 85  ILE A CA  1 
ATOM   495  C  C   . ILE A 1 85  ? -12.877 -1.488  3.587   1.00 29.67 ? 85  ILE A C   1 
ATOM   496  O  O   . ILE A 1 85  ? -13.885 -0.794  3.710   1.00 27.67 ? 85  ILE A O   1 
ATOM   497  C  CB  . ILE A 1 85  ? -11.984 -3.251  1.997   1.00 31.34 ? 85  ILE A CB  1 
ATOM   498  C  CG1 . ILE A 1 85  ? -12.431 -2.576  0.691   1.00 32.16 ? 85  ILE A CG1 1 
ATOM   499  C  CG2 . ILE A 1 85  ? -11.901 -4.752  1.772   1.00 30.88 ? 85  ILE A CG2 1 
ATOM   500  C  CD1 . ILE A 1 85  ? -12.333 -1.045  0.673   1.00 32.46 ? 85  ILE A CD1 1 
ATOM   501  N  N   . LEU A 1 86  ? -11.664 -1.015  3.840   1.00 28.54 ? 86  LEU A N   1 
ATOM   502  C  CA  . LEU A 1 86  ? -11.496 0.380   4.211   1.00 28.20 ? 86  LEU A CA  1 
ATOM   503  C  C   . LEU A 1 86  ? -10.547 1.033   3.213   1.00 27.42 ? 86  LEU A C   1 
ATOM   504  O  O   . LEU A 1 86  ? -9.386  0.648   3.103   1.00 27.91 ? 86  LEU A O   1 
ATOM   505  C  CB  . LEU A 1 86  ? -10.935 0.517   5.630   1.00 29.48 ? 86  LEU A CB  1 
ATOM   506  C  CG  . LEU A 1 86  ? -10.728 1.972   6.075   1.00 32.09 ? 86  LEU A CG  1 
ATOM   507  C  CD1 . LEU A 1 86  ? -12.071 2.686   6.104   1.00 33.80 ? 86  LEU A CD1 1 
ATOM   508  C  CD2 . LEU A 1 86  ? -10.071 2.018   7.455   1.00 34.43 ? 86  LEU A CD2 1 
HETATM 509  N  N   . MSE A 1 87  ? -11.067 1.999   2.469   1.00 26.08 ? 87  MSE A N   1 
HETATM 510  C  CA  . MSE A 1 87  ? -10.284 2.725   1.485   1.00 27.99 ? 87  MSE A CA  1 
HETATM 511  C  C   . MSE A 1 87  ? -9.666  3.947   2.154   1.00 27.97 ? 87  MSE A C   1 
HETATM 512  O  O   . MSE A 1 87  ? -10.356 4.700   2.839   1.00 26.95 ? 87  MSE A O   1 
HETATM 513  C  CB  . MSE A 1 87  ? -11.178 3.161   0.317   1.00 28.41 ? 87  MSE A CB  1 
HETATM 514  C  CG  . MSE A 1 87  ? -10.668 4.390   -0.423  1.00 32.64 ? 87  MSE A CG  1 
HETATM 515  SE SE  . MSE A 1 87  ? -9.127  4.139   -1.606  1.00 34.01 ? 87  MSE A SE  1 
HETATM 516  C  CE  . MSE A 1 87  ? -7.939  3.148   -0.547  1.00 40.71 ? 87  MSE A CE  1 
ATOM   517  N  N   . ILE A 1 88  ? -8.365  4.140   1.972   1.00 27.93 ? 88  ILE A N   1 
ATOM   518  C  CA  . ILE A 1 88  ? -7.705  5.292   2.575   1.00 28.53 ? 88  ILE A CA  1 
ATOM   519  C  C   . ILE A 1 88  ? -6.809  6.063   1.608   1.00 28.79 ? 88  ILE A C   1 
ATOM   520  O  O   . ILE A 1 88  ? -5.956  5.492   0.933   1.00 26.18 ? 88  ILE A O   1 
ATOM   521  C  CB  . ILE A 1 88  ? -6.844  4.892   3.787   1.00 26.87 ? 88  ILE A CB  1 
ATOM   522  C  CG1 . ILE A 1 88  ? -7.706  4.190   4.836   1.00 29.40 ? 88  ILE A CG1 1 
ATOM   523  C  CG2 . ILE A 1 88  ? -6.202  6.145   4.405   1.00 26.52 ? 88  ILE A CG2 1 
ATOM   524  C  CD1 . ILE A 1 88  ? -6.941  3.811   6.095   1.00 31.88 ? 88  ILE A CD1 1 
ATOM   525  N  N   . VAL A 1 89  ? -7.029  7.369   1.549   1.00 27.77 ? 89  VAL A N   1 
ATOM   526  C  CA  . VAL A 1 89  ? -6.241  8.259   0.710   1.00 28.37 ? 89  VAL A CA  1 
ATOM   527  C  C   . VAL A 1 89  ? -5.697  9.267   1.706   1.00 29.07 ? 89  VAL A C   1 
ATOM   528  O  O   . VAL A 1 89  ? -6.438  9.748   2.563   1.00 28.31 ? 89  VAL A O   1 
ATOM   529  C  CB  . VAL A 1 89  ? -7.105  8.993   -0.341  1.00 26.89 ? 89  VAL A CB  1 
ATOM   530  C  CG1 . VAL A 1 89  ? -6.303  10.138  -0.975  1.00 27.52 ? 89  VAL A CG1 1 
ATOM   531  C  CG2 . VAL A 1 89  ? -7.544  8.013   -1.434  1.00 28.58 ? 89  VAL A CG2 1 
ATOM   532  N  N   . GLN A 1 90  ? -4.411  9.577   1.602   1.00 28.48 ? 90  GLN A N   1 
ATOM   533  C  CA  . GLN A 1 90  ? -3.783  10.515  2.524   1.00 32.29 ? 90  GLN A CA  1 
ATOM   534  C  C   . GLN A 1 90  ? -2.859  11.523  1.849   1.00 31.34 ? 90  GLN A C   1 
ATOM   535  O  O   . GLN A 1 90  ? -2.099  11.179  0.949   1.00 33.05 ? 90  GLN A O   1 
ATOM   536  C  CB  . GLN A 1 90  ? -3.008  9.735   3.599   1.00 31.78 ? 90  GLN A CB  1 
ATOM   537  C  CG  . GLN A 1 90  ? -1.939  10.545  4.333   1.00 37.53 ? 90  GLN A CG  1 
ATOM   538  C  CD  . GLN A 1 90  ? -1.402  9.826   5.560   1.00 40.93 ? 90  GLN A CD  1 
ATOM   539  O  OE1 . GLN A 1 90  ? -1.376  8.598   5.610   1.00 40.41 ? 90  GLN A OE1 1 
ATOM   540  N  NE2 . GLN A 1 90  ? -0.957  10.594  6.551   1.00 41.39 ? 90  GLN A NE2 1 
ATOM   541  N  N   . THR A 1 91  ? -2.951  12.774  2.282   1.00 30.22 ? 91  THR A N   1 
ATOM   542  C  CA  . THR A 1 91  ? -2.096  13.839  1.770   1.00 29.70 ? 91  THR A CA  1 
ATOM   543  C  C   . THR A 1 91  ? -1.595  14.526  3.023   1.00 29.94 ? 91  THR A C   1 
ATOM   544  O  O   . THR A 1 91  ? -1.940  14.113  4.130   1.00 27.22 ? 91  THR A O   1 
ATOM   545  C  CB  . THR A 1 91  ? -2.875  14.881  0.912   1.00 30.62 ? 91  THR A CB  1 
ATOM   546  O  OG1 . THR A 1 91  ? -3.799  15.607  1.737   1.00 25.31 ? 91  THR A OG1 1 
ATOM   547  C  CG2 . THR A 1 91  ? -3.629  14.181  -0.217  1.00 27.96 ? 91  THR A CG2 1 
ATOM   548  N  N   . GLY A 1 92  ? -0.790  15.569  2.867   1.00 28.24 ? 92  GLY A N   1 
ATOM   549  C  CA  . GLY A 1 92  ? -0.294  16.263  4.040   1.00 30.25 ? 92  GLY A CA  1 
ATOM   550  C  C   . GLY A 1 92  ? -1.393  17.013  4.776   1.00 28.42 ? 92  GLY A C   1 
ATOM   551  O  O   . GLY A 1 92  ? -1.228  17.365  5.941   1.00 28.14 ? 92  GLY A O   1 
ATOM   552  N  N   . ASP A 1 93  ? -2.516  17.252  4.098   1.00 29.25 ? 93  ASP A N   1 
ATOM   553  C  CA  . ASP A 1 93  ? -3.642  17.983  4.677   1.00 29.70 ? 93  ASP A CA  1 
ATOM   554  C  C   . ASP A 1 93  ? -4.834  17.138  5.127   1.00 30.23 ? 93  ASP A C   1 
ATOM   555  O  O   . ASP A 1 93  ? -5.664  17.601  5.920   1.00 25.36 ? 93  ASP A O   1 
ATOM   556  C  CB  . ASP A 1 93  ? -4.170  19.026  3.679   1.00 31.25 ? 93  ASP A CB  1 
ATOM   557  C  CG  . ASP A 1 93  ? -3.165  20.122  3.390   1.00 35.47 ? 93  ASP A CG  1 
ATOM   558  O  OD1 . ASP A 1 93  ? -2.611  20.682  4.350   1.00 34.69 ? 93  ASP A OD1 1 
ATOM   559  O  OD2 . ASP A 1 93  ? -2.940  20.429  2.201   1.00 38.57 ? 93  ASP A OD2 1 
ATOM   560  N  N   . ILE A 1 94  ? -4.946  15.915  4.618   1.00 30.03 ? 94  ILE A N   1 
ATOM   561  C  CA  . ILE A 1 94  ? -6.089  15.091  4.987   1.00 28.53 ? 94  ILE A CA  1 
ATOM   562  C  C   . ILE A 1 94  ? -5.898  13.590  4.808   1.00 30.38 ? 94  ILE A C   1 
ATOM   563  O  O   . ILE A 1 94  ? -5.189  13.140  3.903   1.00 29.35 ? 94  ILE A O   1 
ATOM   564  C  CB  . ILE A 1 94  ? -7.336  15.511  4.157   1.00 29.73 ? 94  ILE A CB  1 
ATOM   565  C  CG1 . ILE A 1 94  ? -8.589  14.758  4.621   1.00 28.53 ? 94  ILE A CG1 1 
ATOM   566  C  CG2 . ILE A 1 94  ? -7.096  15.202  2.677   1.00 28.92 ? 94  ILE A CG2 1 
ATOM   567  C  CD1 . ILE A 1 94  ? -9.874  15.213  3.909   1.00 29.70 ? 94  ILE A CD1 1 
ATOM   568  N  N   . VAL A 1 95  ? -6.537  12.830  5.694   1.00 27.69 ? 95  VAL A N   1 
ATOM   569  C  CA  . VAL A 1 95  ? -6.540  11.376  5.636   1.00 29.35 ? 95  VAL A CA  1 
ATOM   570  C  C   . VAL A 1 95  ? -8.029  11.024  5.529   1.00 30.24 ? 95  VAL A C   1 
ATOM   571  O  O   . VAL A 1 95  ? -8.792  11.219  6.477   1.00 26.98 ? 95  VAL A O   1 
ATOM   572  C  CB  . VAL A 1 95  ? -5.979  10.716  6.917   1.00 31.92 ? 95  VAL A CB  1 
ATOM   573  C  CG1 . VAL A 1 95  ? -6.091  9.199   6.792   1.00 30.65 ? 95  VAL A CG1 1 
ATOM   574  C  CG2 . VAL A 1 95  ? -4.522  11.120  7.134   1.00 34.91 ? 95  VAL A CG2 1 
ATOM   575  N  N   . LEU A 1 96  ? -8.450  10.549  4.365   1.00 29.59 ? 96  LEU A N   1 
ATOM   576  C  CA  . LEU A 1 96  ? -9.849  10.197  4.166   1.00 31.00 ? 96  LEU A CA  1 
ATOM   577  C  C   . LEU A 1 96  ? -9.998  8.680   4.238   1.00 32.33 ? 96  LEU A C   1 
ATOM   578  O  O   . LEU A 1 96  ? -9.364  7.940   3.479   1.00 32.46 ? 96  LEU A O   1 
ATOM   579  C  CB  . LEU A 1 96  ? -10.335 10.736  2.816   1.00 31.39 ? 96  LEU A CB  1 
ATOM   580  C  CG  . LEU A 1 96  ? -11.802 10.569  2.414   1.00 33.66 ? 96  LEU A CG  1 
ATOM   581  C  CD1 . LEU A 1 96  ? -12.719 11.215  3.446   1.00 32.16 ? 96  LEU A CD1 1 
ATOM   582  C  CD2 . LEU A 1 96  ? -12.016 11.196  1.042   1.00 32.10 ? 96  LEU A CD2 1 
ATOM   583  N  N   . GLU A 1 97  ? -10.829 8.224   5.167   1.00 30.67 ? 97  GLU A N   1 
ATOM   584  C  CA  . GLU A 1 97  ? -11.063 6.795   5.362   1.00 32.33 ? 97  GLU A CA  1 
ATOM   585  C  C   . GLU A 1 97  ? -12.521 6.513   5.047   1.00 32.79 ? 97  GLU A C   1 
ATOM   586  O  O   . GLU A 1 97  ? -13.421 7.042   5.693   1.00 30.82 ? 97  GLU A O   1 
ATOM   587  C  CB  . GLU A 1 97  ? -10.730 6.413   6.805   1.00 33.07 ? 97  GLU A CB  1 
ATOM   588  C  CG  . GLU A 1 97  ? -9.322  6.830   7.199   1.00 38.04 ? 97  GLU A CG  1 
ATOM   589  C  CD  . GLU A 1 97  ? -9.027  6.648   8.677   1.00 42.75 ? 97  GLU A CD  1 
ATOM   590  O  OE1 . GLU A 1 97  ? -7.911  7.006   9.097   1.00 44.49 ? 97  GLU A OE1 1 
ATOM   591  O  OE2 . GLU A 1 97  ? -9.901  6.145   9.414   1.00 45.70 ? 97  GLU A OE2 1 
ATOM   592  N  N   . VAL A 1 98  ? -12.737 5.676   4.038   1.00 32.54 ? 98  VAL A N   1 
ATOM   593  C  CA  . VAL A 1 98  ? -14.075 5.339   3.584   1.00 31.78 ? 98  VAL A CA  1 
ATOM   594  C  C   . VAL A 1 98  ? -14.331 3.840   3.583   1.00 31.86 ? 98  VAL A C   1 
ATOM   595  O  O   . VAL A 1 98  ? -13.657 3.085   2.883   1.00 29.00 ? 98  VAL A O   1 
ATOM   596  C  CB  . VAL A 1 98  ? -14.314 5.862   2.145   1.00 31.17 ? 98  VAL A CB  1 
ATOM   597  C  CG1 . VAL A 1 98  ? -15.795 5.715   1.763   1.00 31.97 ? 98  VAL A CG1 1 
ATOM   598  C  CG2 . VAL A 1 98  ? -13.857 7.321   2.035   1.00 32.90 ? 98  VAL A CG2 1 
ATOM   599  N  N   . PRO A 1 99  ? -15.296 3.386   4.394   1.00 31.92 ? 99  PRO A N   1 
ATOM   600  C  CA  . PRO A 1 99  ? -15.605 1.955   4.430   1.00 30.97 ? 99  PRO A CA  1 
ATOM   601  C  C   . PRO A 1 99  ? -16.587 1.662   3.297   1.00 30.65 ? 99  PRO A C   1 
ATOM   602  O  O   . PRO A 1 99  ? -17.459 2.481   2.999   1.00 28.20 ? 99  PRO A O   1 
ATOM   603  C  CB  . PRO A 1 99  ? -16.245 1.780   5.799   1.00 32.77 ? 99  PRO A CB  1 
ATOM   604  C  CG  . PRO A 1 99  ? -16.998 3.070   5.969   1.00 34.70 ? 99  PRO A CG  1 
ATOM   605  C  CD  . PRO A 1 99  ? -15.991 4.108   5.477   1.00 32.46 ? 99  PRO A CD  1 
ATOM   606  N  N   . GLY A 1 100 ? -16.438 0.511   2.654   1.00 30.55 ? 100 GLY A N   1 
ATOM   607  C  CA  . GLY A 1 100 ? -17.353 0.161   1.583   1.00 30.35 ? 100 GLY A CA  1 
ATOM   608  C  C   . GLY A 1 100 ? -16.829 -0.951  0.704   1.00 31.33 ? 100 GLY A C   1 
ATOM   609  O  O   . GLY A 1 100 ? -15.675 -1.347  0.829   1.00 29.15 ? 100 GLY A O   1 
ATOM   610  N  N   . HIS A 1 101 ? -17.693 -1.478  -0.159  1.00 32.10 ? 101 HIS A N   1 
ATOM   611  C  CA  . HIS A 1 101 ? -17.296 -2.523  -1.090  1.00 33.68 ? 101 HIS A CA  1 
ATOM   612  C  C   . HIS A 1 101 ? -16.638 -1.814  -2.265  1.00 33.24 ? 101 HIS A C   1 
ATOM   613  O  O   . HIS A 1 101 ? -17.007 -0.692  -2.599  1.00 32.25 ? 101 HIS A O   1 
ATOM   614  C  CB  . HIS A 1 101 ? -18.516 -3.297  -1.609  1.00 37.76 ? 101 HIS A CB  1 
ATOM   615  C  CG  . HIS A 1 101 ? -19.131 -4.217  -0.602  1.00 43.39 ? 101 HIS A CG  1 
ATOM   616  N  ND1 . HIS A 1 101 ? -19.825 -3.764  0.501   1.00 45.46 ? 101 HIS A ND1 1 
ATOM   617  C  CD2 . HIS A 1 101 ? -19.147 -5.571  -0.525  1.00 44.90 ? 101 HIS A CD2 1 
ATOM   618  C  CE1 . HIS A 1 101 ? -20.241 -4.798  1.212   1.00 46.49 ? 101 HIS A CE1 1 
ATOM   619  N  NE2 . HIS A 1 101 ? -19.843 -5.904  0.610   1.00 45.61 ? 101 HIS A NE2 1 
ATOM   620  N  N   . LEU A 1 102 ? -15.649 -2.445  -2.880  1.00 31.27 ? 102 LEU A N   1 
ATOM   621  C  CA  . LEU A 1 102 ? -15.011 -1.832  -4.037  1.00 32.48 ? 102 LEU A CA  1 
ATOM   622  C  C   . LEU A 1 102 ? -15.900 -2.056  -5.256  1.00 33.80 ? 102 LEU A C   1 
ATOM   623  O  O   . LEU A 1 102 ? -16.269 -3.193  -5.562  1.00 28.95 ? 102 LEU A O   1 
ATOM   624  C  CB  . LEU A 1 102 ? -13.632 -2.441  -4.273  1.00 30.94 ? 102 LEU A CB  1 
ATOM   625  C  CG  . LEU A 1 102 ? -12.578 -2.066  -3.236  1.00 32.17 ? 102 LEU A CG  1 
ATOM   626  C  CD1 . LEU A 1 102 ? -11.222 -2.632  -3.636  1.00 32.07 ? 102 LEU A CD1 1 
ATOM   627  C  CD2 . LEU A 1 102 ? -12.517 -0.553  -3.129  1.00 33.04 ? 102 LEU A CD2 1 
ATOM   628  N  N   . PRO A 1 103 ? -16.269 -0.974  -5.966  1.00 34.62 ? 103 PRO A N   1 
ATOM   629  C  CA  . PRO A 1 103 ? -17.124 -1.109  -7.148  1.00 34.91 ? 103 PRO A CA  1 
ATOM   630  C  C   . PRO A 1 103 ? -16.350 -1.469  -8.406  1.00 35.39 ? 103 PRO A C   1 
ATOM   631  O  O   . PRO A 1 103 ? -15.120 -1.427  -8.430  1.00 33.23 ? 103 PRO A O   1 
ATOM   632  C  CB  . PRO A 1 103 ? -17.762 0.268   -7.261  1.00 35.55 ? 103 PRO A CB  1 
ATOM   633  C  CG  . PRO A 1 103 ? -16.628 1.158   -6.892  1.00 36.41 ? 103 PRO A CG  1 
ATOM   634  C  CD  . PRO A 1 103 ? -16.006 0.449   -5.677  1.00 37.46 ? 103 PRO A CD  1 
ATOM   635  N  N   . GLU A 1 104 ? -17.085 -1.817  -9.456  1.00 34.71 ? 104 GLU A N   1 
ATOM   636  C  CA  . GLU A 1 104 ? -16.480 -2.164  -10.730 1.00 36.97 ? 104 GLU A CA  1 
ATOM   637  C  C   . GLU A 1 104 ? -15.952 -0.879  -11.343 1.00 36.72 ? 104 GLU A C   1 
ATOM   638  O  O   . GLU A 1 104 ? -16.474 0.206   -11.073 1.00 36.69 ? 104 GLU A O   1 
ATOM   639  C  CB  . GLU A 1 104 ? -17.520 -2.775  -11.669 1.00 39.44 ? 104 GLU A CB  1 
ATOM   640  C  CG  . GLU A 1 104 ? -18.332 -3.903  -11.053 1.00 45.42 ? 104 GLU A CG  1 
ATOM   641  C  CD  . GLU A 1 104 ? -19.372 -4.459  -12.011 1.00 48.06 ? 104 GLU A CD  1 
ATOM   642  O  OE1 . GLU A 1 104 ? -20.154 -3.663  -12.575 1.00 50.19 ? 104 GLU A OE1 1 
ATOM   643  O  OE2 . GLU A 1 104 ? -19.406 -5.690  -12.197 1.00 50.91 ? 104 GLU A OE2 1 
ATOM   644  N  N   . GLY A 1 105 ? -14.918 -1.000  -12.162 1.00 35.37 ? 105 GLY A N   1 
ATOM   645  C  CA  . GLY A 1 105 ? -14.356 0.176   -12.792 1.00 35.81 ? 105 GLY A CA  1 
ATOM   646  C  C   . GLY A 1 105 ? -14.235 0.016   -14.295 1.00 35.95 ? 105 GLY A C   1 
ATOM   647  O  O   . GLY A 1 105 ? -14.132 -1.096  -14.803 1.00 35.10 ? 105 GLY A O   1 
ATOM   648  N  N   . THR A 1 106 ? -14.268 1.138   -15.005 1.00 35.49 ? 106 THR A N   1 
ATOM   649  C  CA  . THR A 1 106 ? -14.115 1.147   -16.452 1.00 36.75 ? 106 THR A CA  1 
ATOM   650  C  C   . THR A 1 106 ? -12.821 1.913   -16.689 1.00 37.39 ? 106 THR A C   1 
ATOM   651  O  O   . THR A 1 106 ? -12.397 2.687   -15.830 1.00 36.17 ? 106 THR A O   1 
ATOM   652  C  CB  . THR A 1 106 ? -15.272 1.888   -17.141 1.00 37.86 ? 106 THR A CB  1 
ATOM   653  O  OG1 . THR A 1 106 ? -15.336 3.235   -16.653 1.00 35.46 ? 106 THR A OG1 1 
ATOM   654  C  CG2 . THR A 1 106 ? -16.592 1.175   -16.885 1.00 35.94 ? 106 THR A CG2 1 
ATOM   655  N  N   . GLU A 1 107 ? -12.194 1.718   -17.840 1.00 35.14 ? 107 GLU A N   1 
ATOM   656  C  CA  . GLU A 1 107 ? -10.940 2.407   -18.105 1.00 33.92 ? 107 GLU A CA  1 
ATOM   657  C  C   . GLU A 1 107 ? -10.871 3.187   -19.414 1.00 34.58 ? 107 GLU A C   1 
ATOM   658  O  O   . GLU A 1 107 ? -11.353 2.735   -20.455 1.00 31.51 ? 107 GLU A O   1 
ATOM   659  C  CB  . GLU A 1 107 ? -9.781  1.405   -18.046 1.00 31.97 ? 107 GLU A CB  1 
ATOM   660  C  CG  . GLU A 1 107 ? -8.452  1.937   -18.569 1.00 31.99 ? 107 GLU A CG  1 
ATOM   661  C  CD  . GLU A 1 107 ? -7.296  0.968   -18.362 1.00 32.36 ? 107 GLU A CD  1 
ATOM   662  O  OE1 . GLU A 1 107 ? -7.536  -0.183  -17.944 1.00 30.81 ? 107 GLU A OE1 1 
ATOM   663  O  OE2 . GLU A 1 107 ? -6.137  1.360   -18.621 1.00 33.37 ? 107 GLU A OE2 1 
ATOM   664  N  N   . SER A 1 108 ? -10.260 4.366   -19.335 1.00 32.65 ? 108 SER A N   1 
ATOM   665  C  CA  . SER A 1 108 ? -10.047 5.230   -20.489 1.00 32.99 ? 108 SER A CA  1 
ATOM   666  C  C   . SER A 1 108 ? -8.885  6.184   -20.212 1.00 32.95 ? 108 SER A C   1 
ATOM   667  O  O   . SER A 1 108 ? -8.787  6.780   -19.134 1.00 28.55 ? 108 SER A O   1 
ATOM   668  C  CB  . SER A 1 108 ? -11.299 6.038   -20.831 1.00 35.03 ? 108 SER A CB  1 
ATOM   669  O  OG  . SER A 1 108 ? -11.075 6.804   -22.010 1.00 35.04 ? 108 SER A OG  1 
ATOM   670  N  N   . HIS A 1 109 ? -7.995  6.295   -21.192 1.00 31.74 ? 109 HIS A N   1 
ATOM   671  C  CA  . HIS A 1 109 ? -6.827  7.157   -21.115 1.00 34.60 ? 109 HIS A CA  1 
ATOM   672  C  C   . HIS A 1 109 ? -6.044  7.149   -19.795 1.00 34.00 ? 109 HIS A C   1 
ATOM   673  O  O   . HIS A 1 109 ? -5.766  8.197   -19.221 1.00 32.39 ? 109 HIS A O   1 
ATOM   674  C  CB  . HIS A 1 109 ? -7.229  8.584   -21.493 1.00 37.91 ? 109 HIS A CB  1 
ATOM   675  C  CG  . HIS A 1 109 ? -7.840  8.682   -22.858 1.00 41.74 ? 109 HIS A CG  1 
ATOM   676  N  ND1 . HIS A 1 109 ? -9.149  8.330   -23.114 1.00 42.40 ? 109 HIS A ND1 1 
ATOM   677  C  CD2 . HIS A 1 109 ? -7.301  9.016   -24.055 1.00 42.79 ? 109 HIS A CD2 1 
ATOM   678  C  CE1 . HIS A 1 109 ? -9.388  8.441   -24.409 1.00 43.09 ? 109 HIS A CE1 1 
ATOM   679  N  NE2 . HIS A 1 109 ? -8.283  8.856   -25.003 1.00 42.82 ? 109 HIS A NE2 1 
ATOM   680  N  N   . GLY A 1 110 ? -5.690  5.957   -19.327 1.00 32.70 ? 110 GLY A N   1 
ATOM   681  C  CA  . GLY A 1 110 ? -4.901  5.845   -18.113 1.00 34.61 ? 110 GLY A CA  1 
ATOM   682  C  C   . GLY A 1 110 ? -5.643  5.936   -16.794 1.00 33.30 ? 110 GLY A C   1 
ATOM   683  O  O   . GLY A 1 110 ? -5.048  5.706   -15.739 1.00 34.17 ? 110 GLY A O   1 
ATOM   684  N  N   . TRP A 1 111 ? -6.924  6.274   -16.845 1.00 31.62 ? 111 TRP A N   1 
ATOM   685  C  CA  . TRP A 1 111 ? -7.723  6.387   -15.634 1.00 31.91 ? 111 TRP A CA  1 
ATOM   686  C  C   . TRP A 1 111 ? -8.741  5.263   -15.498 1.00 32.05 ? 111 TRP A C   1 
ATOM   687  O  O   . TRP A 1 111 ? -9.387  4.841   -16.474 1.00 29.15 ? 111 TRP A O   1 
ATOM   688  C  CB  . TRP A 1 111 ? -8.445  7.736   -15.574 1.00 33.04 ? 111 TRP A CB  1 
ATOM   689  C  CG  . TRP A 1 111 ? -7.533  8.916   -15.350 1.00 35.39 ? 111 TRP A CG  1 
ATOM   690  C  CD1 . TRP A 1 111 ? -6.807  9.593   -16.298 1.00 36.24 ? 111 TRP A CD1 1 
ATOM   691  C  CD2 . TRP A 1 111 ? -7.253  9.558   -14.098 1.00 35.02 ? 111 TRP A CD2 1 
ATOM   692  N  NE1 . TRP A 1 111 ? -6.101  10.620  -15.709 1.00 34.94 ? 111 TRP A NE1 1 
ATOM   693  C  CE2 . TRP A 1 111 ? -6.355  10.621  -14.362 1.00 35.09 ? 111 TRP A CE2 1 
ATOM   694  C  CE3 . TRP A 1 111 ? -7.677  9.344   -12.779 1.00 35.85 ? 111 TRP A CE3 1 
ATOM   695  C  CZ2 . TRP A 1 111 ? -5.872  11.466  -13.353 1.00 37.15 ? 111 TRP A CZ2 1 
ATOM   696  C  CZ3 . TRP A 1 111 ? -7.199  10.187  -11.775 1.00 37.05 ? 111 TRP A CZ3 1 
ATOM   697  C  CH2 . TRP A 1 111 ? -6.305  11.235  -12.071 1.00 34.54 ? 111 TRP A CH2 1 
ATOM   698  N  N   . PHE A 1 112 ? -8.856  4.792   -14.265 1.00 30.53 ? 112 PHE A N   1 
ATOM   699  C  CA  . PHE A 1 112 ? -9.758  3.725   -13.880 1.00 32.09 ? 112 PHE A CA  1 
ATOM   700  C  C   . PHE A 1 112 ? -10.878 4.440   -13.130 1.00 32.68 ? 112 PHE A C   1 
ATOM   701  O  O   . PHE A 1 112 ? -10.705 4.888   -11.990 1.00 29.69 ? 112 PHE A O   1 
ATOM   702  C  CB  . PHE A 1 112 ? -9.001  2.742   -12.975 1.00 31.42 ? 112 PHE A CB  1 
ATOM   703  C  CG  . PHE A 1 112 ? -9.725  1.455   -12.718 1.00 34.56 ? 112 PHE A CG  1 
ATOM   704  C  CD1 . PHE A 1 112 ? -9.955  0.551   -13.751 1.00 35.82 ? 112 PHE A CD1 1 
ATOM   705  C  CD2 . PHE A 1 112 ? -10.149 1.126   -11.432 1.00 34.86 ? 112 PHE A CD2 1 
ATOM   706  C  CE1 . PHE A 1 112 ? -10.593 -0.659  -13.509 1.00 37.47 ? 112 PHE A CE1 1 
ATOM   707  C  CE2 . PHE A 1 112 ? -10.789 -0.082  -11.173 1.00 35.17 ? 112 PHE A CE2 1 
ATOM   708  C  CZ  . PHE A 1 112 ? -11.013 -0.979  -12.213 1.00 37.82 ? 112 PHE A CZ  1 
ATOM   709  N  N   . ASN A 1 113 ? -12.020 4.560   -13.794 1.00 32.16 ? 113 ASN A N   1 
ATOM   710  C  CA  . ASN A 1 113 ? -13.178 5.241   -13.250 1.00 33.56 ? 113 ASN A CA  1 
ATOM   711  C  C   . ASN A 1 113 ? -14.084 4.266   -12.505 1.00 35.39 ? 113 ASN A C   1 
ATOM   712  O  O   . ASN A 1 113 ? -14.721 3.395   -13.101 1.00 32.49 ? 113 ASN A O   1 
ATOM   713  C  CB  . ASN A 1 113 ? -13.905 5.936   -14.398 1.00 36.61 ? 113 ASN A CB  1 
ATOM   714  C  CG  . ASN A 1 113 ? -12.951 6.758   -15.259 1.00 37.85 ? 113 ASN A CG  1 
ATOM   715  O  OD1 . ASN A 1 113 ? -12.977 6.684   -16.487 1.00 40.31 ? 113 ASN A OD1 1 
ATOM   716  N  ND2 . ASN A 1 113 ? -12.098 7.543   -14.609 1.00 36.71 ? 113 ASN A ND2 1 
ATOM   717  N  N   . ILE A 1 114 ? -14.127 4.428   -11.187 1.00 34.72 ? 114 ILE A N   1 
ATOM   718  C  CA  . ILE A 1 114 ? -14.912 3.551   -10.329 1.00 38.69 ? 114 ILE A CA  1 
ATOM   719  C  C   . ILE A 1 114 ? -16.195 4.175   -9.802  1.00 41.17 ? 114 ILE A C   1 
ATOM   720  O  O   . ILE A 1 114 ? -16.175 5.213   -9.138  1.00 40.38 ? 114 ILE A O   1 
ATOM   721  C  CB  . ILE A 1 114 ? -14.077 3.076   -9.126  1.00 37.65 ? 114 ILE A CB  1 
ATOM   722  C  CG1 . ILE A 1 114 ? -13.440 4.284   -8.424  1.00 35.23 ? 114 ILE A CG1 1 
ATOM   723  C  CG2 . ILE A 1 114 ? -13.020 2.082   -9.590  1.00 38.92 ? 114 ILE A CG2 1 
ATOM   724  C  CD1 . ILE A 1 114 ? -12.705 3.932   -7.136  1.00 35.52 ? 114 ILE A CD1 1 
ATOM   725  N  N   . HIS A 1 115 ? -17.312 3.523   -10.101 1.00 45.73 ? 115 HIS A N   1 
ATOM   726  C  CA  . HIS A 1 115 ? -18.625 3.979   -9.666  1.00 48.82 ? 115 HIS A CA  1 
ATOM   727  C  C   . HIS A 1 115 ? -19.553 2.774   -9.546  1.00 50.33 ? 115 HIS A C   1 
ATOM   728  O  O   . HIS A 1 115 ? -19.635 1.944   -10.454 1.00 49.22 ? 115 HIS A O   1 
ATOM   729  C  CB  . HIS A 1 115 ? -19.207 4.983   -10.667 1.00 51.82 ? 115 HIS A CB  1 
ATOM   730  C  CG  . HIS A 1 115 ? -18.418 6.251   -10.788 1.00 55.33 ? 115 HIS A CG  1 
ATOM   731  N  ND1 . HIS A 1 115 ? -18.249 7.127   -9.737  1.00 56.60 ? 115 HIS A ND1 1 
ATOM   732  C  CD2 . HIS A 1 115 ? -17.760 6.795   -11.841 1.00 57.07 ? 115 HIS A CD2 1 
ATOM   733  C  CE1 . HIS A 1 115 ? -17.521 8.157   -10.136 1.00 56.44 ? 115 HIS A CE1 1 
ATOM   734  N  NE2 . HIS A 1 115 ? -17.212 7.979   -11.408 1.00 56.93 ? 115 HIS A NE2 1 
ATOM   735  N  N   . GLY A 1 116 ? -20.243 2.678   -8.418  1.00 50.05 ? 116 GLY A N   1 
ATOM   736  C  CA  . GLY A 1 116 ? -21.158 1.572   -8.206  1.00 50.64 ? 116 GLY A CA  1 
ATOM   737  C  C   . GLY A 1 116 ? -21.971 1.804   -6.952  1.00 50.76 ? 116 GLY A C   1 
ATOM   738  O  O   . GLY A 1 116 ? -22.058 2.933   -6.470  1.00 50.17 ? 116 GLY A O   1 
ATOM   739  N  N   . ASP A 1 117 ? -22.570 0.743   -6.426  1.00 50.63 ? 117 ASP A N   1 
ATOM   740  C  CA  . ASP A 1 117 ? -23.364 0.854   -5.211  1.00 51.35 ? 117 ASP A CA  1 
ATOM   741  C  C   . ASP A 1 117 ? -22.418 0.832   -4.015  1.00 49.38 ? 117 ASP A C   1 
ATOM   742  O  O   . ASP A 1 117 ? -22.325 -0.161  -3.282  1.00 49.02 ? 117 ASP A O   1 
ATOM   743  C  CB  . ASP A 1 117 ? -24.369 -0.297  -5.119  1.00 55.25 ? 117 ASP A CB  1 
ATOM   744  C  CG  . ASP A 1 117 ? -25.145 -0.287  -3.819  1.00 59.10 ? 117 ASP A CG  1 
ATOM   745  O  OD1 . ASP A 1 117 ? -25.697 0.777   -3.462  1.00 60.77 ? 117 ASP A OD1 1 
ATOM   746  O  OD2 . ASP A 1 117 ? -25.204 -1.346  -3.153  1.00 62.18 ? 117 ASP A OD2 1 
ATOM   747  N  N   . SER A 1 118 ? -21.712 1.941   -3.834  1.00 44.87 ? 118 SER A N   1 
ATOM   748  C  CA  . SER A 1 118 ? -20.754 2.084   -2.746  1.00 40.25 ? 118 SER A CA  1 
ATOM   749  C  C   . SER A 1 118 ? -20.355 3.537   -2.598  1.00 36.53 ? 118 SER A C   1 
ATOM   750  O  O   . SER A 1 118 ? -20.306 4.278   -3.580  1.00 35.75 ? 118 SER A O   1 
ATOM   751  C  CB  . SER A 1 118 ? -19.499 1.255   -3.027  1.00 40.38 ? 118 SER A CB  1 
ATOM   752  O  OG  . SER A 1 118 ? -18.462 1.561   -2.106  1.00 37.93 ? 118 SER A OG  1 
ATOM   753  N  N   . PRO A 1 119 ? -20.081 3.973   -1.361  1.00 33.06 ? 119 PRO A N   1 
ATOM   754  C  CA  . PRO A 1 119 ? -19.681 5.367   -1.163  1.00 33.25 ? 119 PRO A CA  1 
ATOM   755  C  C   . PRO A 1 119 ? -18.274 5.614   -1.710  1.00 30.36 ? 119 PRO A C   1 
ATOM   756  O  O   . PRO A 1 119 ? -17.849 6.758   -1.845  1.00 30.51 ? 119 PRO A O   1 
ATOM   757  C  CB  . PRO A 1 119 ? -19.758 5.538   0.350   1.00 30.97 ? 119 PRO A CB  1 
ATOM   758  C  CG  . PRO A 1 119 ? -19.435 4.164   0.864   1.00 33.41 ? 119 PRO A CG  1 
ATOM   759  C  CD  . PRO A 1 119 ? -20.240 3.281   -0.071  1.00 33.06 ? 119 PRO A CD  1 
ATOM   760  N  N   . ILE A 1 120 ? -17.559 4.538   -2.016  1.00 28.93 ? 120 ILE A N   1 
ATOM   761  C  CA  . ILE A 1 120 ? -16.209 4.651   -2.567  1.00 28.35 ? 120 ILE A CA  1 
ATOM   762  C  C   . ILE A 1 120 ? -16.352 4.848   -4.070  1.00 28.91 ? 120 ILE A C   1 
ATOM   763  O  O   . ILE A 1 120 ? -16.732 3.927   -4.785  1.00 29.25 ? 120 ILE A O   1 
ATOM   764  C  CB  . ILE A 1 120 ? -15.377 3.370   -2.319  1.00 28.80 ? 120 ILE A CB  1 
ATOM   765  C  CG1 . ILE A 1 120 ? -15.150 3.175   -0.821  1.00 28.42 ? 120 ILE A CG1 1 
ATOM   766  C  CG2 . ILE A 1 120 ? -14.027 3.461   -3.057  1.00 29.99 ? 120 ILE A CG2 1 
ATOM   767  C  CD1 . ILE A 1 120 ? -14.432 1.881   -0.479  1.00 28.61 ? 120 ILE A CD1 1 
ATOM   768  N  N   . GLY A 1 121 ? -16.058 6.051   -4.545  1.00 28.35 ? 121 GLY A N   1 
ATOM   769  C  CA  . GLY A 1 121 ? -16.161 6.322   -5.966  1.00 30.39 ? 121 GLY A CA  1 
ATOM   770  C  C   . GLY A 1 121 ? -15.155 7.361   -6.424  1.00 31.39 ? 121 GLY A C   1 
ATOM   771  O  O   . GLY A 1 121 ? -14.458 7.973   -5.612  1.00 30.38 ? 121 GLY A O   1 
ATOM   772  N  N   . GLY A 1 122 ? -15.077 7.564   -7.730  1.00 32.52 ? 122 GLY A N   1 
ATOM   773  C  CA  . GLY A 1 122 ? -14.142 8.538   -8.250  1.00 30.92 ? 122 GLY A CA  1 
ATOM   774  C  C   . GLY A 1 122 ? -13.300 8.045   -9.401  1.00 31.92 ? 122 GLY A C   1 
ATOM   775  O  O   . GLY A 1 122 ? -13.777 7.306   -10.269 1.00 27.72 ? 122 GLY A O   1 
ATOM   776  N  N   . HIS A 1 123 ? -12.026 8.433   -9.387  1.00 30.52 ? 123 HIS A N   1 
ATOM   777  C  CA  . HIS A 1 123 ? -11.119 8.090   -10.475 1.00 31.07 ? 123 HIS A CA  1 
ATOM   778  C  C   . HIS A 1 123 ? -9.705  7.806   -10.011 1.00 30.25 ? 123 HIS A C   1 
ATOM   779  O  O   . HIS A 1 123 ? -9.101  8.619   -9.307  1.00 26.96 ? 123 HIS A O   1 
ATOM   780  C  CB  . HIS A 1 123 ? -11.083 9.251   -11.462 1.00 33.42 ? 123 HIS A CB  1 
ATOM   781  C  CG  . HIS A 1 123 ? -12.435 9.794   -11.789 1.00 34.90 ? 123 HIS A CG  1 
ATOM   782  N  ND1 . HIS A 1 123 ? -13.232 9.262   -12.778 1.00 38.41 ? 123 HIS A ND1 1 
ATOM   783  C  CD2 . HIS A 1 123 ? -13.160 10.783  -11.210 1.00 36.66 ? 123 HIS A CD2 1 
ATOM   784  C  CE1 . HIS A 1 123 ? -14.392 9.896   -12.794 1.00 39.68 ? 123 HIS A CE1 1 
ATOM   785  N  NE2 . HIS A 1 123 ? -14.372 10.823  -11.851 1.00 38.26 ? 123 HIS A NE2 1 
ATOM   786  N  N   . ILE A 1 124 ? -9.177  6.662   -10.442 1.00 28.69 ? 124 ILE A N   1 
ATOM   787  C  CA  . ILE A 1 124 ? -7.826  6.250   -10.094 1.00 28.18 ? 124 ILE A CA  1 
ATOM   788  C  C   . ILE A 1 124 ? -6.923  6.346   -11.331 1.00 29.76 ? 124 ILE A C   1 
ATOM   789  O  O   . ILE A 1 124 ? -7.270  5.824   -12.398 1.00 27.45 ? 124 ILE A O   1 
ATOM   790  C  CB  . ILE A 1 124 ? -7.841  4.807   -9.558  1.00 27.92 ? 124 ILE A CB  1 
ATOM   791  C  CG1 . ILE A 1 124 ? -8.715  4.745   -8.297  1.00 26.75 ? 124 ILE A CG1 1 
ATOM   792  C  CG2 . ILE A 1 124 ? -6.424  4.328   -9.280  1.00 30.58 ? 124 ILE A CG2 1 
ATOM   793  C  CD1 . ILE A 1 124 ? -8.805  3.369   -7.658  1.00 29.79 ? 124 ILE A CD1 1 
ATOM   794  N  N   . LYS A 1 125 ? -5.776  7.012   -11.199 1.00 29.00 ? 125 LYS A N   1 
ATOM   795  C  CA  . LYS A 1 125 ? -4.868  7.136   -12.338 1.00 31.96 ? 125 LYS A CA  1 
ATOM   796  C  C   . LYS A 1 125 ? -4.031  5.863   -12.422 1.00 31.62 ? 125 LYS A C   1 
ATOM   797  O  O   . LYS A 1 125 ? -2.852  5.832   -12.051 1.00 30.79 ? 125 LYS A O   1 
ATOM   798  C  CB  . LYS A 1 125 ? -3.964  8.369   -12.203 1.00 33.72 ? 125 LYS A CB  1 
ATOM   799  C  CG  . LYS A 1 125 ? -3.313  8.772   -13.535 1.00 37.33 ? 125 LYS A CG  1 
ATOM   800  C  CD  . LYS A 1 125 ? -2.500  10.054  -13.435 1.00 40.26 ? 125 LYS A CD  1 
ATOM   801  C  CE  . LYS A 1 125 ? -1.843  10.392  -14.775 1.00 44.29 ? 125 LYS A CE  1 
ATOM   802  N  NZ  . LYS A 1 125 ? -1.070  11.667  -14.693 1.00 47.54 ? 125 LYS A NZ  1 
ATOM   803  N  N   . LYS A 1 126 ? -4.682  4.816   -12.916 1.00 29.54 ? 126 LYS A N   1 
ATOM   804  C  CA  . LYS A 1 126 ? -4.103  3.493   -13.060 1.00 32.42 ? 126 LYS A CA  1 
ATOM   805  C  C   . LYS A 1 126 ? -2.765  3.454   -13.784 1.00 32.79 ? 126 LYS A C   1 
ATOM   806  O  O   . LYS A 1 126 ? -1.893  2.675   -13.415 1.00 30.27 ? 126 LYS A O   1 
ATOM   807  C  CB  . LYS A 1 126 ? -5.100  2.568   -13.775 1.00 32.81 ? 126 LYS A CB  1 
ATOM   808  C  CG  . LYS A 1 126 ? -4.579  1.166   -14.048 1.00 34.93 ? 126 LYS A CG  1 
ATOM   809  C  CD  . LYS A 1 126 ? -5.537  0.375   -14.932 1.00 36.79 ? 126 LYS A CD  1 
ATOM   810  C  CE  . LYS A 1 126 ? -4.905  -0.930  -15.401 1.00 40.07 ? 126 LYS A CE  1 
ATOM   811  N  NZ  . LYS A 1 126 ? -5.755  -1.667  -16.379 1.00 38.59 ? 126 LYS A NZ  1 
ATOM   812  N  N   . ASP A 1 127 ? -2.590  4.291   -14.804 1.00 33.12 ? 127 ASP A N   1 
ATOM   813  C  CA  . ASP A 1 127 ? -1.333  4.261   -15.538 1.00 36.30 ? 127 ASP A CA  1 
ATOM   814  C  C   . ASP A 1 127 ? -0.152  4.817   -14.746 1.00 34.44 ? 127 ASP A C   1 
ATOM   815  O  O   . ASP A 1 127 ? 0.982   4.767   -15.204 1.00 35.06 ? 127 ASP A O   1 
ATOM   816  C  CB  . ASP A 1 127 ? -1.481  4.960   -16.901 1.00 37.08 ? 127 ASP A CB  1 
ATOM   817  C  CG  . ASP A 1 127 ? -1.555  6.475   -16.803 1.00 38.97 ? 127 ASP A CG  1 
ATOM   818  O  OD1 . ASP A 1 127 ? -1.722  7.029   -15.698 1.00 37.96 ? 127 ASP A OD1 1 
ATOM   819  O  OD2 . ASP A 1 127 ? -1.453  7.118   -17.866 1.00 37.60 ? 127 ASP A OD2 1 
ATOM   820  N  N   . ASN A 1 128 ? -0.419  5.319   -13.545 1.00 34.08 ? 128 ASN A N   1 
ATOM   821  C  CA  . ASN A 1 128 ? 0.640   5.849   -12.679 1.00 35.16 ? 128 ASN A CA  1 
ATOM   822  C  C   . ASN A 1 128 ? 1.162   4.759   -11.738 1.00 33.39 ? 128 ASN A C   1 
ATOM   823  O  O   . ASN A 1 128 ? 2.172   4.943   -11.060 1.00 32.45 ? 128 ASN A O   1 
ATOM   824  C  CB  . ASN A 1 128 ? 0.117   6.996   -11.808 1.00 36.03 ? 128 ASN A CB  1 
ATOM   825  C  CG  . ASN A 1 128 ? 0.243   8.360   -12.471 1.00 41.16 ? 128 ASN A CG  1 
ATOM   826  O  OD1 . ASN A 1 128 ? 0.062   9.393   -11.817 1.00 42.41 ? 128 ASN A OD1 1 
ATOM   827  N  ND2 . ASN A 1 128 ? 0.543   8.375   -13.763 1.00 38.49 ? 128 ASN A ND2 1 
ATOM   828  N  N   . CYS A 1 129 ? 0.461   3.630   -11.689 1.00 34.35 ? 129 CYS A N   1 
ATOM   829  C  CA  . CYS A 1 129 ? 0.836   2.543   -10.791 1.00 33.41 ? 129 CYS A CA  1 
ATOM   830  C  C   . CYS A 1 129 ? 2.144   1.875   -11.196 1.00 35.17 ? 129 CYS A C   1 
ATOM   831  O  O   . CYS A 1 129 ? 2.312   1.440   -12.343 1.00 35.10 ? 129 CYS A O   1 
ATOM   832  C  CB  . CYS A 1 129 ? -0.284  1.506   -10.721 1.00 33.56 ? 129 CYS A CB  1 
ATOM   833  S  SG  . CYS A 1 129 ? 0.020   0.181   -9.530  1.00 30.95 ? 129 CYS A SG  1 
ATOM   834  N  N   . ALA A 1 130 ? 3.068   1.791   -10.246 1.00 33.42 ? 130 ALA A N   1 
ATOM   835  C  CA  . ALA A 1 130 ? 4.371   1.193   -10.502 1.00 35.32 ? 130 ALA A CA  1 
ATOM   836  C  C   . ALA A 1 130 ? 4.483   -0.161  -9.815  1.00 35.39 ? 130 ALA A C   1 
ATOM   837  O  O   . ALA A 1 130 ? 5.265   -1.017  -10.229 1.00 35.57 ? 130 ALA A O   1 
ATOM   838  C  CB  . ALA A 1 130 ? 5.474   2.127   -10.003 1.00 34.53 ? 130 ALA A CB  1 
ATOM   839  N  N   . ALA A 1 131 ? 3.684   -0.351  -8.770  1.00 33.98 ? 131 ALA A N   1 
ATOM   840  C  CA  . ALA A 1 131 ? 3.701   -1.595  -8.017  1.00 32.34 ? 131 ALA A CA  1 
ATOM   841  C  C   . ALA A 1 131 ? 2.503   -1.652  -7.083  1.00 32.45 ? 131 ALA A C   1 
ATOM   842  O  O   . ALA A 1 131 ? 1.862   -0.639  -6.815  1.00 31.89 ? 131 ALA A O   1 
ATOM   843  C  CB  . ALA A 1 131 ? 4.997   -1.691  -7.207  1.00 32.42 ? 131 ALA A CB  1 
ATOM   844  N  N   . ILE A 1 132 ? 2.195   -2.848  -6.604  1.00 30.26 ? 132 ILE A N   1 
ATOM   845  C  CA  . ILE A 1 132 ? 1.094   -3.050  -5.671  1.00 30.88 ? 132 ILE A CA  1 
ATOM   846  C  C   . ILE A 1 132 ? 1.722   -3.880  -4.560  1.00 31.61 ? 132 ILE A C   1 
ATOM   847  O  O   . ILE A 1 132 ? 2.103   -5.030  -4.779  1.00 32.35 ? 132 ILE A O   1 
ATOM   848  C  CB  . ILE A 1 132 ? -0.067  -3.814  -6.337  1.00 30.96 ? 132 ILE A CB  1 
ATOM   849  C  CG1 . ILE A 1 132 ? -0.595  -3.000  -7.525  1.00 28.40 ? 132 ILE A CG1 1 
ATOM   850  C  CG2 . ILE A 1 132 ? -1.191  -4.059  -5.317  1.00 30.50 ? 132 ILE A CG2 1 
ATOM   851  C  CD1 . ILE A 1 132 ? -1.517  -3.753  -8.425  1.00 27.64 ? 132 ILE A CD1 1 
ATOM   852  N  N   . THR A 1 133 ? 1.848   -3.284  -3.379  1.00 29.69 ? 133 THR A N   1 
ATOM   853  C  CA  . THR A 1 133 ? 2.489   -3.951  -2.250  1.00 28.81 ? 133 THR A CA  1 
ATOM   854  C  C   . THR A 1 133 ? 1.552   -4.329  -1.115  1.00 29.87 ? 133 THR A C   1 
ATOM   855  O  O   . THR A 1 133 ? 0.841   -3.480  -0.571  1.00 24.03 ? 133 THR A O   1 
ATOM   856  C  CB  . THR A 1 133 ? 3.595   -3.060  -1.659  1.00 29.75 ? 133 THR A CB  1 
ATOM   857  O  OG1 . THR A 1 133 ? 4.432   -2.584  -2.720  1.00 25.92 ? 133 THR A OG1 1 
ATOM   858  C  CG2 . THR A 1 133 ? 4.424   -3.847  -0.636  1.00 29.03 ? 133 THR A CG2 1 
ATOM   859  N  N   . PHE A 1 134 ? 1.583   -5.612  -0.760  1.00 28.52 ? 134 PHE A N   1 
ATOM   860  C  CA  . PHE A 1 134 ? 0.766   -6.145  0.321   1.00 29.57 ? 134 PHE A CA  1 
ATOM   861  C  C   . PHE A 1 134 ? 1.577   -5.982  1.601   1.00 31.50 ? 134 PHE A C   1 
ATOM   862  O  O   . PHE A 1 134 ? 2.626   -6.613  1.765   1.00 30.75 ? 134 PHE A O   1 
ATOM   863  C  CB  . PHE A 1 134 ? 0.454   -7.628  0.065   1.00 29.27 ? 134 PHE A CB  1 
ATOM   864  C  CG  . PHE A 1 134 ? -0.344  -7.869  -1.181  1.00 28.15 ? 134 PHE A CG  1 
ATOM   865  C  CD1 . PHE A 1 134 ? 0.249   -7.771  -2.437  1.00 29.99 ? 134 PHE A CD1 1 
ATOM   866  C  CD2 . PHE A 1 134 ? -1.701  -8.168  -1.099  1.00 29.42 ? 134 PHE A CD2 1 
ATOM   867  C  CE1 . PHE A 1 134 ? -0.497  -7.965  -3.596  1.00 30.02 ? 134 PHE A CE1 1 
ATOM   868  C  CE2 . PHE A 1 134 ? -2.462  -8.365  -2.246  1.00 31.44 ? 134 PHE A CE2 1 
ATOM   869  C  CZ  . PHE A 1 134 ? -1.864  -8.264  -3.503  1.00 31.04 ? 134 PHE A CZ  1 
ATOM   870  N  N   . VAL A 1 135 ? 1.092   -5.122  2.496   1.00 30.95 ? 135 VAL A N   1 
ATOM   871  C  CA  . VAL A 1 135 ? 1.781   -4.836  3.750   1.00 29.44 ? 135 VAL A CA  1 
ATOM   872  C  C   . VAL A 1 135 ? 1.100   -5.526  4.931   1.00 30.60 ? 135 VAL A C   1 
ATOM   873  O  O   . VAL A 1 135 ? -0.068  -5.287  5.223   1.00 29.73 ? 135 VAL A O   1 
ATOM   874  C  CB  . VAL A 1 135 ? 1.842   -3.311  3.977   1.00 30.04 ? 135 VAL A CB  1 
ATOM   875  C  CG1 . VAL A 1 135 ? 2.637   -2.984  5.233   1.00 29.14 ? 135 VAL A CG1 1 
ATOM   876  C  CG2 . VAL A 1 135 ? 2.468   -2.639  2.752   1.00 28.87 ? 135 VAL A CG2 1 
ATOM   877  N  N   . ASP A 1 136 ? 1.856   -6.394  5.596   1.00 31.65 ? 136 ASP A N   1 
ATOM   878  C  CA  . ASP A 1 136 ? 1.365   -7.170  6.729   1.00 31.54 ? 136 ASP A CA  1 
ATOM   879  C  C   . ASP A 1 136 ? 2.352   -6.942  7.874   1.00 33.73 ? 136 ASP A C   1 
ATOM   880  O  O   . ASP A 1 136 ? 3.397   -7.584  7.936   1.00 31.56 ? 136 ASP A O   1 
ATOM   881  C  CB  . ASP A 1 136 ? 1.328   -8.656  6.331   1.00 28.64 ? 136 ASP A CB  1 
ATOM   882  C  CG  . ASP A 1 136 ? 0.857   -9.566  7.454   1.00 30.86 ? 136 ASP A CG  1 
ATOM   883  O  OD1 . ASP A 1 136 ? 0.764   -9.107  8.617   1.00 26.68 ? 136 ASP A OD1 1 
ATOM   884  O  OD2 . ASP A 1 136 ? 0.583   -10.755 7.165   1.00 28.45 ? 136 ASP A OD2 1 
ATOM   885  N  N   . ARG A 1 137 ? 2.019   -6.015  8.762   1.00 36.92 ? 137 ARG A N   1 
ATOM   886  C  CA  . ARG A 1 137 ? 2.907   -5.707  9.861   1.00 42.27 ? 137 ARG A CA  1 
ATOM   887  C  C   . ARG A 1 137 ? 2.226   -5.204  11.108  1.00 43.91 ? 137 ARG A C   1 
ATOM   888  O  O   . ARG A 1 137 ? 1.067   -4.787  11.103  1.00 43.13 ? 137 ARG A O   1 
ATOM   889  C  CB  . ARG A 1 137 ? 3.938   -4.662  9.444   1.00 42.71 ? 137 ARG A CB  1 
ATOM   890  C  CG  . ARG A 1 137 ? 3.334   -3.381  8.907   1.00 45.90 ? 137 ARG A CG  1 
ATOM   891  C  CD  . ARG A 1 137 ? 4.411   -2.408  8.461   1.00 49.26 ? 137 ARG A CD  1 
ATOM   892  N  NE  . ARG A 1 137 ? 5.066   -1.749  9.589   1.00 54.81 ? 137 ARG A NE  1 
ATOM   893  C  CZ  . ARG A 1 137 ? 4.600   -0.661  10.201  1.00 55.43 ? 137 ARG A CZ  1 
ATOM   894  N  NH1 . ARG A 1 137 ? 3.471   -0.089  9.797   1.00 55.17 ? 137 ARG A NH1 1 
ATOM   895  N  NH2 . ARG A 1 137 ? 5.257   -0.154  11.234  1.00 58.19 ? 137 ARG A NH2 1 
ATOM   896  N  N   . GLY A 1 138 ? 2.990   -5.246  12.188  1.00 47.85 ? 138 GLY A N   1 
ATOM   897  C  CA  . GLY A 1 138 ? 2.510   -4.767  13.461  1.00 51.66 ? 138 GLY A CA  1 
ATOM   898  C  C   . GLY A 1 138 ? 2.354   -3.265  13.374  1.00 54.74 ? 138 GLY A C   1 
ATOM   899  O  O   . GLY A 1 138 ? 3.250   -2.546  12.936  1.00 54.79 ? 138 GLY A O   1 
ATOM   900  N  N   . PHE A 1 139 ? 1.181   -2.796  13.747  1.00 57.75 ? 139 PHE A N   1 
ATOM   901  C  CA  . PHE A 1 139 ? 0.891   -1.385  13.755  1.00 56.40 ? 139 PHE A CA  1 
ATOM   902  C  C   . PHE A 1 139 ? 0.552   -1.038  15.174  1.00 50.69 ? 139 PHE A C   1 
ATOM   903  O  O   . PHE A 1 139 ? -0.528  -1.371  15.655  1.00 59.68 ? 139 PHE A O   1 
ATOM   904  C  CB  . PHE A 1 139 ? -0.297  -1.086  12.856  1.00 61.09 ? 139 PHE A CB  1 
ATOM   905  N  N   . HIS A 1 140 ? 1.461   -0.389  15.876  1.00 51.43 ? 140 HIS A N   1 
ATOM   906  C  CA  . HIS A 1 140 ? 1.117   -0.037  17.239  1.00 33.95 ? 140 HIS A CA  1 
ATOM   907  C  C   . HIS A 1 140 ? 0.581   -1.232  17.991  1.00 35.67 ? 140 HIS A C   1 
ATOM   908  O  O   . HIS A 1 140 ? -0.606  -1.268  18.310  1.00 48.87 ? 140 HIS A O   1 
ATOM   909  C  CB  . HIS A 1 140 ? 0.025   1.010   17.204  1.00 27.19 ? 140 HIS A CB  1 
ATOM   910  C  CG  . HIS A 1 140 ? 0.472   2.325   16.665  1.00 25.78 ? 140 HIS A CG  1 
ATOM   911  N  ND1 . HIS A 1 140 ? -0.380  3.165   15.982  1.00 29.88 ? 140 HIS A ND1 1 
ATOM   912  C  CD2 . HIS A 1 140 ? 1.639   2.999   16.798  1.00 27.33 ? 140 HIS A CD2 1 
ATOM   913  C  CE1 . HIS A 1 140 ? 0.240   4.300   15.721  1.00 26.46 ? 140 HIS A CE1 1 
ATOM   914  N  NE2 . HIS A 1 140 ? 1.466   4.228   16.205  1.00 28.32 ? 140 HIS A NE2 1 
ATOM   915  N  N   . GLY A 1 141 ? 1.431   -2.221  18.262  1.00 38.66 ? 141 GLY A N   1 
ATOM   916  C  CA  . GLY A 1 141 ? 0.969   -3.398  18.976  1.00 32.19 ? 141 GLY A CA  1 
ATOM   917  C  C   . GLY A 1 141 ? 0.187   -4.461  18.191  1.00 46.45 ? 141 GLY A C   1 
ATOM   918  O  O   . GLY A 1 141 ? 0.376   -5.661  18.428  1.00 45.95 ? 141 GLY A O   1 
ATOM   919  N  N   . ARG A 1 142 ? -0.708  -4.061  17.285  1.00 43.46 ? 142 ARG A N   1 
ATOM   920  C  CA  . ARG A 1 142 ? -1.468  -5.060  16.510  1.00 46.70 ? 142 ARG A CA  1 
ATOM   921  C  C   . ARG A 1 142 ? -1.226  -5.220  15.005  1.00 48.12 ? 142 ARG A C   1 
ATOM   922  O  O   . ARG A 1 142 ? -0.891  -4.281  14.290  1.00 46.29 ? 142 ARG A O   1 
ATOM   923  C  CB  . ARG A 1 142 ? -2.988  -4.886  16.744  1.00 51.54 ? 142 ARG A CB  1 
ATOM   924  N  N   . ARG A 1 143 ? -1.433  -6.445  14.541  1.00 44.43 ? 143 ARG A N   1 
ATOM   925  C  CA  . ARG A 1 143 ? -1.280  -6.765  13.131  1.00 41.63 ? 143 ARG A CA  1 
ATOM   926  C  C   . ARG A 1 143 ? -2.202  -5.912  12.256  1.00 39.80 ? 143 ARG A C   1 
ATOM   927  O  O   . ARG A 1 143 ? -3.372  -5.716  12.567  1.00 39.84 ? 143 ARG A O   1 
ATOM   928  C  CB  . ARG A 1 143 ? -1.587  -8.239  12.898  1.00 40.06 ? 143 ARG A CB  1 
ATOM   929  C  CG  . ARG A 1 143 ? -1.088  -8.751  11.569  1.00 38.98 ? 143 ARG A CG  1 
ATOM   930  C  CD  . ARG A 1 143 ? -1.715  -10.082 11.247  1.00 35.81 ? 143 ARG A CD  1 
ATOM   931  N  NE  . ARG A 1 143 ? -1.337  -10.560 9.927   1.00 33.31 ? 143 ARG A NE  1 
ATOM   932  C  CZ  . ARG A 1 143 ? -1.897  -11.617 9.343   1.00 33.35 ? 143 ARG A CZ  1 
ATOM   933  N  NH1 . ARG A 1 143 ? -2.862  -12.307 9.955   1.00 28.96 ? 143 ARG A NH1 1 
ATOM   934  N  NH2 . ARG A 1 143 ? -1.497  -12.002 8.148   1.00 27.79 ? 143 ARG A NH2 1 
ATOM   935  N  N   . SER A 1 144 ? -1.646  -5.415  11.159  1.00 39.03 ? 144 SER A N   1 
ATOM   936  C  CA  . SER A 1 144 ? -2.373  -4.596  10.204  1.00 36.27 ? 144 SER A CA  1 
ATOM   937  C  C   . SER A 1 144 ? -2.105  -5.157  8.804   1.00 34.64 ? 144 SER A C   1 
ATOM   938  O  O   . SER A 1 144 ? -0.956  -5.430  8.438   1.00 32.28 ? 144 SER A O   1 
ATOM   939  C  CB  . SER A 1 144 ? -1.876  -3.148  10.295  1.00 38.54 ? 144 SER A CB  1 
ATOM   940  O  OG  . SER A 1 144 ? -2.328  -2.353  9.213   1.00 34.36 ? 144 SER A OG  1 
ATOM   941  N  N   . CYS A 1 145 ? -3.165  -5.344  8.029   1.00 31.93 ? 145 CYS A N   1 
ATOM   942  C  CA  . CYS A 1 145 ? -3.033  -5.866  6.673   1.00 29.62 ? 145 CYS A CA  1 
ATOM   943  C  C   . CYS A 1 145 ? -3.664  -4.910  5.664   1.00 28.85 ? 145 CYS A C   1 
ATOM   944  O  O   . CYS A 1 145 ? -4.831  -4.555  5.781   1.00 26.09 ? 145 CYS A O   1 
ATOM   945  C  CB  . CYS A 1 145 ? -3.694  -7.240  6.579   1.00 29.46 ? 145 CYS A CB  1 
ATOM   946  S  SG  . CYS A 1 145 ? -2.923  -8.511  7.628   1.00 26.31 ? 145 CYS A SG  1 
ATOM   947  N  N   . SER A 1 146 ? -2.890  -4.507  4.664   1.00 27.46 ? 146 SER A N   1 
ATOM   948  C  CA  . SER A 1 146 ? -3.397  -3.580  3.657   1.00 28.53 ? 146 SER A CA  1 
ATOM   949  C  C   . SER A 1 146 ? -2.723  -3.791  2.307   1.00 28.37 ? 146 SER A C   1 
ATOM   950  O  O   . SER A 1 146 ? -1.678  -4.445  2.206   1.00 27.12 ? 146 SER A O   1 
ATOM   951  C  CB  . SER A 1 146 ? -3.183  -2.135  4.130   1.00 26.52 ? 146 SER A CB  1 
ATOM   952  O  OG  . SER A 1 146 ? -1.824  -1.909  4.476   1.00 27.27 ? 146 SER A OG  1 
ATOM   953  N  N   . VAL A 1 147 ? -3.344  -3.252  1.266   1.00 28.91 ? 147 VAL A N   1 
ATOM   954  C  CA  . VAL A 1 147 ? -2.813  -3.359  -0.082  1.00 27.74 ? 147 VAL A CA  1 
ATOM   955  C  C   . VAL A 1 147 ? -2.510  -1.943  -0.571  1.00 29.43 ? 147 VAL A C   1 
ATOM   956  O  O   . VAL A 1 147 ? -3.411  -1.111  -0.719  1.00 27.46 ? 147 VAL A O   1 
ATOM   957  C  CB  . VAL A 1 147 ? -3.824  -4.037  -1.028  1.00 30.34 ? 147 VAL A CB  1 
ATOM   958  C  CG1 . VAL A 1 147 ? -3.192  -4.250  -2.403  1.00 27.53 ? 147 VAL A CG1 1 
ATOM   959  C  CG2 . VAL A 1 147 ? -4.275  -5.371  -0.433  1.00 26.95 ? 147 VAL A CG2 1 
ATOM   960  N  N   . TRP A 1 148 ? -1.228  -1.684  -0.809  1.00 26.44 ? 148 TRP A N   1 
ATOM   961  C  CA  . TRP A 1 148 ? -0.758  -0.381  -1.251  1.00 28.36 ? 148 TRP A CA  1 
ATOM   962  C  C   . TRP A 1 148 ? -0.525  -0.299  -2.759  1.00 28.28 ? 148 TRP A C   1 
ATOM   963  O  O   . TRP A 1 148 ? 0.305   -1.024  -3.301  1.00 28.53 ? 148 TRP A O   1 
ATOM   964  C  CB  . TRP A 1 148 ? 0.568   -0.046  -0.557  1.00 29.01 ? 148 TRP A CB  1 
ATOM   965  C  CG  . TRP A 1 148 ? 0.493   0.136   0.936   1.00 31.24 ? 148 TRP A CG  1 
ATOM   966  C  CD1 . TRP A 1 148 ? -0.303  -0.546  1.816   1.00 30.79 ? 148 TRP A CD1 1 
ATOM   967  C  CD2 . TRP A 1 148 ? 1.290   1.028   1.725   1.00 30.60 ? 148 TRP A CD2 1 
ATOM   968  N  NE1 . TRP A 1 148 ? -0.053  -0.128  3.100   1.00 28.90 ? 148 TRP A NE1 1 
ATOM   969  C  CE2 . TRP A 1 148 ? 0.917   0.839   3.073   1.00 31.52 ? 148 TRP A CE2 1 
ATOM   970  C  CE3 . TRP A 1 148 ? 2.277   1.979   1.421   1.00 33.53 ? 148 TRP A CE3 1 
ATOM   971  C  CZ2 . TRP A 1 148 ? 1.508   1.553   4.122   1.00 33.01 ? 148 TRP A CZ2 1 
ATOM   972  C  CZ3 . TRP A 1 148 ? 2.863   2.693   2.467   1.00 32.29 ? 148 TRP A CZ3 1 
ATOM   973  C  CH2 . TRP A 1 148 ? 2.472   2.478   3.798   1.00 34.41 ? 148 TRP A CH2 1 
ATOM   974  N  N   . PHE A 1 149 ? -1.251  0.578   -3.435  1.00 26.32 ? 149 PHE A N   1 
ATOM   975  C  CA  . PHE A 1 149 ? -1.034  0.764   -4.861  1.00 29.14 ? 149 PHE A CA  1 
ATOM   976  C  C   . PHE A 1 149 ? -0.007  1.897   -4.928  1.00 31.05 ? 149 PHE A C   1 
ATOM   977  O  O   . PHE A 1 149 ? -0.308  3.039   -4.591  1.00 31.14 ? 149 PHE A O   1 
ATOM   978  C  CB  . PHE A 1 149 ? -2.344  1.130   -5.563  1.00 26.84 ? 149 PHE A CB  1 
ATOM   979  C  CG  . PHE A 1 149 ? -3.266  -0.045  -5.744  1.00 28.22 ? 149 PHE A CG  1 
ATOM   980  C  CD1 . PHE A 1 149 ? -3.791  -0.704  -4.636  1.00 28.03 ? 149 PHE A CD1 1 
ATOM   981  C  CD2 . PHE A 1 149 ? -3.552  -0.536  -7.016  1.00 27.46 ? 149 PHE A CD2 1 
ATOM   982  C  CE1 . PHE A 1 149 ? -4.589  -1.839  -4.785  1.00 29.09 ? 149 PHE A CE1 1 
ATOM   983  C  CE2 . PHE A 1 149 ? -4.349  -1.673  -7.180  1.00 28.84 ? 149 PHE A CE2 1 
ATOM   984  C  CZ  . PHE A 1 149 ? -4.868  -2.327  -6.060  1.00 29.46 ? 149 PHE A CZ  1 
HETATM 985  N  N   . MSE A 1 150 ? 1.217   1.553   -5.324  1.00 32.30 ? 150 MSE A N   1 
HETATM 986  C  CA  . MSE A 1 150 ? 2.322   2.515   -5.390  1.00 31.92 ? 150 MSE A CA  1 
HETATM 987  C  C   . MSE A 1 150 ? 2.455   3.237   -6.727  1.00 32.32 ? 150 MSE A C   1 
HETATM 988  O  O   . MSE A 1 150 ? 2.139   2.680   -7.778  1.00 30.02 ? 150 MSE A O   1 
HETATM 989  C  CB  . MSE A 1 150 ? 3.656   1.809   -5.123  1.00 32.94 ? 150 MSE A CB  1 
HETATM 990  C  CG  . MSE A 1 150 ? 3.657   0.809   -3.978  1.00 35.29 ? 150 MSE A CG  1 
HETATM 991  SE SE  . MSE A 1 150 ? 3.272   1.631   -2.285  1.00 40.36 ? 150 MSE A SE  1 
HETATM 992  C  CE  . MSE A 1 150 ? 4.730   2.927   -2.195  1.00 37.36 ? 150 MSE A CE  1 
ATOM   993  N  N   . ASN A 1 151 ? 2.937   4.477   -6.680  1.00 33.81 ? 151 ASN A N   1 
ATOM   994  C  CA  . ASN A 1 151 ? 3.159   5.245   -7.900  1.00 36.78 ? 151 ASN A CA  1 
ATOM   995  C  C   . ASN A 1 151 ? 4.650   5.149   -8.250  1.00 39.02 ? 151 ASN A C   1 
ATOM   996  O  O   . ASN A 1 151 ? 5.421   4.509   -7.532  1.00 37.54 ? 151 ASN A O   1 
ATOM   997  C  CB  . ASN A 1 151 ? 2.749   6.714   -7.723  1.00 35.38 ? 151 ASN A CB  1 
ATOM   998  C  CG  . ASN A 1 151 ? 3.453   7.390   -6.557  1.00 38.65 ? 151 ASN A CG  1 
ATOM   999  O  OD1 . ASN A 1 151 ? 4.643   7.182   -6.326  1.00 37.07 ? 151 ASN A OD1 1 
ATOM   1000 N  ND2 . ASN A 1 151 ? 2.718   8.221   -5.827  1.00 36.21 ? 151 ASN A ND2 1 
ATOM   1001 N  N   . ALA A 1 152 ? 5.053   5.781   -9.346  1.00 39.82 ? 152 ALA A N   1 
ATOM   1002 C  CA  . ALA A 1 152 ? 6.445   5.737   -9.779  1.00 42.86 ? 152 ALA A CA  1 
ATOM   1003 C  C   . ALA A 1 152 ? 7.391   6.436   -8.807  1.00 42.91 ? 152 ALA A C   1 
ATOM   1004 O  O   . ALA A 1 152 ? 8.590   6.161   -8.798  1.00 44.46 ? 152 ALA A O   1 
ATOM   1005 C  CB  . ALA A 1 152 ? 6.581   6.348   -11.179 1.00 42.90 ? 152 ALA A CB  1 
ATOM   1006 N  N   . ALA A 1 153 ? 6.855   7.326   -7.980  1.00 43.11 ? 153 ALA A N   1 
ATOM   1007 C  CA  . ALA A 1 153 ? 7.676   8.048   -7.014  1.00 42.87 ? 153 ALA A CA  1 
ATOM   1008 C  C   . ALA A 1 153 ? 7.839   7.327   -5.669  1.00 42.56 ? 153 ALA A C   1 
ATOM   1009 O  O   . ALA A 1 153 ? 8.350   7.905   -4.709  1.00 42.03 ? 153 ALA A O   1 
ATOM   1010 C  CB  . ALA A 1 153 ? 7.111   9.436   -6.791  1.00 44.01 ? 153 ALA A CB  1 
ATOM   1011 N  N   . GLY A 1 154 ? 7.396   6.077   -5.592  1.00 40.66 ? 154 GLY A N   1 
ATOM   1012 C  CA  . GLY A 1 154 ? 7.546   5.325   -4.357  1.00 40.93 ? 154 GLY A CA  1 
ATOM   1013 C  C   . GLY A 1 154 ? 6.597   5.678   -3.228  1.00 39.74 ? 154 GLY A C   1 
ATOM   1014 O  O   . GLY A 1 154 ? 6.851   5.343   -2.069  1.00 38.91 ? 154 GLY A O   1 
ATOM   1015 N  N   . GLY A 1 155 ? 5.507   6.362   -3.559  1.00 37.37 ? 155 GLY A N   1 
ATOM   1016 C  CA  . GLY A 1 155 ? 4.531   6.720   -2.550  1.00 34.91 ? 155 GLY A CA  1 
ATOM   1017 C  C   . GLY A 1 155 ? 3.264   5.922   -2.792  1.00 31.99 ? 155 GLY A C   1 
ATOM   1018 O  O   . GLY A 1 155 ? 3.091   5.349   -3.860  1.00 31.53 ? 155 GLY A O   1 
ATOM   1019 N  N   . ALA A 1 156 ? 2.376   5.867   -1.806  1.00 31.63 ? 156 ALA A N   1 
ATOM   1020 C  CA  . ALA A 1 156 ? 1.129   5.128   -1.979  1.00 30.36 ? 156 ALA A CA  1 
ATOM   1021 C  C   . ALA A 1 156 ? 0.075   6.032   -2.614  1.00 29.20 ? 156 ALA A C   1 
ATOM   1022 O  O   . ALA A 1 156 ? -0.163  7.140   -2.136  1.00 26.85 ? 156 ALA A O   1 
ATOM   1023 C  CB  . ALA A 1 156 ? 0.630   4.625   -0.639  1.00 32.34 ? 156 ALA A CB  1 
HETATM 1024 N  N   . MSE A 1 157 ? -0.535  5.556   -3.697  1.00 26.33 ? 157 MSE A N   1 
HETATM 1025 C  CA  . MSE A 1 157 ? -1.588  6.299   -4.385  1.00 24.76 ? 157 MSE A CA  1 
HETATM 1026 C  C   . MSE A 1 157 ? -2.813  6.251   -3.467  1.00 25.77 ? 157 MSE A C   1 
HETATM 1027 O  O   . MSE A 1 157 ? -3.506  7.248   -3.257  1.00 23.50 ? 157 MSE A O   1 
HETATM 1028 C  CB  . MSE A 1 157 ? -1.899  5.623   -5.724  1.00 27.61 ? 157 MSE A CB  1 
HETATM 1029 C  CG  . MSE A 1 157 ? -0.733  5.629   -6.702  1.00 30.83 ? 157 MSE A CG  1 
HETATM 1030 SE SE  . MSE A 1 157 ? -1.106  4.504   -8.241  1.00 44.17 ? 157 MSE A SE  1 
HETATM 1031 C  CE  . MSE A 1 157 ? -2.587  5.482   -8.993  1.00 31.87 ? 157 MSE A CE  1 
ATOM   1032 N  N   . PHE A 1 158 ? -3.056  5.070   -2.913  1.00 26.13 ? 158 PHE A N   1 
ATOM   1033 C  CA  . PHE A 1 158 ? -4.150  4.842   -1.978  1.00 26.72 ? 158 PHE A CA  1 
ATOM   1034 C  C   . PHE A 1 158 ? -3.877  3.488   -1.353  1.00 26.87 ? 158 PHE A C   1 
ATOM   1035 O  O   . PHE A 1 158 ? -3.011  2.746   -1.832  1.00 26.15 ? 158 PHE A O   1 
ATOM   1036 C  CB  . PHE A 1 158 ? -5.511  4.862   -2.691  1.00 25.32 ? 158 PHE A CB  1 
ATOM   1037 C  CG  . PHE A 1 158 ? -5.694  3.765   -3.703  1.00 24.29 ? 158 PHE A CG  1 
ATOM   1038 C  CD1 . PHE A 1 158 ? -6.271  2.551   -3.341  1.00 25.34 ? 158 PHE A CD1 1 
ATOM   1039 C  CD2 . PHE A 1 158 ? -5.278  3.943   -5.018  1.00 23.33 ? 158 PHE A CD2 1 
ATOM   1040 C  CE1 . PHE A 1 158 ? -6.432  1.523   -4.285  1.00 24.81 ? 158 PHE A CE1 1 
ATOM   1041 C  CE2 . PHE A 1 158 ? -5.430  2.931   -5.963  1.00 24.94 ? 158 PHE A CE2 1 
ATOM   1042 C  CZ  . PHE A 1 158 ? -6.007  1.719   -5.595  1.00 26.45 ? 158 PHE A CZ  1 
ATOM   1043 N  N   . LYS A 1 159 ? -4.606  3.168   -0.287  1.00 25.98 ? 159 LYS A N   1 
ATOM   1044 C  CA  . LYS A 1 159 ? -4.414  1.905   0.422   1.00 27.41 ? 159 LYS A CA  1 
ATOM   1045 C  C   . LYS A 1 159 ? -5.754  1.249   0.732   1.00 27.68 ? 159 LYS A C   1 
ATOM   1046 O  O   . LYS A 1 159 ? -6.711  1.926   1.064   1.00 26.50 ? 159 LYS A O   1 
ATOM   1047 C  CB  . LYS A 1 159 ? -3.689  2.159   1.750   1.00 27.24 ? 159 LYS A CB  1 
ATOM   1048 C  CG  . LYS A 1 159 ? -2.355  2.872   1.632   1.00 29.25 ? 159 LYS A CG  1 
ATOM   1049 C  CD  . LYS A 1 159 ? -1.825  3.312   2.999   1.00 31.70 ? 159 LYS A CD  1 
ATOM   1050 C  CE  . LYS A 1 159 ? -0.499  4.069   2.851   1.00 31.23 ? 159 LYS A CE  1 
ATOM   1051 N  NZ  . LYS A 1 159 ? 0.056   4.538   4.157   1.00 32.25 ? 159 LYS A NZ  1 
ATOM   1052 N  N   . ILE A 1 160 ? -5.818  -0.071  0.627   1.00 28.00 ? 160 ILE A N   1 
ATOM   1053 C  CA  . ILE A 1 160 ? -7.044  -0.792  0.947   1.00 27.87 ? 160 ILE A CA  1 
ATOM   1054 C  C   . ILE A 1 160 ? -6.707  -1.622  2.189   1.00 28.92 ? 160 ILE A C   1 
ATOM   1055 O  O   . ILE A 1 160 ? -5.812  -2.469  2.152   1.00 26.78 ? 160 ILE A O   1 
ATOM   1056 C  CB  . ILE A 1 160 ? -7.476  -1.762  -0.183  1.00 29.04 ? 160 ILE A CB  1 
ATOM   1057 C  CG1 . ILE A 1 160 ? -7.656  -1.009  -1.506  1.00 28.02 ? 160 ILE A CG1 1 
ATOM   1058 C  CG2 . ILE A 1 160 ? -8.767  -2.478  0.217   1.00 26.35 ? 160 ILE A CG2 1 
ATOM   1059 C  CD1 . ILE A 1 160 ? -8.741  0.068   -1.485  1.00 28.42 ? 160 ILE A CD1 1 
ATOM   1060 N  N   . PHE A 1 161 ? -7.413  -1.363  3.282   1.00 26.37 ? 161 PHE A N   1 
ATOM   1061 C  CA  . PHE A 1 161 ? -7.186  -2.077  4.526   1.00 29.36 ? 161 PHE A CA  1 
ATOM   1062 C  C   . PHE A 1 161 ? -8.218  -3.152  4.805   1.00 28.82 ? 161 PHE A C   1 
ATOM   1063 O  O   . PHE A 1 161 ? -9.390  -3.003  4.468   1.00 25.28 ? 161 PHE A O   1 
ATOM   1064 C  CB  . PHE A 1 161 ? -7.186  -1.100  5.706   1.00 29.90 ? 161 PHE A CB  1 
ATOM   1065 C  CG  . PHE A 1 161 ? -5.886  -0.399  5.907   1.00 32.28 ? 161 PHE A CG  1 
ATOM   1066 C  CD1 . PHE A 1 161 ? -4.972  -0.870  6.841   1.00 32.91 ? 161 PHE A CD1 1 
ATOM   1067 C  CD2 . PHE A 1 161 ? -5.555  0.715   5.143   1.00 32.79 ? 161 PHE A CD2 1 
ATOM   1068 C  CE1 . PHE A 1 161 ? -3.739  -0.243  7.015   1.00 34.97 ? 161 PHE A CE1 1 
ATOM   1069 C  CE2 . PHE A 1 161 ? -4.320  1.352   5.309   1.00 33.41 ? 161 PHE A CE2 1 
ATOM   1070 C  CZ  . PHE A 1 161 ? -3.413  0.869   6.248   1.00 33.25 ? 161 PHE A CZ  1 
ATOM   1071 N  N   . VAL A 1 162 ? -7.762  -4.239  5.419   1.00 28.31 ? 162 VAL A N   1 
ATOM   1072 C  CA  . VAL A 1 162 ? -8.651  -5.320  5.822   1.00 29.24 ? 162 VAL A CA  1 
ATOM   1073 C  C   . VAL A 1 162 ? -9.359  -4.766  7.068   1.00 31.67 ? 162 VAL A C   1 
ATOM   1074 O  O   . VAL A 1 162 ? -8.723  -4.160  7.928   1.00 28.07 ? 162 VAL A O   1 
ATOM   1075 C  CB  . VAL A 1 162 ? -7.841  -6.588  6.191   1.00 29.03 ? 162 VAL A CB  1 
ATOM   1076 C  CG1 . VAL A 1 162 ? -8.736  -7.609  6.877   1.00 30.15 ? 162 VAL A CG1 1 
ATOM   1077 C  CG2 . VAL A 1 162 ? -7.243  -7.196  4.929   1.00 28.88 ? 162 VAL A CG2 1 
ATOM   1078 N  N   . ARG A 1 163 ? -10.667 -4.961  7.158   1.00 34.67 ? 163 ARG A N   1 
ATOM   1079 C  CA  . ARG A 1 163 ? -11.431 -4.452  8.294   1.00 40.51 ? 163 ARG A CA  1 
ATOM   1080 C  C   . ARG A 1 163 ? -11.319 -5.297  9.554   1.00 41.92 ? 163 ARG A C   1 
ATOM   1081 O  O   . ARG A 1 163 ? -10.826 -6.420  9.526   1.00 37.07 ? 163 ARG A O   1 
ATOM   1082 C  CB  . ARG A 1 163 ? -12.908 -4.323  7.915   1.00 44.57 ? 163 ARG A CB  1 
ATOM   1083 C  CG  . ARG A 1 163 ? -13.166 -3.390  6.748   1.00 51.35 ? 163 ARG A CG  1 
ATOM   1084 C  CD  . ARG A 1 163 ? -12.758 -1.966  7.073   1.00 54.59 ? 163 ARG A CD  1 
ATOM   1085 N  NE  . ARG A 1 163 ? -13.651 -1.342  8.045   1.00 58.99 ? 163 ARG A NE  1 
ATOM   1086 C  CZ  . ARG A 1 163 ? -14.945 -1.135  7.834   1.00 61.48 ? 163 ARG A CZ  1 
ATOM   1087 N  NH1 . ARG A 1 163 ? -15.494 -1.504  6.685   1.00 62.30 ? 163 ARG A NH1 1 
ATOM   1088 N  NH2 . ARG A 1 163 ? -15.689 -0.548  8.765   1.00 61.56 ? 163 ARG A NH2 1 
ATOM   1089 N  N   . ARG A 1 164 ? -11.786 -4.725  10.662  1.00 45.35 ? 164 ARG A N   1 
ATOM   1090 C  CA  . ARG A 1 164 ? -11.788 -5.386  11.961  1.00 48.53 ? 164 ARG A CA  1 
ATOM   1091 C  C   . ARG A 1 164 ? -13.240 -5.560  12.405  1.00 51.08 ? 164 ARG A C   1 
ATOM   1092 O  O   . ARG A 1 164 ? -14.118 -4.804  11.981  1.00 51.89 ? 164 ARG A O   1 
ATOM   1093 C  CB  . ARG A 1 164 ? -11.033 -4.534  12.979  1.00 48.97 ? 164 ARG A CB  1 
ATOM   1094 C  CG  . ARG A 1 164 ? -9.549  -4.430  12.698  1.00 50.95 ? 164 ARG A CG  1 
ATOM   1095 C  CD  . ARG A 1 164 ? -8.896  -3.340  13.527  1.00 51.51 ? 164 ARG A CD  1 
ATOM   1096 N  NE  . ARG A 1 164 ? -7.473  -3.221  13.223  1.00 52.15 ? 164 ARG A NE  1 
ATOM   1097 C  CZ  . ARG A 1 164 ? -6.551  -4.108  13.585  1.00 52.33 ? 164 ARG A CZ  1 
ATOM   1098 N  NH1 . ARG A 1 164 ? -6.895  -5.188  14.274  1.00 49.02 ? 164 ARG A NH1 1 
ATOM   1099 N  NH2 . ARG A 1 164 ? -5.280  -3.915  13.246  1.00 53.46 ? 164 ARG A NH2 1 
ATOM   1100 N  N   . ASP A 1 165 ? -13.501 -6.547  13.252  1.00 52.49 ? 165 ASP A N   1 
ATOM   1101 C  CA  . ASP A 1 165 ? -14.864 -6.777  13.714  1.00 55.77 ? 165 ASP A CA  1 
ATOM   1102 C  C   . ASP A 1 165 ? -15.153 -6.078  15.038  1.00 57.35 ? 165 ASP A C   1 
ATOM   1103 O  O   . ASP A 1 165 ? -14.387 -5.216  15.475  1.00 56.29 ? 165 ASP A O   1 
ATOM   1104 C  CB  . ASP A 1 165 ? -15.136 -8.284  13.829  1.00 55.55 ? 165 ASP A CB  1 
ATOM   1105 C  CG  . ASP A 1 165 ? -14.208 -8.981  14.811  1.00 53.93 ? 165 ASP A CG  1 
ATOM   1106 O  OD1 . ASP A 1 165 ? -14.057 -10.213 14.700  1.00 55.29 ? 165 ASP A OD1 1 
ATOM   1107 O  OD2 . ASP A 1 165 ? -13.642 -8.311  15.699  1.00 53.92 ? 165 ASP A OD2 1 
ATOM   1108 N  N   . GLU A 1 166 ? -16.268 -6.444  15.665  1.00 60.07 ? 166 GLU A N   1 
ATOM   1109 C  CA  . GLU A 1 166 ? -16.665 -5.852  16.939  1.00 62.08 ? 166 GLU A CA  1 
ATOM   1110 C  C   . GLU A 1 166 ? -15.586 -6.072  17.991  1.00 63.40 ? 166 GLU A C   1 
ATOM   1111 O  O   . GLU A 1 166 ? -15.238 -5.158  18.741  1.00 63.90 ? 166 GLU A O   1 
ATOM   1112 C  CB  . GLU A 1 166 ? -17.987 -6.458  17.408  1.00 63.11 ? 166 GLU A CB  1 
ATOM   1113 N  N   . ASN A 1 167 ? -15.052 -7.291  18.034  1.00 63.89 ? 167 ASN A N   1 
ATOM   1114 C  CA  . ASN A 1 167 ? -14.015 -7.642  18.994  1.00 64.02 ? 167 ASN A CA  1 
ATOM   1115 C  C   . ASN A 1 167 ? -12.663 -7.021  18.647  1.00 63.22 ? 167 ASN A C   1 
ATOM   1116 O  O   . ASN A 1 167 ? -11.653 -7.321  19.280  1.00 63.49 ? 167 ASN A O   1 
ATOM   1117 C  CB  . ASN A 1 167 ? -13.893 -9.166  19.095  1.00 65.65 ? 167 ASN A CB  1 
ATOM   1118 C  CG  . ASN A 1 167 ? -15.176 -9.825  19.591  1.00 67.54 ? 167 ASN A CG  1 
ATOM   1119 O  OD1 . ASN A 1 167 ? -15.213 -11.031 19.844  1.00 68.41 ? 167 ASN A OD1 1 
ATOM   1120 N  ND2 . ASN A 1 167 ? -16.235 -9.035  19.730  1.00 67.55 ? 167 ASN A ND2 1 
ATOM   1121 N  N   . LYS A 1 168 ? -12.655 -6.155  17.634  1.00 61.75 ? 168 LYS A N   1 
ATOM   1122 C  CA  . LYS A 1 168 ? -11.450 -5.452  17.196  1.00 60.13 ? 168 LYS A CA  1 
ATOM   1123 C  C   . LYS A 1 168 ? -10.403 -6.304  16.471  1.00 58.90 ? 168 LYS A C   1 
ATOM   1124 O  O   . LYS A 1 168 ? -9.298  -5.829  16.196  1.00 58.72 ? 168 LYS A O   1 
ATOM   1125 C  CB  . LYS A 1 168 ? -10.804 -4.739  18.388  1.00 60.92 ? 168 LYS A CB  1 
ATOM   1126 N  N   . GLU A 1 169 ? -10.739 -7.552  16.162  1.00 56.28 ? 169 GLU A N   1 
ATOM   1127 C  CA  . GLU A 1 169 ? -9.802  -8.426  15.463  1.00 53.02 ? 169 GLU A CA  1 
ATOM   1128 C  C   . GLU A 1 169 ? -10.051 -8.392  13.956  1.00 48.94 ? 169 GLU A C   1 
ATOM   1129 O  O   . GLU A 1 169 ? -11.171 -8.157  13.510  1.00 45.11 ? 169 GLU A O   1 
ATOM   1130 C  CB  . GLU A 1 169 ? -9.913  -9.865  15.988  1.00 56.25 ? 169 GLU A CB  1 
ATOM   1131 C  CG  . GLU A 1 169 ? -11.332 -10.391 16.129  1.00 61.75 ? 169 GLU A CG  1 
ATOM   1132 C  CD  . GLU A 1 169 ? -11.384 -11.895 16.360  1.00 64.29 ? 169 GLU A CD  1 
ATOM   1133 O  OE1 . GLU A 1 169 ? -12.456 -12.410 16.751  1.00 65.55 ? 169 GLU A OE1 1 
ATOM   1134 O  OE2 . GLU A 1 169 ? -10.355 -12.568 16.138  1.00 66.29 ? 169 GLU A OE2 1 
ATOM   1135 N  N   . LEU A 1 170 ? -8.999  -8.613  13.175  1.00 44.86 ? 170 LEU A N   1 
ATOM   1136 C  CA  . LEU A 1 170 ? -9.120  -8.600  11.720  1.00 42.34 ? 170 LEU A CA  1 
ATOM   1137 C  C   . LEU A 1 170 ? -10.224 -9.565  11.293  1.00 40.00 ? 170 LEU A C   1 
ATOM   1138 O  O   . LEU A 1 170 ? -10.263 -10.704 11.746  1.00 39.49 ? 170 LEU A O   1 
ATOM   1139 C  CB  . LEU A 1 170 ? -7.785  -9.003  11.082  1.00 42.31 ? 170 LEU A CB  1 
ATOM   1140 C  CG  . LEU A 1 170 ? -6.605  -8.046  11.283  1.00 41.37 ? 170 LEU A CG  1 
ATOM   1141 C  CD1 . LEU A 1 170 ? -5.307  -8.708  10.852  1.00 40.98 ? 170 LEU A CD1 1 
ATOM   1142 C  CD2 . LEU A 1 170 ? -6.845  -6.783  10.491  1.00 41.32 ? 170 LEU A CD2 1 
ATOM   1143 N  N   . LEU A 1 171 ? -11.131 -9.102  10.440  1.00 39.26 ? 171 LEU A N   1 
ATOM   1144 C  CA  . LEU A 1 171 ? -12.223 -9.952  9.974   1.00 37.69 ? 171 LEU A CA  1 
ATOM   1145 C  C   . LEU A 1 171 ? -11.670 -11.241 9.367   1.00 36.05 ? 171 LEU A C   1 
ATOM   1146 O  O   . LEU A 1 171 ? -10.918 -11.217 8.391   1.00 33.24 ? 171 LEU A O   1 
ATOM   1147 C  CB  . LEU A 1 171 ? -13.091 -9.192  8.960   1.00 37.99 ? 171 LEU A CB  1 
ATOM   1148 C  CG  . LEU A 1 171 ? -13.982 -8.115  9.594   1.00 42.83 ? 171 LEU A CG  1 
ATOM   1149 C  CD1 . LEU A 1 171 ? -14.569 -7.206  8.521   1.00 43.42 ? 171 LEU A CD1 1 
ATOM   1150 C  CD2 . LEU A 1 171 ? -15.093 -8.794  10.395  1.00 43.40 ? 171 LEU A CD2 1 
ATOM   1151 N  N   . ALA A 1 172 ? -12.056 -12.367 9.960   1.00 35.68 ? 172 ALA A N   1 
ATOM   1152 C  CA  . ALA A 1 172 ? -11.595 -13.689 9.542   1.00 34.75 ? 172 ALA A CA  1 
ATOM   1153 C  C   . ALA A 1 172 ? -11.653 -13.995 8.048   1.00 34.13 ? 172 ALA A C   1 
ATOM   1154 O  O   . ALA A 1 172 ? -10.623 -14.246 7.423   1.00 32.70 ? 172 ALA A O   1 
ATOM   1155 C  CB  . ALA A 1 172 ? -12.358 -14.762 10.318  1.00 37.33 ? 172 ALA A CB  1 
ATOM   1156 N  N   . GLY A 1 173 ? -12.854 -13.993 7.479   1.00 34.57 ? 173 GLY A N   1 
ATOM   1157 C  CA  . GLY A 1 173 ? -12.997 -14.297 6.064   1.00 34.74 ? 173 GLY A CA  1 
ATOM   1158 C  C   . GLY A 1 173 ? -12.185 -13.405 5.141   1.00 33.45 ? 173 GLY A C   1 
ATOM   1159 O  O   . GLY A 1 173 ? -11.545 -13.876 4.197   1.00 32.43 ? 173 GLY A O   1 
ATOM   1160 N  N   . GLN A 1 174 ? -12.215 -12.108 5.414   1.00 31.55 ? 174 GLN A N   1 
ATOM   1161 C  CA  . GLN A 1 174 ? -11.488 -11.134 4.606   1.00 31.10 ? 174 GLN A CA  1 
ATOM   1162 C  C   . GLN A 1 174 ? -9.984  -11.331 4.745   1.00 28.78 ? 174 GLN A C   1 
ATOM   1163 O  O   . GLN A 1 174 ? -9.253  -11.334 3.757   1.00 27.55 ? 174 GLN A O   1 
ATOM   1164 C  CB  . GLN A 1 174 ? -11.866 -9.724  5.048   1.00 31.63 ? 174 GLN A CB  1 
ATOM   1165 C  CG  . GLN A 1 174 ? -11.510 -8.645  4.050   1.00 33.07 ? 174 GLN A CG  1 
ATOM   1166 C  CD  . GLN A 1 174 ? -12.143 -7.325  4.414   1.00 32.89 ? 174 GLN A CD  1 
ATOM   1167 O  OE1 . GLN A 1 174 ? -11.592 -6.561  5.199   1.00 33.60 ? 174 GLN A OE1 1 
ATOM   1168 N  NE2 . GLN A 1 174 ? -13.323 -7.057  3.860   1.00 33.67 ? 174 GLN A NE2 1 
ATOM   1169 N  N   . LEU A 1 175 ? -9.535  -11.502 5.984   1.00 28.32 ? 175 LEU A N   1 
ATOM   1170 C  CA  . LEU A 1 175 ? -8.121  -11.716 6.276   1.00 29.29 ? 175 LEU A CA  1 
ATOM   1171 C  C   . LEU A 1 175 ? -7.578  -12.906 5.501   1.00 28.97 ? 175 LEU A C   1 
ATOM   1172 O  O   . LEU A 1 175 ? -6.498  -12.832 4.922   1.00 27.57 ? 175 LEU A O   1 
ATOM   1173 C  CB  . LEU A 1 175 ? -7.920  -11.942 7.777   1.00 28.88 ? 175 LEU A CB  1 
ATOM   1174 C  CG  . LEU A 1 175 ? -6.488  -12.252 8.226   1.00 29.90 ? 175 LEU A CG  1 
ATOM   1175 C  CD1 . LEU A 1 175 ? -5.549  -11.135 7.769   1.00 30.73 ? 175 LEU A CD1 1 
ATOM   1176 C  CD2 . LEU A 1 175 ? -6.447  -12.404 9.743   1.00 33.54 ? 175 LEU A CD2 1 
ATOM   1177 N  N   . ALA A 1 176 ? -8.329  -14.007 5.494   1.00 30.53 ? 176 ALA A N   1 
ATOM   1178 C  CA  . ALA A 1 176 ? -7.910  -15.213 4.782   1.00 30.79 ? 176 ALA A CA  1 
ATOM   1179 C  C   . ALA A 1 176 ? -7.675  -14.938 3.290   1.00 31.27 ? 176 ALA A C   1 
ATOM   1180 O  O   . ALA A 1 176 ? -6.698  -15.421 2.709   1.00 29.31 ? 176 ALA A O   1 
ATOM   1181 C  CB  . ALA A 1 176 ? -8.960  -16.319 4.955   1.00 33.24 ? 176 ALA A CB  1 
ATOM   1182 N  N   . LYS A 1 177 ? -8.565  -14.162 2.674   1.00 28.98 ? 177 LYS A N   1 
ATOM   1183 C  CA  . LYS A 1 177 ? -8.429  -13.832 1.253   1.00 29.91 ? 177 LYS A CA  1 
ATOM   1184 C  C   . LYS A 1 177 ? -7.204  -12.953 1.014   1.00 28.26 ? 177 LYS A C   1 
ATOM   1185 O  O   . LYS A 1 177 ? -6.511  -13.095 0.007   1.00 24.94 ? 177 LYS A O   1 
ATOM   1186 C  CB  . LYS A 1 177 ? -9.688  -13.116 0.747   1.00 31.94 ? 177 LYS A CB  1 
ATOM   1187 C  CG  . LYS A 1 177 ? -10.957 -13.962 0.872   1.00 33.75 ? 177 LYS A CG  1 
ATOM   1188 C  CD  . LYS A 1 177 ? -12.180 -13.225 0.362   1.00 37.15 ? 177 LYS A CD  1 
ATOM   1189 C  CE  . LYS A 1 177 ? -13.436 -14.082 0.490   1.00 40.41 ? 177 LYS A CE  1 
ATOM   1190 N  NZ  . LYS A 1 177 ? -14.634 -13.368 -0.039  1.00 42.64 ? 177 LYS A NZ  1 
ATOM   1191 N  N   . PHE A 1 178 ? -6.945  -12.036 1.938   1.00 26.46 ? 178 PHE A N   1 
ATOM   1192 C  CA  . PHE A 1 178 ? -5.780  -11.160 1.829   1.00 27.68 ? 178 PHE A CA  1 
ATOM   1193 C  C   . PHE A 1 178 ? -4.507  -12.022 1.866   1.00 28.66 ? 178 PHE A C   1 
ATOM   1194 O  O   . PHE A 1 178 ? -3.655  -11.945 0.974   1.00 29.08 ? 178 PHE A O   1 
ATOM   1195 C  CB  . PHE A 1 178 ? -5.750  -10.165 2.998   1.00 28.24 ? 178 PHE A CB  1 
ATOM   1196 C  CG  . PHE A 1 178 ? -4.431  -9.452  3.151   1.00 29.15 ? 178 PHE A CG  1 
ATOM   1197 C  CD1 . PHE A 1 178 ? -4.165  -8.284  2.446   1.00 29.29 ? 178 PHE A CD1 1 
ATOM   1198 C  CD2 . PHE A 1 178 ? -3.436  -9.979  3.970   1.00 28.40 ? 178 PHE A CD2 1 
ATOM   1199 C  CE1 . PHE A 1 178 ? -2.925  -7.647  2.550   1.00 29.59 ? 178 PHE A CE1 1 
ATOM   1200 C  CE2 . PHE A 1 178 ? -2.189  -9.346  4.078   1.00 30.52 ? 178 PHE A CE2 1 
ATOM   1201 C  CZ  . PHE A 1 178 ? -1.938  -8.176  3.364   1.00 28.54 ? 178 PHE A CZ  1 
ATOM   1202 N  N   . GLU A 1 179 ? -4.388  -12.839 2.906   1.00 29.00 ? 179 GLU A N   1 
ATOM   1203 C  CA  . GLU A 1 179 ? -3.222  -13.707 3.071   1.00 29.34 ? 179 GLU A CA  1 
ATOM   1204 C  C   . GLU A 1 179 ? -3.018  -14.600 1.848   1.00 31.55 ? 179 GLU A C   1 
ATOM   1205 O  O   . GLU A 1 179 ? -1.902  -14.761 1.359   1.00 31.20 ? 179 GLU A O   1 
ATOM   1206 C  CB  . GLU A 1 179 ? -3.396  -14.569 4.317   1.00 28.21 ? 179 GLU A CB  1 
ATOM   1207 C  CG  . GLU A 1 179 ? -3.681  -13.765 5.582   1.00 31.25 ? 179 GLU A CG  1 
ATOM   1208 C  CD  . GLU A 1 179 ? -3.764  -14.639 6.816   1.00 31.71 ? 179 GLU A CD  1 
ATOM   1209 O  OE1 . GLU A 1 179 ? -4.373  -15.726 6.726   1.00 31.45 ? 179 GLU A OE1 1 
ATOM   1210 O  OE2 . GLU A 1 179 ? -3.231  -14.238 7.874   1.00 31.14 ? 179 GLU A OE2 1 
ATOM   1211 N  N   . GLU A 1 180 ? -4.116  -15.172 1.365   1.00 33.01 ? 180 GLU A N   1 
ATOM   1212 C  CA  . GLU A 1 180 ? -4.119  -16.047 0.201   1.00 37.64 ? 180 GLU A CA  1 
ATOM   1213 C  C   . GLU A 1 180 ? -3.528  -15.318 -1.011  1.00 35.22 ? 180 GLU A C   1 
ATOM   1214 O  O   . GLU A 1 180 ? -2.597  -15.799 -1.652  1.00 35.13 ? 180 GLU A O   1 
ATOM   1215 C  CB  . GLU A 1 180 ? -5.563  -16.461 -0.084  1.00 43.63 ? 180 GLU A CB  1 
ATOM   1216 C  CG  . GLU A 1 180 ? -5.761  -17.504 -1.160  1.00 51.59 ? 180 GLU A CG  1 
ATOM   1217 C  CD  . GLU A 1 180 ? -7.228  -17.609 -1.564  1.00 56.04 ? 180 GLU A CD  1 
ATOM   1218 O  OE1 . GLU A 1 180 ? -8.096  -17.613 -0.662  1.00 57.55 ? 180 GLU A OE1 1 
ATOM   1219 O  OE2 . GLU A 1 180 ? -7.515  -17.688 -2.779  1.00 57.85 ? 180 GLU A OE2 1 
ATOM   1220 N  N   . LEU A 1 181 ? -4.078  -14.152 -1.324  1.00 31.63 ? 181 LEU A N   1 
ATOM   1221 C  CA  . LEU A 1 181 ? -3.595  -13.373 -2.457  1.00 30.29 ? 181 LEU A CA  1 
ATOM   1222 C  C   . LEU A 1 181 ? -2.135  -12.944 -2.263  1.00 30.04 ? 181 LEU A C   1 
ATOM   1223 O  O   . LEU A 1 181 ? -1.306  -13.099 -3.172  1.00 25.75 ? 181 LEU A O   1 
ATOM   1224 C  CB  . LEU A 1 181 ? -4.487  -12.147 -2.662  1.00 28.50 ? 181 LEU A CB  1 
ATOM   1225 C  CG  . LEU A 1 181 ? -4.182  -11.272 -3.877  1.00 27.90 ? 181 LEU A CG  1 
ATOM   1226 C  CD1 . LEU A 1 181 ? -4.276  -12.110 -5.160  1.00 29.96 ? 181 LEU A CD1 1 
ATOM   1227 C  CD2 . LEU A 1 181 ? -5.154  -10.116 -3.915  1.00 30.11 ? 181 LEU A CD2 1 
ATOM   1228 N  N   . ARG A 1 182 ? -1.823  -12.414 -1.077  1.00 28.80 ? 182 ARG A N   1 
ATOM   1229 C  CA  . ARG A 1 182 ? -0.461  -11.973 -0.756  1.00 30.16 ? 182 ARG A CA  1 
ATOM   1230 C  C   . ARG A 1 182 ? 0.548   -13.127 -0.855  1.00 31.84 ? 182 ARG A C   1 
ATOM   1231 O  O   . ARG A 1 182 ? 1.619   -12.964 -1.442  1.00 29.95 ? 182 ARG A O   1 
ATOM   1232 C  CB  . ARG A 1 182 ? -0.423  -11.354 0.652   1.00 30.06 ? 182 ARG A CB  1 
ATOM   1233 C  CG  . ARG A 1 182 ? 0.942   -10.780 1.092   1.00 31.28 ? 182 ARG A CG  1 
ATOM   1234 C  CD  . ARG A 1 182 ? 1.896   -11.825 1.681   1.00 35.57 ? 182 ARG A CD  1 
ATOM   1235 N  NE  . ARG A 1 182 ? 1.626   -12.133 3.086   1.00 41.22 ? 182 ARG A NE  1 
ATOM   1236 C  CZ  . ARG A 1 182 ? 0.634   -12.905 3.509   1.00 45.24 ? 182 ARG A CZ  1 
ATOM   1237 N  NH1 . ARG A 1 182 ? -0.191  -13.454 2.630   1.00 50.42 ? 182 ARG A NH1 1 
ATOM   1238 N  NH2 . ARG A 1 182 ? 0.465   -13.134 4.804   1.00 41.82 ? 182 ARG A NH2 1 
ATOM   1239 N  N   . ASP A 1 183 ? 0.208   -14.286 -0.290  1.00 31.93 ? 183 ASP A N   1 
ATOM   1240 C  CA  . ASP A 1 183 ? 1.113   -15.439 -0.338  1.00 35.11 ? 183 ASP A CA  1 
ATOM   1241 C  C   . ASP A 1 183 ? 1.502   -15.796 -1.775  1.00 36.55 ? 183 ASP A C   1 
ATOM   1242 O  O   . ASP A 1 183 ? 2.649   -16.151 -2.046  1.00 33.29 ? 183 ASP A O   1 
ATOM   1243 C  CB  . ASP A 1 183 ? 0.474   -16.676 0.310   1.00 33.56 ? 183 ASP A CB  1 
ATOM   1244 C  CG  . ASP A 1 183 ? 0.325   -16.544 1.807   1.00 34.16 ? 183 ASP A CG  1 
ATOM   1245 O  OD1 . ASP A 1 183 ? 1.038   -15.713 2.412   1.00 32.23 ? 183 ASP A OD1 1 
ATOM   1246 O  OD2 . ASP A 1 183 ? -0.499  -17.290 2.381   1.00 32.43 ? 183 ASP A OD2 1 
ATOM   1247 N  N   . GLY A 1 184 ? 0.535   -15.701 -2.684  1.00 36.52 ? 184 GLY A N   1 
ATOM   1248 C  CA  . GLY A 1 184 ? 0.782   -16.025 -4.080  1.00 38.97 ? 184 GLY A CA  1 
ATOM   1249 C  C   . GLY A 1 184 ? 1.851   -15.198 -4.766  1.00 40.13 ? 184 GLY A C   1 
ATOM   1250 O  O   . GLY A 1 184 ? 2.415   -15.617 -5.781  1.00 39.43 ? 184 GLY A O   1 
ATOM   1251 N  N   . PHE A 1 185 ? 2.136   -14.021 -4.220  1.00 40.17 ? 185 PHE A N   1 
ATOM   1252 C  CA  . PHE A 1 185 ? 3.140   -13.134 -4.792  1.00 42.10 ? 185 PHE A CA  1 
ATOM   1253 C  C   . PHE A 1 185 ? 4.475   -13.257 -4.072  1.00 43.63 ? 185 PHE A C   1 
ATOM   1254 O  O   . PHE A 1 185 ? 5.485   -12.705 -4.513  1.00 43.21 ? 185 PHE A O   1 
ATOM   1255 C  CB  . PHE A 1 185 ? 2.644   -11.685 -4.749  1.00 40.75 ? 185 PHE A CB  1 
ATOM   1256 C  CG  . PHE A 1 185 ? 1.542   -11.397 -5.730  1.00 42.25 ? 185 PHE A CG  1 
ATOM   1257 C  CD1 . PHE A 1 185 ? 1.797   -11.404 -7.099  1.00 41.84 ? 185 PHE A CD1 1 
ATOM   1258 C  CD2 . PHE A 1 185 ? 0.247   -11.142 -5.290  1.00 41.57 ? 185 PHE A CD2 1 
ATOM   1259 C  CE1 . PHE A 1 185 ? 0.778   -11.164 -8.021  1.00 43.06 ? 185 PHE A CE1 1 
ATOM   1260 C  CE2 . PHE A 1 185 ? -0.779  -10.900 -6.201  1.00 42.40 ? 185 PHE A CE2 1 
ATOM   1261 C  CZ  . PHE A 1 185 ? -0.516  -10.910 -7.574  1.00 42.90 ? 185 PHE A CZ  1 
ATOM   1262 N  N   . ARG A 1 186 ? 4.471   -13.991 -2.966  1.00 45.20 ? 186 ARG A N   1 
ATOM   1263 C  CA  . ARG A 1 186 ? 5.678   -14.201 -2.181  1.00 49.24 ? 186 ARG A CA  1 
ATOM   1264 C  C   . ARG A 1 186 ? 6.471   -15.343 -2.803  1.00 51.19 ? 186 ARG A C   1 
ATOM   1265 O  O   . ARG A 1 186 ? 7.682   -15.149 -3.045  1.00 52.63 ? 186 ARG A O   1 
ATOM   1266 C  CB  . ARG A 1 186 ? 5.320   -14.526 -0.731  1.00 48.21 ? 186 ARG A CB  1 
HETATM 1267 O  O   . HOH B 2 .   ? -5.368  17.148  0.320   1.00 30.45 ? 201 HOH A O   1 
HETATM 1268 O  O   . HOH B 2 .   ? -3.421  6.069   1.880   1.00 29.85 ? 202 HOH A O   1 
HETATM 1269 O  O   . HOH B 2 .   ? -4.352  -7.611  -14.089 1.00 31.51 ? 203 HOH A O   1 
HETATM 1270 O  O   . HOH B 2 .   ? -4.155  -4.382  -15.077 1.00 31.98 ? 204 HOH A O   1 
HETATM 1271 O  O   . HOH B 2 .   ? -0.839  -2.851  6.896   1.00 29.63 ? 205 HOH A O   1 
HETATM 1272 O  O   . HOH B 2 .   ? -19.106 4.084   -6.269  1.00 37.73 ? 206 HOH A O   1 
HETATM 1273 O  O   . HOH B 2 .   ? -6.113  3.559   -20.602 1.00 28.71 ? 207 HOH A O   1 
HETATM 1274 O  O   . HOH B 2 .   ? 0.110   10.926  -17.691 1.00 53.51 ? 208 HOH A O   1 
HETATM 1275 O  O   . HOH B 2 .   ? -14.771 -4.987  -1.866  1.00 33.12 ? 209 HOH A O   1 
HETATM 1276 O  O   . HOH B 2 .   ? -8.370  -15.225 11.476  1.00 38.18 ? 210 HOH A O   1 
HETATM 1277 O  O   . HOH B 2 .   ? -5.905  -4.181  8.584   1.00 33.38 ? 211 HOH A O   1 
HETATM 1278 O  O   . HOH B 2 .   ? -17.402 -7.874  -1.759  1.00 41.96 ? 212 HOH A O   1 
HETATM 1279 O  O   . HOH B 2 .   ? -12.201 -16.379 3.566   1.00 39.16 ? 213 HOH A O   1 
HETATM 1280 O  O   . HOH B 2 .   ? -6.453  -16.732 7.928   1.00 45.20 ? 214 HOH A O   1 
HETATM 1281 O  O   . HOH B 2 .   ? -20.329 -0.481  -0.131  1.00 37.47 ? 215 HOH A O   1 
HETATM 1282 O  O   . HOH B 2 .   ? -0.799  13.262  6.441   1.00 40.48 ? 216 HOH A O   1 
HETATM 1283 O  O   . HOH B 2 .   ? -4.918  -0.545  -20.106 1.00 40.58 ? 217 HOH A O   1 
HETATM 1284 O  O   . HOH B 2 .   ? -10.869 8.807   -18.117 1.00 45.74 ? 218 HOH A O   1 
HETATM 1285 O  O   . HOH B 2 .   ? -2.892  8.141   -0.425  1.00 33.58 ? 219 HOH A O   1 
HETATM 1286 O  O   . HOH B 2 .   ? 2.039   1.005   -14.861 1.00 34.03 ? 220 HOH A O   1 
HETATM 1287 O  O   . HOH B 2 .   ? 9.364   -1.126  -1.685  1.00 42.33 ? 221 HOH A O   1 
HETATM 1288 O  O   . HOH B 2 .   ? 9.144   -7.374  3.144   1.00 38.93 ? 222 HOH A O   1 
HETATM 1289 O  O   . HOH B 2 .   ? -14.558 6.229   7.950   1.00 47.42 ? 223 HOH A O   1 
HETATM 1290 O  O   . HOH B 2 .   ? -3.354  3.644   -20.622 1.00 35.76 ? 224 HOH A O   1 
HETATM 1291 O  O   . HOH B 2 .   ? -9.293  -1.882  -17.166 1.00 42.65 ? 225 HOH A O   1 
HETATM 1292 O  O   . HOH B 2 .   ? -1.427  11.204  -1.620  1.00 39.77 ? 226 HOH A O   1 
HETATM 1293 O  O   . HOH B 2 .   ? 13.590  -4.579  9.678   1.00 41.80 ? 227 HOH A O   1 
HETATM 1294 O  O   . HOH B 2 .   ? -20.269 -1.982  -8.879  1.00 50.89 ? 228 HOH A O   1 
HETATM 1295 O  O   . HOH B 2 .   ? -13.624 0.250   -19.821 1.00 36.61 ? 229 HOH A O   1 
HETATM 1296 O  O   . HOH B 2 .   ? 7.895   -8.796  -3.181  1.00 42.56 ? 230 HOH A O   1 
HETATM 1297 O  O   . HOH B 2 .   ? -20.006 2.143   3.716   1.00 45.04 ? 231 HOH A O   1 
HETATM 1298 O  O   . HOH B 2 .   ? -4.403  -2.805  -18.430 1.00 33.13 ? 232 HOH A O   1 
HETATM 1299 O  O   . HOH B 2 .   ? 6.603   -0.750  -2.706  1.00 38.08 ? 233 HOH A O   1 
HETATM 1300 O  O   . HOH B 2 .   ? -0.661  0.758   -14.964 1.00 42.95 ? 234 HOH A O   1 
HETATM 1301 O  O   . HOH B 2 .   ? -6.282  -12.099 13.586  1.00 44.82 ? 236 HOH A O   1 
HETATM 1302 O  O   . HOH B 2 .   ? -18.557 -7.132  4.461   1.00 46.07 ? 237 HOH A O   1 
HETATM 1303 O  O   . HOH B 2 .   ? -8.679  -15.701 8.961   1.00 38.78 ? 238 HOH A O   1 
HETATM 1304 O  O   . HOH B 2 .   ? 10.310  -12.113 8.376   1.00 46.08 ? 239 HOH A O   1 
HETATM 1305 O  O   . HOH B 2 .   ? 4.067   -12.803 4.852   1.00 43.05 ? 240 HOH A O   1 
HETATM 1306 O  O   . HOH B 2 .   ? -4.876  -7.107  14.427  1.00 45.12 ? 241 HOH A O   1 
HETATM 1307 O  O   . HOH B 2 .   ? -13.922 -3.570  -12.145 1.00 41.78 ? 242 HOH A O   1 
HETATM 1308 O  O   . HOH B 2 .   ? 16.536  3.223   18.232  1.00 53.24 ? 243 HOH A O   1 
HETATM 1309 O  O   . HOH B 2 .   ? -6.029  -15.767 -4.160  1.00 40.26 ? 244 HOH A O   1 
HETATM 1310 O  O   . HOH B 2 .   ? 2.201   -9.044  10.901  1.00 41.72 ? 245 HOH A O   1 
HETATM 1311 O  O   . HOH B 2 .   ? 2.809   6.992   0.784   1.00 41.81 ? 246 HOH A O   1 
HETATM 1312 O  O   . HOH B 2 .   ? -9.848  -17.539 12.337  1.00 44.17 ? 247 HOH A O   1 
HETATM 1313 O  O   . HOH B 2 .   ? 4.610   -9.967  8.313   1.00 43.58 ? 248 HOH A O   1 
HETATM 1314 O  O   . HOH B 2 .   ? -17.647 -5.146  -4.495  1.00 43.89 ? 249 HOH A O   1 
HETATM 1315 O  O   . HOH B 2 .   ? -16.296 -2.893  -15.023 1.00 39.25 ? 250 HOH A O   1 
HETATM 1316 O  O   . HOH B 2 .   ? 9.413   -3.311  11.623  1.00 47.47 ? 251 HOH A O   1 
HETATM 1317 O  O   . HOH B 2 .   ? -2.277  6.374   4.663   1.00 36.94 ? 252 HOH A O   1 
HETATM 1318 O  O   . HOH B 2 .   ? 5.448   -3.301  -11.813 1.00 50.56 ? 253 HOH A O   1 
HETATM 1319 O  O   . HOH B 2 .   ? -14.275 5.116   -18.208 1.00 45.19 ? 254 HOH A O   1 
HETATM 1320 O  O   . HOH B 2 .   ? -8.696  -12.912 12.849  1.00 44.80 ? 255 HOH A O   1 
HETATM 1321 O  O   . HOH B 2 .   ? -15.693 -12.642 4.617   1.00 53.15 ? 256 HOH A O   1 
HETATM 1322 O  O   . HOH B 2 .   ? 14.223  -1.919  13.050  1.00 51.08 ? 257 HOH A O   1 
HETATM 1323 O  O   . HOH B 2 .   ? -22.443 -3.156  -14.052 1.00 49.37 ? 258 HOH A O   1 
HETATM 1324 O  O   . HOH B 2 .   ? -0.397  21.776  3.234   1.00 45.66 ? 259 HOH A O   1 
HETATM 1325 O  O   . HOH B 2 .   ? 3.542   -15.323 3.773   1.00 41.47 ? 260 HOH A O   1 
HETATM 1326 O  O   . HOH B 2 .   ? -3.844  2.489   -18.038 1.00 39.77 ? 261 HOH A O   1 
HETATM 1327 O  O   . HOH B 2 .   ? 7.353   -5.506  -7.933  1.00 62.97 ? 262 HOH A O   1 
HETATM 1328 O  O   . HOH B 2 .   ? -9.216  -5.931  -17.712 1.00 46.25 ? 263 HOH A O   1 
HETATM 1329 O  O   . HOH B 2 .   ? 3.839   -4.754  -14.657 1.00 54.60 ? 264 HOH A O   1 
HETATM 1330 O  O   . HOH B 2 .   ? -16.176 -5.074  -13.409 1.00 55.35 ? 265 HOH A O   1 
HETATM 1331 O  O   . HOH B 2 .   ? -6.629  -9.329  14.420  1.00 48.59 ? 266 HOH A O   1 
HETATM 1332 O  O   . HOH B 2 .   ? 30.755  7.009   -1.483  1.00 47.69 ? 269 HOH A O   1 
HETATM 1333 O  O   . HOH B 2 .   ? -3.489  19.129  0.071   1.00 54.95 ? 270 HOH A O   1 
# 
